data_7OEU
#
_entry.id   7OEU
#
_cell.length_a   1.00
_cell.length_b   1.00
_cell.length_c   1.00
_cell.angle_alpha   90.00
_cell.angle_beta   90.00
_cell.angle_gamma   90.00
#
_symmetry.space_group_name_H-M   'P 1'
#
loop_
_entity.id
_entity.type
_entity.pdbx_description
1 polymer 'Linocin_M18 bacteriocin protein'
2 polymer 'Haliangium ochraceum encapsulated ferritin'
#
loop_
_entity_poly.entity_id
_entity_poly.type
_entity_poly.pdbx_seq_one_letter_code
_entity_poly.pdbx_strand_id
1 'polypeptide(L)'
;MDLLKRHLAPIVPDAWSAIDEEAKEIFQGHLAGRKLVDFRGPFGWEYAAVNTGELRPIDDTPEDVDMKLRQVQPLAEVRV
PFTLDVTELDSVARGATNPDLDDVARAAERMVEAEDSAIFHGWAQAGIKGIVDSTPHEALAVASVSDFPRAVLSAADTLR
KAGVTGPYALVLGPKAYDDLFAATQDGYPVAKQVQRLVVDGPLVRANALAGALVMSMRGGDYELTVGQDLSIGYAFHDRS
KVELFVAESFTFRVLEPGAAVHLRYA
;
A,B,C,D,E
2 'polypeptide(L)'
;MSSEQLHEPAELLSEETKNMHRALVTLIEELEAVDWYQQRADACSEPGLHDVLIHNKNEEVEHAMMTLEWIRRRSPVFDA
HMRTYLFTERPILELEEEDTGSSSSVAASPTSAPSHGSLGIGSLRQEGKED
;
1,2,3,4,5
#
# COMPACT_ATOMS: atom_id res chain seq x y z
N MET A 1 -9.74 24.35 -48.66
CA MET A 1 -8.39 23.92 -49.00
C MET A 1 -7.35 24.76 -48.27
N ASP A 2 -6.73 24.17 -47.26
CA ASP A 2 -5.70 24.84 -46.49
C ASP A 2 -4.33 24.60 -47.12
N LEU A 3 -3.28 24.99 -46.41
CA LEU A 3 -1.92 24.82 -46.94
C LEU A 3 -1.50 23.36 -47.05
N LEU A 4 -2.18 22.45 -46.36
CA LEU A 4 -1.79 21.04 -46.43
C LEU A 4 -2.23 20.40 -47.75
N LYS A 5 -3.29 20.92 -48.37
CA LYS A 5 -3.69 20.52 -49.73
C LYS A 5 -3.96 19.01 -49.83
N ARG A 6 -4.57 18.46 -48.78
CA ARG A 6 -4.68 17.00 -48.70
C ARG A 6 -5.69 16.44 -49.70
N HIS A 7 -6.70 17.22 -50.06
CA HIS A 7 -7.69 16.75 -51.01
C HIS A 7 -7.12 16.52 -52.40
N LEU A 8 -5.95 17.07 -52.71
CA LEU A 8 -5.30 16.84 -53.99
C LEU A 8 -4.51 15.54 -54.04
N ALA A 9 -4.28 14.89 -52.91
CA ALA A 9 -3.46 13.68 -52.91
C ALA A 9 -4.27 12.48 -53.41
N PRO A 10 -3.65 11.59 -54.17
CA PRO A 10 -4.32 10.35 -54.59
C PRO A 10 -4.34 9.30 -53.48
N ILE A 11 -4.93 9.68 -52.34
CA ILE A 11 -4.91 8.88 -51.13
C ILE A 11 -6.34 8.72 -50.64
N VAL A 12 -6.75 7.48 -50.38
CA VAL A 12 -8.09 7.22 -49.86
C VAL A 12 -8.14 7.62 -48.39
N PRO A 13 -9.32 7.95 -47.85
CA PRO A 13 -9.37 8.46 -46.45
C PRO A 13 -8.78 7.51 -45.42
N ASP A 14 -8.96 6.21 -45.57
CA ASP A 14 -8.41 5.28 -44.58
C ASP A 14 -6.89 5.25 -44.63
N ALA A 15 -6.30 5.41 -45.82
CA ALA A 15 -4.85 5.54 -45.90
C ALA A 15 -4.37 6.81 -45.21
N TRP A 16 -5.12 7.90 -45.33
CA TRP A 16 -4.80 9.11 -44.58
C TRP A 16 -4.84 8.85 -43.08
N SER A 17 -5.86 8.10 -42.63
CA SER A 17 -5.96 7.77 -41.22
C SER A 17 -4.76 6.95 -40.75
N ALA A 18 -4.34 5.98 -41.56
CA ALA A 18 -3.19 5.16 -41.20
C ALA A 18 -1.91 6.00 -41.12
N ILE A 19 -1.70 6.89 -42.09
CA ILE A 19 -0.53 7.76 -42.08
C ILE A 19 -0.53 8.63 -40.83
N ASP A 20 -1.69 9.22 -40.53
CA ASP A 20 -1.80 10.09 -39.37
C ASP A 20 -1.54 9.33 -38.07
N GLU A 21 -2.06 8.10 -37.97
CA GLU A 21 -1.82 7.30 -36.76
C GLU A 21 -0.36 6.95 -36.60
N GLU A 22 0.32 6.57 -37.67
CA GLU A 22 1.75 6.28 -37.59
C GLU A 22 2.52 7.49 -37.08
N ALA A 23 2.29 8.66 -37.69
CA ALA A 23 3.00 9.85 -37.27
C ALA A 23 2.65 10.21 -35.83
N LYS A 24 1.36 10.09 -35.46
CA LYS A 24 0.92 10.48 -34.14
C LYS A 24 1.56 9.61 -33.06
N GLU A 25 1.62 8.30 -33.27
CA GLU A 25 2.23 7.45 -32.27
C GLU A 25 3.74 7.72 -32.18
N ILE A 26 4.41 7.97 -33.30
CA ILE A 26 5.83 8.33 -33.21
C ILE A 26 6.01 9.60 -32.38
N PHE A 27 5.19 10.62 -32.65
CA PHE A 27 5.35 11.90 -31.97
C PHE A 27 5.05 11.78 -30.47
N GLN A 28 3.97 11.09 -30.12
CA GLN A 28 3.65 10.89 -28.72
C GLN A 28 4.72 10.06 -28.02
N GLY A 29 5.41 9.18 -28.76
CA GLY A 29 6.46 8.39 -28.14
C GLY A 29 7.78 9.12 -27.96
N HIS A 30 8.10 10.07 -28.84
CA HIS A 30 9.47 10.56 -28.92
C HIS A 30 9.66 12.05 -28.65
N LEU A 31 8.60 12.85 -28.54
CA LEU A 31 8.77 14.30 -28.37
C LEU A 31 9.17 14.58 -26.92
N ALA A 32 10.47 14.71 -26.69
CA ALA A 32 10.97 14.87 -25.33
C ALA A 32 10.68 16.27 -24.78
N GLY A 33 10.93 17.31 -25.58
CA GLY A 33 10.81 18.67 -25.08
C GLY A 33 9.38 19.02 -24.69
N ARG A 34 8.40 18.52 -25.45
CA ARG A 34 7.02 18.90 -25.21
C ARG A 34 6.50 18.40 -23.87
N LYS A 35 7.08 17.33 -23.34
CA LYS A 35 6.66 16.78 -22.07
C LYS A 35 7.45 17.34 -20.89
N LEU A 36 8.26 18.38 -21.13
CA LEU A 36 9.00 19.05 -20.06
C LEU A 36 8.63 20.52 -19.94
N VAL A 37 8.71 21.28 -21.03
CA VAL A 37 8.58 22.73 -21.01
C VAL A 37 7.12 23.17 -21.02
N ASP A 38 6.89 24.45 -20.78
CA ASP A 38 5.54 25.02 -20.87
C ASP A 38 5.17 25.21 -22.34
N PHE A 39 3.87 25.14 -22.62
CA PHE A 39 3.37 25.03 -23.99
C PHE A 39 2.38 26.15 -24.28
N ARG A 40 2.65 26.92 -25.33
CA ARG A 40 1.75 27.94 -25.83
C ARG A 40 1.29 27.59 -27.23
N GLY A 41 0.00 27.78 -27.50
CA GLY A 41 -0.55 27.50 -28.80
C GLY A 41 -1.31 26.19 -28.83
N PRO A 42 -1.59 25.68 -30.04
CA PRO A 42 -1.21 26.25 -31.34
C PRO A 42 -2.05 27.45 -31.74
N PHE A 43 -1.47 28.34 -32.55
CA PHE A 43 -2.16 29.56 -32.97
C PHE A 43 -2.45 29.61 -34.47
N GLY A 44 -2.00 28.63 -35.24
CA GLY A 44 -2.32 28.55 -36.64
C GLY A 44 -1.21 29.09 -37.53
N TRP A 45 -1.50 29.11 -38.83
CA TRP A 45 -0.51 29.41 -39.85
C TRP A 45 -0.09 30.88 -39.90
N GLU A 46 -0.89 31.79 -39.36
CA GLU A 46 -0.56 33.20 -39.46
C GLU A 46 0.07 33.78 -38.21
N TYR A 47 0.22 32.99 -37.15
CA TYR A 47 1.03 33.42 -36.02
C TYR A 47 2.49 33.45 -36.42
N ALA A 48 3.10 34.62 -36.38
CA ALA A 48 4.43 34.81 -36.94
C ALA A 48 5.53 34.96 -35.91
N ALA A 49 5.23 35.51 -34.73
CA ALA A 49 6.30 35.79 -33.78
C ALA A 49 5.73 35.93 -32.39
N VAL A 50 6.59 35.72 -31.39
CA VAL A 50 6.23 35.82 -29.99
C VAL A 50 6.62 37.20 -29.48
N ASN A 51 5.64 37.91 -28.92
CA ASN A 51 5.92 39.21 -28.31
C ASN A 51 6.58 39.01 -26.95
N THR A 52 7.78 39.54 -26.79
CA THR A 52 8.50 39.42 -25.52
C THR A 52 8.16 40.51 -24.53
N GLY A 53 7.58 41.61 -24.99
CA GLY A 53 7.27 42.73 -24.12
C GLY A 53 8.44 43.63 -23.81
N GLU A 54 9.61 43.37 -24.38
CA GLU A 54 10.78 44.20 -24.15
C GLU A 54 10.93 45.25 -25.22
N LEU A 55 11.63 46.33 -24.86
CA LEU A 55 11.99 47.40 -25.78
C LEU A 55 13.50 47.50 -25.84
N ARG A 56 14.02 47.86 -27.01
CA ARG A 56 15.44 48.10 -27.16
C ARG A 56 15.66 49.55 -27.60
N PRO A 57 16.55 50.27 -26.94
CA PRO A 57 16.79 51.67 -27.32
C PRO A 57 17.46 51.77 -28.68
N ILE A 58 17.17 52.86 -29.37
CA ILE A 58 17.81 53.19 -30.64
C ILE A 58 18.71 54.40 -30.40
N ASP A 59 19.97 54.28 -30.82
CA ASP A 59 20.97 55.29 -30.46
C ASP A 59 20.76 56.58 -31.24
N ASP A 60 20.81 56.51 -32.58
CA ASP A 60 20.75 57.72 -33.42
C ASP A 60 19.32 58.24 -33.44
N THR A 61 18.97 58.99 -32.41
CA THR A 61 17.68 59.64 -32.30
C THR A 61 17.86 61.10 -31.92
N PRO A 62 16.96 61.98 -32.38
CA PRO A 62 17.05 63.39 -32.01
C PRO A 62 16.84 63.59 -30.50
N GLU A 63 17.24 64.77 -30.03
CA GLU A 63 17.17 65.06 -28.60
C GLU A 63 15.73 65.22 -28.14
N ASP A 64 14.83 65.68 -28.99
CA ASP A 64 13.44 65.88 -28.61
C ASP A 64 12.59 64.64 -28.75
N VAL A 65 13.16 63.52 -29.19
CA VAL A 65 12.41 62.30 -29.45
C VAL A 65 13.10 61.14 -28.74
N ASP A 66 12.32 60.31 -28.05
CA ASP A 66 12.79 59.05 -27.49
C ASP A 66 12.13 57.95 -28.31
N MET A 67 12.94 57.12 -28.94
CA MET A 67 12.43 56.04 -29.79
C MET A 67 13.00 54.71 -29.34
N LYS A 68 12.15 53.69 -29.29
CA LYS A 68 12.56 52.35 -28.95
C LYS A 68 11.88 51.36 -29.88
N LEU A 69 12.56 50.26 -30.15
CA LEU A 69 12.03 49.21 -31.00
C LEU A 69 11.54 48.05 -30.16
N ARG A 70 10.36 47.54 -30.50
CA ARG A 70 9.82 46.40 -29.77
C ARG A 70 10.55 45.13 -30.19
N GLN A 71 10.81 44.27 -29.21
CA GLN A 71 11.56 43.04 -29.42
C GLN A 71 10.60 41.87 -29.54
N VAL A 72 10.85 41.01 -30.53
CA VAL A 72 9.93 39.92 -30.82
C VAL A 72 10.78 38.74 -31.28
N GLN A 73 10.27 37.53 -31.10
CA GLN A 73 10.98 36.32 -31.51
C GLN A 73 10.23 35.61 -32.62
N PRO A 74 10.68 35.69 -33.87
CA PRO A 74 9.95 35.05 -34.97
C PRO A 74 9.99 33.54 -34.88
N LEU A 75 8.90 32.92 -35.33
CA LEU A 75 8.81 31.47 -35.36
C LEU A 75 9.52 30.91 -36.59
N ALA A 76 9.99 29.68 -36.45
CA ALA A 76 10.55 28.93 -37.56
C ALA A 76 9.52 27.92 -38.06
N GLU A 77 9.42 27.78 -39.37
CA GLU A 77 8.59 26.77 -40.00
C GLU A 77 9.47 25.66 -40.54
N VAL A 78 9.17 24.43 -40.13
CA VAL A 78 9.98 23.25 -40.45
C VAL A 78 9.12 22.29 -41.25
N ARG A 79 9.66 21.83 -42.37
CA ARG A 79 9.01 20.83 -43.21
C ARG A 79 9.98 19.69 -43.49
N VAL A 80 9.55 18.47 -43.19
CA VAL A 80 10.32 17.26 -43.45
C VAL A 80 9.60 16.47 -44.53
N PRO A 81 10.12 16.43 -45.76
CA PRO A 81 9.47 15.63 -46.81
C PRO A 81 9.66 14.13 -46.58
N PHE A 82 8.72 13.37 -47.13
CA PHE A 82 8.85 11.91 -47.22
C PHE A 82 7.99 11.44 -48.38
N THR A 83 8.20 10.19 -48.77
CA THR A 83 7.53 9.63 -49.93
C THR A 83 6.89 8.30 -49.56
N LEU A 84 5.76 8.01 -50.20
CA LEU A 84 5.06 6.76 -50.01
C LEU A 84 4.69 6.17 -51.35
N ASP A 85 4.55 4.84 -51.37
CA ASP A 85 4.12 4.14 -52.57
C ASP A 85 2.61 4.19 -52.70
N VAL A 86 2.13 4.55 -53.89
CA VAL A 86 0.69 4.71 -54.09
C VAL A 86 -0.03 3.36 -53.98
N THR A 87 0.60 2.29 -54.48
CA THR A 87 -0.04 0.97 -54.41
C THR A 87 -0.17 0.49 -52.97
N GLU A 88 0.84 0.75 -52.14
CA GLU A 88 0.76 0.39 -50.73
C GLU A 88 -0.39 1.11 -50.05
N LEU A 89 -0.61 2.38 -50.40
CA LEU A 89 -1.74 3.11 -49.83
C LEU A 89 -3.06 2.64 -50.40
N ASP A 90 -3.07 2.19 -51.66
CA ASP A 90 -4.29 1.65 -52.26
C ASP A 90 -4.69 0.35 -51.57
N SER A 91 -3.71 -0.45 -51.16
CA SER A 91 -4.01 -1.73 -50.51
C SER A 91 -4.85 -1.56 -49.25
N VAL A 92 -4.79 -0.39 -48.62
CA VAL A 92 -5.64 -0.13 -47.46
C VAL A 92 -7.11 -0.24 -47.85
N ALA A 93 -7.47 0.21 -49.04
CA ALA A 93 -8.85 0.12 -49.50
C ALA A 93 -9.29 -1.31 -49.74
N ARG A 94 -8.36 -2.24 -49.96
CA ARG A 94 -8.70 -3.65 -50.14
C ARG A 94 -8.68 -4.42 -48.83
N GLY A 95 -8.50 -3.75 -47.70
CA GLY A 95 -8.52 -4.40 -46.41
C GLY A 95 -7.17 -4.70 -45.80
N ALA A 96 -6.08 -4.27 -46.42
CA ALA A 96 -4.76 -4.46 -45.84
C ALA A 96 -4.62 -3.64 -44.57
N THR A 97 -4.04 -4.25 -43.53
CA THR A 97 -3.90 -3.62 -42.23
C THR A 97 -2.49 -3.14 -41.93
N ASN A 98 -1.49 -3.54 -42.71
CA ASN A 98 -0.09 -3.16 -42.47
C ASN A 98 0.56 -2.68 -43.76
N PRO A 99 0.14 -1.53 -44.26
CA PRO A 99 0.85 -0.93 -45.39
C PRO A 99 2.23 -0.44 -44.97
N ASP A 100 3.13 -0.38 -45.93
CA ASP A 100 4.51 0.06 -45.70
C ASP A 100 4.52 1.57 -45.48
N LEU A 101 4.66 1.98 -44.22
CA LEU A 101 4.70 3.39 -43.83
C LEU A 101 6.01 3.73 -43.15
N ASP A 102 7.11 3.13 -43.64
CA ASP A 102 8.41 3.32 -43.00
C ASP A 102 8.87 4.78 -43.10
N ASP A 103 8.69 5.38 -44.27
CA ASP A 103 9.17 6.75 -44.46
C ASP A 103 8.38 7.74 -43.61
N VAL A 104 7.14 7.42 -43.25
CA VAL A 104 6.40 8.25 -42.32
C VAL A 104 7.10 8.30 -40.97
N ALA A 105 7.49 7.13 -40.45
CA ALA A 105 8.20 7.10 -39.18
C ALA A 105 9.54 7.80 -39.29
N ARG A 106 10.24 7.61 -40.41
CA ARG A 106 11.52 8.29 -40.63
C ARG A 106 11.35 9.81 -40.58
N ALA A 107 10.38 10.34 -41.31
CA ALA A 107 10.18 11.79 -41.32
C ALA A 107 9.73 12.30 -39.96
N ALA A 108 8.88 11.53 -39.26
CA ALA A 108 8.43 11.97 -37.96
C ALA A 108 9.57 12.04 -36.95
N GLU A 109 10.47 11.04 -36.97
CA GLU A 109 11.60 11.11 -36.05
C GLU A 109 12.58 12.20 -36.47
N ARG A 110 12.68 12.50 -37.77
CA ARG A 110 13.49 13.64 -38.19
C ARG A 110 12.92 14.96 -37.64
N MET A 111 11.60 15.12 -37.67
CA MET A 111 10.97 16.29 -37.07
C MET A 111 11.18 16.34 -35.56
N VAL A 112 11.07 15.19 -34.90
CA VAL A 112 11.34 15.13 -33.47
C VAL A 112 12.77 15.57 -33.18
N GLU A 113 13.72 15.11 -34.00
CA GLU A 113 15.11 15.52 -33.85
C GLU A 113 15.23 17.03 -33.98
N ALA A 114 14.61 17.61 -35.00
CA ALA A 114 14.72 19.06 -35.18
C ALA A 114 14.19 19.82 -33.97
N GLU A 115 12.99 19.47 -33.53
CA GLU A 115 12.36 20.21 -32.43
C GLU A 115 13.16 20.05 -31.13
N ASP A 116 13.50 18.81 -30.77
CA ASP A 116 14.18 18.57 -29.51
C ASP A 116 15.60 19.11 -29.52
N SER A 117 16.28 19.05 -30.67
CA SER A 117 17.60 19.65 -30.79
C SER A 117 17.53 21.15 -30.60
N ALA A 118 16.51 21.80 -31.14
CA ALA A 118 16.33 23.22 -30.88
C ALA A 118 16.10 23.48 -29.40
N ILE A 119 15.25 22.68 -28.76
CA ILE A 119 14.89 22.95 -27.37
C ILE A 119 16.09 22.75 -26.44
N PHE A 120 16.85 21.66 -26.62
CA PHE A 120 17.90 21.33 -25.66
C PHE A 120 19.22 22.03 -25.97
N HIS A 121 19.66 22.01 -27.23
CA HIS A 121 20.97 22.52 -27.59
C HIS A 121 20.91 23.78 -28.44
N GLY A 122 19.72 24.38 -28.58
CA GLY A 122 19.59 25.62 -29.31
C GLY A 122 19.62 25.43 -30.81
N TRP A 123 19.27 26.50 -31.51
CA TRP A 123 19.30 26.54 -32.97
C TRP A 123 19.58 27.98 -33.37
N ALA A 124 20.86 28.28 -33.59
CA ALA A 124 21.30 29.67 -33.71
C ALA A 124 20.77 30.33 -34.98
N GLN A 125 20.61 29.56 -36.06
CA GLN A 125 20.08 30.14 -37.29
C GLN A 125 18.62 30.54 -37.14
N ALA A 126 17.90 29.92 -36.20
CA ALA A 126 16.52 30.30 -35.91
C ALA A 126 16.42 31.27 -34.74
N GLY A 127 17.54 31.73 -34.20
CA GLY A 127 17.51 32.59 -33.03
C GLY A 127 16.95 31.94 -31.79
N ILE A 128 17.20 30.65 -31.60
CA ILE A 128 16.73 29.91 -30.44
C ILE A 128 17.94 29.52 -29.60
N LYS A 129 17.82 29.68 -28.29
CA LYS A 129 18.82 29.23 -27.34
C LYS A 129 18.26 28.05 -26.56
N GLY A 130 19.04 26.98 -26.47
CA GLY A 130 18.58 25.78 -25.81
C GLY A 130 18.67 25.87 -24.31
N ILE A 131 18.11 24.83 -23.67
CA ILE A 131 18.21 24.73 -22.21
C ILE A 131 19.65 24.52 -21.79
N VAL A 132 20.37 23.63 -22.49
CA VAL A 132 21.72 23.27 -22.07
C VAL A 132 22.69 24.40 -22.30
N ASP A 133 22.63 25.05 -23.47
CA ASP A 133 23.63 26.06 -23.80
C ASP A 133 23.37 27.41 -23.13
N SER A 134 22.27 27.56 -22.41
CA SER A 134 21.96 28.81 -21.72
C SER A 134 22.12 28.74 -20.22
N THR A 135 22.35 27.56 -19.66
CA THR A 135 22.45 27.44 -18.21
C THR A 135 23.78 28.03 -17.72
N PRO A 136 23.76 28.88 -16.69
CA PRO A 136 25.02 29.42 -16.16
C PRO A 136 25.75 28.46 -15.25
N HIS A 137 25.10 27.41 -14.78
CA HIS A 137 25.72 26.47 -13.85
C HIS A 137 26.80 25.66 -14.56
N GLU A 138 27.76 25.18 -13.77
CA GLU A 138 28.80 24.31 -14.29
C GLU A 138 28.24 22.93 -14.58
N ALA A 139 28.71 22.33 -15.67
CA ALA A 139 28.22 21.03 -16.10
C ALA A 139 28.92 19.93 -15.30
N LEU A 140 28.15 19.20 -14.51
CA LEU A 140 28.69 18.07 -13.77
C LEU A 140 29.24 17.03 -14.74
N ALA A 141 30.48 16.61 -14.52
CA ALA A 141 31.10 15.58 -15.34
C ALA A 141 30.88 14.23 -14.66
N VAL A 142 29.94 13.46 -15.18
CA VAL A 142 29.68 12.12 -14.66
C VAL A 142 30.73 11.17 -15.19
N ALA A 143 31.37 10.41 -14.29
CA ALA A 143 32.47 9.54 -14.67
C ALA A 143 32.00 8.14 -15.08
N SER A 144 31.03 7.58 -14.37
CA SER A 144 30.61 6.21 -14.61
C SER A 144 29.13 6.08 -14.31
N VAL A 145 28.57 4.94 -14.73
CA VAL A 145 27.12 4.72 -14.63
C VAL A 145 26.66 4.77 -13.18
N SER A 146 27.55 4.45 -12.24
CA SER A 146 27.20 4.48 -10.83
C SER A 146 27.31 5.86 -10.20
N ASP A 147 27.88 6.84 -10.91
CA ASP A 147 27.97 8.20 -10.39
C ASP A 147 26.67 8.97 -10.54
N PHE A 148 25.74 8.49 -11.36
CA PHE A 148 24.48 9.19 -11.55
C PHE A 148 23.69 9.37 -10.26
N PRO A 149 23.50 8.34 -9.42
CA PRO A 149 22.72 8.58 -8.18
C PRO A 149 23.32 9.64 -7.28
N ARG A 150 24.63 9.85 -7.36
CA ARG A 150 25.24 10.97 -6.65
C ARG A 150 25.04 12.26 -7.42
N ALA A 151 25.45 12.28 -8.70
CA ALA A 151 25.48 13.50 -9.50
C ALA A 151 24.15 14.23 -9.46
N VAL A 152 23.05 13.50 -9.65
CA VAL A 152 21.73 14.13 -9.68
C VAL A 152 21.52 14.95 -8.41
N LEU A 153 21.75 14.33 -7.25
CA LEU A 153 21.61 15.06 -5.99
C LEU A 153 22.42 16.34 -6.02
N SER A 154 23.68 16.24 -6.41
CA SER A 154 24.52 17.42 -6.53
C SER A 154 23.84 18.47 -7.41
N ALA A 155 23.44 18.07 -8.61
CA ALA A 155 22.74 18.99 -9.50
C ALA A 155 21.49 19.54 -8.82
N ALA A 156 20.71 18.65 -8.20
CA ALA A 156 19.51 19.12 -7.52
C ALA A 156 19.86 20.13 -6.47
N ASP A 157 20.93 19.87 -5.70
CA ASP A 157 21.39 20.82 -4.71
C ASP A 157 21.65 22.18 -5.35
N THR A 158 22.40 22.18 -6.46
CA THR A 158 22.68 23.43 -7.15
C THR A 158 21.39 24.15 -7.50
N LEU A 159 20.39 23.41 -7.97
CA LEU A 159 19.13 24.04 -8.36
C LEU A 159 18.46 24.70 -7.16
N ARG A 160 18.48 24.05 -6.01
CA ARG A 160 17.90 24.69 -4.84
C ARG A 160 18.83 25.73 -4.24
N LYS A 161 20.13 25.67 -4.56
CA LYS A 161 21.04 26.73 -4.11
C LYS A 161 20.73 28.04 -4.80
N ALA A 162 20.60 28.01 -6.13
CA ALA A 162 20.35 29.22 -6.90
C ALA A 162 18.94 29.77 -6.70
N GLY A 163 18.06 29.03 -6.04
CA GLY A 163 16.72 29.48 -5.78
C GLY A 163 15.63 28.85 -6.62
N VAL A 164 15.92 27.76 -7.31
CA VAL A 164 14.97 27.13 -8.23
C VAL A 164 14.34 25.96 -7.49
N THR A 165 13.07 26.10 -7.14
CA THR A 165 12.33 25.10 -6.38
C THR A 165 11.61 24.15 -7.34
N GLY A 166 10.68 23.36 -6.80
CA GLY A 166 9.82 22.53 -7.59
C GLY A 166 10.43 21.18 -7.89
N PRO A 167 9.59 20.25 -8.37
CA PRO A 167 10.10 18.93 -8.74
C PRO A 167 11.14 19.05 -9.84
N TYR A 168 12.15 18.18 -9.77
CA TYR A 168 13.26 18.21 -10.72
C TYR A 168 13.20 16.94 -11.58
N ALA A 169 13.03 17.14 -12.88
CA ALA A 169 13.00 16.03 -13.82
C ALA A 169 14.41 15.72 -14.30
N LEU A 170 14.66 14.44 -14.54
CA LEU A 170 15.90 13.96 -15.14
C LEU A 170 15.63 13.62 -16.60
N VAL A 171 16.47 14.14 -17.47
CA VAL A 171 16.39 13.93 -18.91
C VAL A 171 17.65 13.21 -19.33
N LEU A 172 17.50 12.07 -19.98
CA LEU A 172 18.62 11.22 -20.34
C LEU A 172 18.78 11.15 -21.84
N GLY A 173 19.99 11.41 -22.32
CA GLY A 173 20.31 11.19 -23.70
C GLY A 173 20.31 9.70 -24.04
N PRO A 174 20.68 9.39 -25.29
CA PRO A 174 20.62 7.99 -25.73
C PRO A 174 21.54 7.07 -24.94
N LYS A 175 22.84 7.39 -24.87
CA LYS A 175 23.77 6.54 -24.17
C LYS A 175 23.44 6.44 -22.68
N ALA A 176 23.08 7.56 -22.07
CA ALA A 176 22.78 7.56 -20.65
C ALA A 176 21.59 6.67 -20.33
N TYR A 177 20.53 6.78 -21.15
CA TYR A 177 19.38 5.90 -20.96
C TYR A 177 19.76 4.44 -21.15
N ASP A 178 20.54 4.15 -22.21
CA ASP A 178 20.94 2.78 -22.48
C ASP A 178 21.73 2.20 -21.32
N ASP A 179 22.71 2.95 -20.82
CA ASP A 179 23.61 2.42 -19.80
C ASP A 179 22.94 2.35 -18.43
N LEU A 180 22.06 3.30 -18.13
CA LEU A 180 21.42 3.32 -16.81
C LEU A 180 20.15 2.47 -16.76
N PHE A 181 19.65 2.00 -17.90
CA PHE A 181 18.53 1.08 -17.89
C PHE A 181 18.91 -0.34 -18.29
N ALA A 182 20.08 -0.54 -18.89
CA ALA A 182 20.65 -1.86 -19.07
C ALA A 182 21.49 -2.31 -17.90
N ALA A 183 21.27 -1.73 -16.72
CA ALA A 183 22.06 -1.98 -15.53
C ALA A 183 21.20 -2.58 -14.42
N THR A 184 21.79 -3.45 -13.63
CA THR A 184 21.11 -4.07 -12.51
C THR A 184 22.16 -4.48 -11.48
N GLN A 185 21.92 -4.17 -10.21
CA GLN A 185 22.88 -4.41 -9.14
C GLN A 185 22.58 -5.76 -8.51
N ASP A 186 22.97 -6.83 -9.23
CA ASP A 186 22.84 -8.21 -8.74
C ASP A 186 21.41 -8.51 -8.29
N GLY A 187 20.44 -8.02 -9.04
CA GLY A 187 19.04 -8.20 -8.69
C GLY A 187 18.39 -6.93 -8.19
N TYR A 188 19.11 -6.17 -7.38
CA TYR A 188 18.58 -4.92 -6.84
C TYR A 188 18.50 -3.88 -7.95
N PRO A 189 17.36 -3.21 -8.11
CA PRO A 189 17.20 -2.27 -9.23
C PRO A 189 17.90 -0.95 -8.97
N VAL A 190 18.42 -0.37 -10.05
CA VAL A 190 19.08 0.93 -10.01
C VAL A 190 18.17 2.04 -10.53
N ALA A 191 17.50 1.80 -11.66
CA ALA A 191 16.61 2.82 -12.21
C ALA A 191 15.50 3.15 -11.24
N LYS A 192 15.01 2.16 -10.50
CA LYS A 192 14.04 2.43 -9.45
C LYS A 192 14.59 3.44 -8.45
N GLN A 193 15.84 3.27 -8.03
CA GLN A 193 16.48 4.28 -7.18
C GLN A 193 16.51 5.63 -7.87
N VAL A 194 16.78 5.65 -9.18
CA VAL A 194 16.86 6.91 -9.91
C VAL A 194 15.54 7.67 -9.84
N GLN A 195 14.43 6.99 -10.15
CA GLN A 195 13.14 7.68 -10.01
C GLN A 195 12.84 8.00 -8.54
N ARG A 196 13.31 7.18 -7.61
CA ARG A 196 13.08 7.48 -6.19
C ARG A 196 13.77 8.78 -5.78
N LEU A 197 14.92 9.08 -6.40
CA LEU A 197 15.68 10.27 -6.03
C LEU A 197 14.88 11.55 -6.27
N VAL A 198 14.35 11.71 -7.47
CA VAL A 198 13.67 12.94 -7.85
C VAL A 198 12.31 12.98 -7.18
N VAL A 199 12.01 14.11 -6.53
CA VAL A 199 10.78 14.28 -5.74
C VAL A 199 9.63 14.49 -6.72
N ASP A 200 8.85 13.42 -6.94
CA ASP A 200 7.75 13.36 -7.90
C ASP A 200 8.09 14.04 -9.23
N GLY A 201 9.33 13.86 -9.69
CA GLY A 201 9.75 14.38 -10.97
C GLY A 201 9.82 13.29 -12.02
N PRO A 202 9.49 13.63 -13.26
CA PRO A 202 9.53 12.63 -14.33
C PRO A 202 10.96 12.36 -14.79
N LEU A 203 11.14 11.18 -15.37
CA LEU A 203 12.40 10.76 -15.98
C LEU A 203 12.10 10.47 -17.44
N VAL A 204 12.72 11.24 -18.34
CA VAL A 204 12.35 11.21 -19.75
C VAL A 204 13.59 10.95 -20.60
N ARG A 205 13.39 10.26 -21.71
CA ARG A 205 14.43 9.97 -22.68
C ARG A 205 14.37 10.99 -23.80
N ALA A 206 15.50 11.62 -24.09
CA ALA A 206 15.61 12.58 -25.19
C ALA A 206 16.72 12.10 -26.12
N ASN A 207 16.33 11.66 -27.33
CA ASN A 207 17.31 11.18 -28.29
C ASN A 207 18.22 12.29 -28.79
N ALA A 208 17.79 13.54 -28.71
CA ALA A 208 18.59 14.66 -29.21
C ALA A 208 19.47 15.29 -28.13
N LEU A 209 19.33 14.87 -26.87
CA LEU A 209 20.12 15.42 -25.78
C LEU A 209 21.45 14.69 -25.67
N ALA A 210 22.54 15.45 -25.68
CA ALA A 210 23.87 14.89 -25.47
C ALA A 210 24.16 14.90 -23.97
N GLY A 211 24.40 13.72 -23.42
CA GLY A 211 24.66 13.59 -21.99
C GLY A 211 23.36 13.41 -21.21
N ALA A 212 23.18 14.20 -20.16
CA ALA A 212 22.00 14.15 -19.34
C ALA A 212 21.72 15.54 -18.79
N LEU A 213 20.60 15.70 -18.10
CA LEU A 213 20.18 17.02 -17.69
C LEU A 213 19.23 16.89 -16.51
N VAL A 214 19.34 17.82 -15.56
CA VAL A 214 18.41 17.91 -14.44
C VAL A 214 17.78 19.29 -14.49
N MET A 215 16.46 19.35 -14.55
CA MET A 215 15.81 20.63 -14.74
C MET A 215 14.52 20.71 -13.95
N SER A 216 14.19 21.92 -13.51
CA SER A 216 13.00 22.12 -12.71
C SER A 216 11.74 21.96 -13.55
N MET A 217 10.71 21.33 -12.96
CA MET A 217 9.37 21.29 -13.50
C MET A 217 8.46 22.32 -12.85
N ARG A 218 9.04 23.39 -12.30
CA ARG A 218 8.23 24.40 -11.62
C ARG A 218 7.26 25.08 -12.58
N GLY A 219 7.71 25.38 -13.79
CA GLY A 219 6.91 26.15 -14.71
C GLY A 219 7.37 27.59 -14.79
N GLY A 220 7.11 28.21 -15.94
CA GLY A 220 7.52 29.58 -16.16
C GLY A 220 8.98 29.77 -16.51
N ASP A 221 9.73 28.69 -16.68
CA ASP A 221 11.16 28.77 -16.99
C ASP A 221 11.46 28.56 -18.45
N TYR A 222 10.76 27.65 -19.12
CA TYR A 222 11.01 27.31 -20.52
C TYR A 222 9.69 27.30 -21.26
N GLU A 223 9.68 27.92 -22.44
CA GLU A 223 8.42 28.21 -23.13
C GLU A 223 8.53 27.84 -24.60
N LEU A 224 7.78 26.81 -25.00
CA LEU A 224 7.67 26.42 -26.40
C LEU A 224 6.36 26.96 -26.96
N THR A 225 6.45 27.84 -27.96
CA THR A 225 5.28 28.37 -28.62
C THR A 225 5.14 27.71 -29.99
N VAL A 226 3.95 27.20 -30.28
CA VAL A 226 3.66 26.54 -31.53
C VAL A 226 2.61 27.35 -32.27
N GLY A 227 2.92 27.76 -33.49
CA GLY A 227 1.92 28.37 -34.33
C GLY A 227 1.07 27.34 -35.04
N GLN A 228 1.68 26.59 -35.96
CA GLN A 228 1.02 25.48 -36.62
C GLN A 228 1.56 24.19 -36.02
N ASP A 229 0.69 23.41 -35.41
CA ASP A 229 1.12 22.17 -34.78
C ASP A 229 1.44 21.13 -35.85
N LEU A 230 2.07 20.04 -35.41
CA LEU A 230 2.54 18.98 -36.31
C LEU A 230 1.43 18.50 -37.22
N SER A 231 1.67 18.58 -38.53
CA SER A 231 0.65 18.28 -39.52
C SER A 231 1.29 17.49 -40.66
N ILE A 232 0.47 16.72 -41.36
CA ILE A 232 0.87 16.00 -42.55
C ILE A 232 0.21 16.67 -43.76
N GLY A 233 1.03 17.14 -44.69
CA GLY A 233 0.54 17.79 -45.89
C GLY A 233 1.00 17.06 -47.14
N TYR A 234 0.35 17.39 -48.25
CA TYR A 234 0.65 16.82 -49.55
C TYR A 234 1.41 17.81 -50.38
N ALA A 235 2.46 17.34 -51.07
CA ALA A 235 3.26 18.19 -51.94
C ALA A 235 3.08 17.87 -53.42
N PHE A 236 3.24 16.61 -53.80
CA PHE A 236 3.28 16.24 -55.21
C PHE A 236 3.12 14.73 -55.31
N HIS A 237 2.84 14.25 -56.52
CA HIS A 237 2.81 12.81 -56.76
C HIS A 237 3.04 12.53 -58.24
N ASP A 238 3.79 11.47 -58.50
CA ASP A 238 3.92 10.87 -59.81
C ASP A 238 2.98 9.67 -59.91
N ARG A 239 3.16 8.85 -60.94
CA ARG A 239 2.30 7.69 -61.15
C ARG A 239 2.39 6.71 -59.99
N SER A 240 3.58 6.52 -59.43
CA SER A 240 3.81 5.47 -58.44
C SER A 240 4.14 5.97 -57.05
N LYS A 241 4.61 7.20 -56.90
CA LYS A 241 5.02 7.74 -55.61
C LYS A 241 4.24 9.00 -55.29
N VAL A 242 3.94 9.19 -54.01
CA VAL A 242 3.32 10.41 -53.52
C VAL A 242 4.25 11.06 -52.51
N GLU A 243 4.47 12.35 -52.66
CA GLU A 243 5.35 13.11 -51.78
C GLU A 243 4.51 13.86 -50.76
N LEU A 244 4.74 13.57 -49.49
CA LEU A 244 4.08 14.23 -48.37
C LEU A 244 5.14 14.93 -47.53
N PHE A 245 4.69 15.66 -46.52
CA PHE A 245 5.62 16.30 -45.61
C PHE A 245 5.01 16.40 -44.23
N VAL A 246 5.87 16.44 -43.23
CA VAL A 246 5.52 16.84 -41.88
C VAL A 246 5.84 18.33 -41.75
N ALA A 247 4.91 19.08 -41.18
CA ALA A 247 5.09 20.53 -41.07
C ALA A 247 4.79 20.97 -39.64
N GLU A 248 5.51 21.99 -39.22
CA GLU A 248 5.29 22.59 -37.91
C GLU A 248 5.85 24.01 -37.93
N SER A 249 5.30 24.88 -37.10
CA SER A 249 5.88 26.19 -36.87
C SER A 249 5.98 26.41 -35.37
N PHE A 250 7.15 26.85 -34.91
CA PHE A 250 7.38 26.92 -33.47
C PHE A 250 8.56 27.85 -33.20
N THR A 251 8.68 28.21 -31.93
CA THR A 251 9.88 28.83 -31.39
C THR A 251 9.98 28.46 -29.92
N PHE A 252 11.17 28.61 -29.37
CA PHE A 252 11.41 28.24 -27.98
C PHE A 252 12.18 29.35 -27.28
N ARG A 253 11.75 29.67 -26.06
CA ARG A 253 12.33 30.72 -25.25
C ARG A 253 12.78 30.17 -23.90
N VAL A 254 13.96 30.58 -23.47
CA VAL A 254 14.47 30.28 -22.14
C VAL A 254 14.21 31.51 -21.28
N LEU A 255 13.15 31.44 -20.46
CA LEU A 255 12.80 32.57 -19.61
C LEU A 255 13.74 32.70 -18.42
N GLU A 256 14.08 31.59 -17.77
CA GLU A 256 15.00 31.58 -16.63
C GLU A 256 16.16 30.65 -16.93
N PRO A 257 17.34 31.16 -17.28
CA PRO A 257 18.44 30.29 -17.71
C PRO A 257 18.96 29.37 -16.62
N GLY A 258 18.74 29.67 -15.34
CA GLY A 258 19.36 28.93 -14.27
C GLY A 258 18.59 27.74 -13.73
N ALA A 259 17.53 27.32 -14.42
CA ALA A 259 16.66 26.26 -13.90
C ALA A 259 17.09 24.87 -14.34
N ALA A 260 18.30 24.71 -14.87
CA ALA A 260 18.75 23.39 -15.30
C ALA A 260 20.25 23.27 -15.10
N VAL A 261 20.70 22.02 -14.95
CA VAL A 261 22.11 21.67 -14.83
C VAL A 261 22.41 20.53 -15.79
N HIS A 262 23.47 20.69 -16.58
CA HIS A 262 23.88 19.70 -17.55
C HIS A 262 24.84 18.68 -16.93
N LEU A 263 24.63 17.40 -17.24
CA LEU A 263 25.53 16.32 -16.85
C LEU A 263 26.23 15.81 -18.09
N ARG A 264 27.56 15.88 -18.10
CA ARG A 264 28.31 15.61 -19.32
C ARG A 264 28.46 14.09 -19.47
N TYR A 265 29.39 13.67 -20.34
CA TYR A 265 29.48 12.34 -20.92
C TYR A 265 29.14 11.24 -19.93
N ALA A 266 28.13 10.45 -20.26
CA ALA A 266 27.56 9.49 -19.32
C ALA A 266 28.52 8.34 -19.01
N GLY B 117 -6.01 21.72 -38.99
CA GLY B 117 -6.02 20.32 -39.39
C GLY B 117 -4.75 19.58 -39.02
N SER B 118 -4.33 19.74 -37.77
CA SER B 118 -3.11 19.13 -37.29
C SER B 118 -3.38 17.70 -36.80
N LEU B 119 -2.32 17.02 -36.35
CA LEU B 119 -2.46 15.70 -35.75
C LEU B 119 -3.01 15.75 -34.34
N GLY B 120 -3.15 16.93 -33.76
CA GLY B 120 -3.69 17.06 -32.42
C GLY B 120 -2.79 16.54 -31.31
N ILE B 121 -1.49 16.77 -31.41
CA ILE B 121 -0.57 16.35 -30.35
C ILE B 121 -0.70 17.27 -29.14
N GLY B 122 -0.43 18.56 -29.35
CA GLY B 122 -0.53 19.51 -28.26
C GLY B 122 0.50 19.27 -27.18
N SER B 123 0.17 19.68 -25.97
CA SER B 123 1.05 19.47 -24.83
C SER B 123 1.04 18.01 -24.41
N LEU B 124 2.22 17.51 -24.04
CA LEU B 124 2.35 16.20 -23.41
C LEU B 124 2.64 16.32 -21.92
N ARG B 125 2.25 17.44 -21.32
CA ARG B 125 2.49 17.73 -19.90
C ARG B 125 3.97 17.76 -19.57
N GLY C 117 -5.00 44.69 3.96
CA GLY C 117 -4.47 44.51 2.62
C GLY C 117 -3.12 43.81 2.59
N SER C 118 -3.02 42.71 3.31
CA SER C 118 -1.78 41.96 3.40
C SER C 118 -1.66 40.97 2.24
N LEU C 119 -0.54 40.24 2.21
CA LEU C 119 -0.35 39.19 1.22
C LEU C 119 -1.15 37.93 1.53
N GLY C 120 -1.79 37.87 2.69
CA GLY C 120 -2.58 36.71 3.06
C GLY C 120 -1.79 35.45 3.32
N ILE C 121 -0.65 35.55 3.98
CA ILE C 121 0.14 34.36 4.32
C ILE C 121 -0.52 33.62 5.48
N GLY C 122 -0.65 34.28 6.62
CA GLY C 122 -1.27 33.66 7.78
C GLY C 122 -0.43 32.51 8.32
N SER C 123 -1.12 31.57 8.96
CA SER C 123 -0.45 30.40 9.50
C SER C 123 -0.06 29.44 8.38
N LEU C 124 1.13 28.85 8.51
CA LEU C 124 1.55 27.76 7.65
C LEU C 124 1.50 26.42 8.37
N ARG C 125 0.65 26.32 9.39
CA ARG C 125 0.50 25.11 10.22
C ARG C 125 1.80 24.73 10.91
N GLY D 117 -20.63 13.70 37.81
CA GLY D 117 -19.85 14.85 37.40
C GLY D 117 -18.36 14.55 37.28
N SER D 118 -18.04 13.48 36.58
CA SER D 118 -16.65 13.06 36.42
C SER D 118 -16.03 13.75 35.21
N LEU D 119 -14.74 13.46 34.98
CA LEU D 119 -14.06 13.97 33.80
C LEU D 119 -14.44 13.24 32.53
N GLY D 120 -15.21 12.16 32.63
CA GLY D 120 -15.64 11.42 31.46
C GLY D 120 -14.54 10.67 30.74
N ILE D 121 -13.62 10.05 31.48
CA ILE D 121 -12.57 9.26 30.84
C ILE D 121 -13.13 7.93 30.35
N GLY D 122 -13.67 7.13 31.27
CA GLY D 122 -14.24 5.85 30.89
C GLY D 122 -13.19 4.88 30.39
N SER D 123 -13.63 3.95 29.54
CA SER D 123 -12.71 3.00 28.95
C SER D 123 -11.86 3.66 27.89
N LEU D 124 -10.58 3.26 27.84
CA LEU D 124 -9.68 3.63 26.76
C LEU D 124 -9.43 2.46 25.82
N ARG D 125 -10.36 1.50 25.77
CA ARG D 125 -10.25 0.29 24.96
C ARG D 125 -9.03 -0.54 25.34
N GLY E 117 -31.46 -28.63 15.89
CA GLY E 117 -31.05 -27.87 17.07
C GLY E 117 -29.56 -28.00 17.36
N SER E 118 -28.74 -27.79 16.35
CA SER E 118 -27.29 -27.92 16.48
C SER E 118 -26.69 -26.59 16.96
N LEU E 119 -25.37 -26.59 17.14
CA LEU E 119 -24.65 -25.37 17.49
C LEU E 119 -24.48 -24.44 16.31
N GLY E 120 -24.83 -24.86 15.11
CA GLY E 120 -24.72 -24.03 13.93
C GLY E 120 -23.30 -23.73 13.50
N ILE E 121 -22.41 -24.72 13.55
CA ILE E 121 -21.04 -24.51 13.09
C ILE E 121 -21.00 -24.51 11.57
N GLY E 122 -21.41 -25.61 10.95
CA GLY E 122 -21.43 -25.69 9.51
C GLY E 122 -20.02 -25.67 8.92
N SER E 123 -19.92 -25.20 7.68
CA SER E 123 -18.63 -25.09 7.03
C SER E 123 -17.83 -23.93 7.61
N LEU E 124 -16.53 -24.15 7.76
CA LEU E 124 -15.59 -23.09 8.10
C LEU E 124 -14.75 -22.67 6.90
N ARG E 125 -15.26 -22.91 5.69
CA ARG E 125 -14.57 -22.61 4.43
C ARG E 125 -13.26 -23.37 4.31
N GLY F 117 -22.28 -23.50 -31.57
CA GLY F 117 -22.34 -24.36 -30.40
C GLY F 117 -20.97 -24.77 -29.89
N SER F 118 -20.08 -23.79 -29.74
CA SER F 118 -18.74 -24.05 -29.28
C SER F 118 -18.67 -24.06 -27.75
N LEU F 119 -17.47 -24.30 -27.22
CA LEU F 119 -17.25 -24.24 -25.78
C LEU F 119 -17.17 -22.81 -25.26
N GLY F 120 -17.16 -21.82 -26.14
CA GLY F 120 -17.11 -20.42 -25.73
C GLY F 120 -15.80 -20.01 -25.09
N ILE F 121 -14.67 -20.46 -25.63
CA ILE F 121 -13.38 -20.03 -25.10
C ILE F 121 -13.07 -18.61 -25.56
N GLY F 122 -13.00 -18.39 -26.87
CA GLY F 122 -12.72 -17.07 -27.40
C GLY F 122 -11.31 -16.61 -27.06
N SER F 123 -11.16 -15.30 -26.99
CA SER F 123 -9.87 -14.72 -26.63
C SER F 123 -9.59 -14.90 -25.14
N LEU F 124 -8.34 -15.19 -24.83
CA LEU F 124 -7.86 -15.19 -23.45
C LEU F 124 -7.00 -13.96 -23.15
N ARG F 125 -7.18 -12.89 -23.92
CA ARG F 125 -6.41 -11.65 -23.81
C ARG F 125 -4.93 -11.88 -24.05
N MET G 1 -7.65 54.68 1.30
CA MET G 1 -6.20 54.75 1.36
C MET G 1 -5.68 54.33 2.72
N ASP G 2 -5.10 53.14 2.79
CA ASP G 2 -4.55 52.62 4.03
C ASP G 2 -3.09 53.04 4.16
N LEU G 3 -2.38 52.47 5.13
CA LEU G 3 -0.98 52.82 5.36
C LEU G 3 -0.06 52.36 4.23
N LEU G 4 -0.50 51.41 3.40
CA LEU G 4 0.36 50.94 2.31
C LEU G 4 0.43 51.94 1.17
N LYS G 5 -0.60 52.77 1.00
CA LYS G 5 -0.57 53.90 0.06
C LYS G 5 -0.27 53.45 -1.37
N ARG G 6 -0.83 52.30 -1.77
CA ARG G 6 -0.44 51.69 -3.02
C ARG G 6 -0.98 52.46 -4.22
N HIS G 7 -2.10 53.15 -4.07
CA HIS G 7 -2.68 53.90 -5.19
C HIS G 7 -1.80 55.07 -5.60
N LEU G 8 -0.85 55.50 -4.77
CA LEU G 8 0.07 56.57 -5.13
C LEU G 8 1.26 56.08 -5.93
N ALA G 9 1.48 54.78 -6.04
CA ALA G 9 2.65 54.29 -6.76
C ALA G 9 2.43 54.35 -8.27
N PRO G 10 3.45 54.68 -9.03
CA PRO G 10 3.35 54.65 -10.50
C PRO G 10 3.47 53.23 -11.06
N ILE G 11 2.59 52.36 -10.60
CA ILE G 11 2.65 50.93 -10.89
C ILE G 11 1.29 50.49 -11.43
N VAL G 12 1.30 49.81 -12.57
CA VAL G 12 0.06 49.30 -13.16
C VAL G 12 -0.41 48.09 -12.36
N PRO G 13 -1.71 47.78 -12.37
CA PRO G 13 -2.20 46.69 -11.51
C PRO G 13 -1.54 45.34 -11.75
N ASP G 14 -1.22 44.99 -12.99
CA ASP G 14 -0.58 43.71 -13.25
C ASP G 14 0.83 43.65 -12.70
N ALA G 15 1.54 44.78 -12.70
CA ALA G 15 2.85 44.82 -12.06
C ALA G 15 2.72 44.64 -10.55
N TRP G 16 1.67 45.20 -9.94
CA TRP G 16 1.40 44.94 -8.53
C TRP G 16 1.15 43.45 -8.30
N SER G 17 0.39 42.81 -9.18
CA SER G 17 0.15 41.39 -9.06
C SER G 17 1.44 40.59 -9.14
N ALA G 18 2.32 40.94 -10.07
CA ALA G 18 3.60 40.24 -10.20
C ALA G 18 4.45 40.41 -8.95
N ILE G 19 4.52 41.63 -8.41
CA ILE G 19 5.30 41.88 -7.20
C ILE G 19 4.75 41.05 -6.04
N ASP G 20 3.42 41.05 -5.89
CA ASP G 20 2.79 40.30 -4.82
C ASP G 20 3.04 38.81 -4.95
N GLU G 21 2.97 38.28 -6.18
CA GLU G 21 3.23 36.86 -6.39
C GLU G 21 4.67 36.49 -6.05
N GLU G 22 5.63 37.32 -6.46
CA GLU G 22 7.03 37.05 -6.12
C GLU G 22 7.21 36.98 -4.61
N ALA G 23 6.72 38.00 -3.90
CA ALA G 23 6.86 38.01 -2.45
C ALA G 23 6.14 36.83 -1.81
N LYS G 24 4.94 36.52 -2.31
CA LYS G 24 4.13 35.46 -1.73
C LYS G 24 4.80 34.10 -1.86
N GLU G 25 5.36 33.81 -3.05
CA GLU G 25 6.03 32.54 -3.21
C GLU G 25 7.29 32.46 -2.35
N ILE G 26 8.04 33.55 -2.23
CA ILE G 26 9.19 33.53 -1.33
C ILE G 26 8.76 33.23 0.10
N PHE G 27 7.71 33.90 0.57
CA PHE G 27 7.28 33.73 1.95
C PHE G 27 6.75 32.33 2.20
N GLN G 28 5.93 31.80 1.30
CA GLN G 28 5.44 30.44 1.46
C GLN G 28 6.57 29.43 1.38
N GLY G 29 7.65 29.74 0.67
CA GLY G 29 8.77 28.83 0.61
C GLY G 29 9.69 28.86 1.81
N HIS G 30 9.82 30.01 2.47
CA HIS G 30 10.92 30.18 3.41
C HIS G 30 10.53 30.49 4.85
N LEU G 31 9.26 30.74 5.15
CA LEU G 31 8.88 31.10 6.52
C LEU G 31 8.85 29.86 7.39
N ALA G 32 9.96 29.61 8.09
CA ALA G 32 10.09 28.39 8.87
C ALA G 32 9.24 28.42 10.13
N GLY G 33 9.27 29.53 10.86
CA GLY G 33 8.59 29.59 12.14
C GLY G 33 7.07 29.44 12.02
N ARG G 34 6.50 30.00 10.95
CA ARG G 34 5.05 30.00 10.80
C ARG G 34 4.49 28.59 10.60
N LYS G 35 5.30 27.67 10.09
CA LYS G 35 4.85 26.31 9.86
C LYS G 35 5.15 25.39 11.03
N LEU G 36 5.57 25.95 12.17
CA LEU G 36 5.81 25.18 13.38
C LEU G 36 4.94 25.63 14.54
N VAL G 37 4.95 26.91 14.87
CA VAL G 37 4.33 27.44 16.08
C VAL G 37 2.85 27.70 15.88
N ASP G 38 2.14 27.96 16.97
CA ASP G 38 0.73 28.34 16.89
C ASP G 38 0.60 29.79 16.43
N PHE G 39 -0.51 30.10 15.77
CA PHE G 39 -0.66 31.35 15.03
C PHE G 39 -1.91 32.08 15.50
N ARG G 40 -1.72 33.33 15.94
CA ARG G 40 -2.81 34.23 16.31
C ARG G 40 -2.84 35.42 15.36
N GLY G 41 -4.03 35.81 14.93
CA GLY G 41 -4.20 36.94 14.06
C GLY G 41 -4.42 36.52 12.62
N PRO G 42 -4.26 37.47 11.67
CA PRO G 42 -3.87 38.85 11.90
C PRO G 42 -4.98 39.73 12.48
N PHE G 43 -4.59 40.77 13.21
CA PHE G 43 -5.56 41.66 13.84
C PHE G 43 -5.55 43.08 13.29
N GLY G 44 -4.66 43.40 12.38
CA GLY G 44 -4.65 44.70 11.73
C GLY G 44 -3.64 45.66 12.34
N TRP G 45 -3.67 46.89 11.82
CA TRP G 45 -2.66 47.89 12.15
C TRP G 45 -2.78 48.46 13.56
N GLU G 46 -3.93 48.34 14.21
CA GLU G 46 -4.10 48.95 15.51
C GLU G 46 -3.97 47.96 16.67
N TYR G 47 -3.77 46.68 16.39
CA TYR G 47 -3.40 45.74 17.44
C TYR G 47 -1.98 46.06 17.91
N ALA G 48 -1.84 46.42 19.18
CA ALA G 48 -0.58 46.93 19.68
C ALA G 48 0.18 45.97 20.58
N ALA G 49 -0.52 45.10 21.32
CA ALA G 49 0.18 44.27 22.28
C ALA G 49 -0.67 43.06 22.63
N VAL G 50 0.01 42.02 23.12
CA VAL G 50 -0.63 40.77 23.50
C VAL G 50 -0.86 40.79 25.01
N ASN G 51 -2.11 40.60 25.42
CA ASN G 51 -2.42 40.50 26.85
C ASN G 51 -2.01 39.12 27.36
N THR G 52 -1.13 39.10 28.35
CA THR G 52 -0.67 37.85 28.94
C THR G 52 -1.57 37.36 30.06
N GLY G 53 -2.40 38.23 30.64
CA GLY G 53 -3.23 37.85 31.76
C GLY G 53 -2.53 37.84 33.09
N GLU G 54 -1.26 38.20 33.16
CA GLU G 54 -0.52 38.23 34.40
C GLU G 54 -0.54 39.62 35.02
N LEU G 55 -0.35 39.65 36.34
CA LEU G 55 -0.20 40.88 37.09
C LEU G 55 1.16 40.88 37.77
N ARG G 56 1.73 42.07 37.91
CA ARG G 56 2.98 42.22 38.62
C ARG G 56 2.76 43.16 39.81
N PRO G 57 3.19 42.77 41.00
CA PRO G 57 3.00 43.63 42.18
C PRO G 57 3.85 44.89 42.09
N ILE G 58 3.34 45.95 42.69
CA ILE G 58 4.05 47.22 42.82
C ILE G 58 4.41 47.39 44.29
N ASP G 59 5.69 47.67 44.55
CA ASP G 59 6.19 47.66 45.92
C ASP G 59 5.70 48.88 46.70
N ASP G 60 6.02 50.09 46.22
CA ASP G 60 5.72 51.31 46.98
C ASP G 60 4.23 51.61 46.84
N THR G 61 3.45 50.96 47.70
CA THR G 61 2.01 51.17 47.78
C THR G 61 1.60 51.35 49.23
N PRO G 62 0.56 52.15 49.48
CA PRO G 62 0.08 52.32 50.85
C PRO G 62 -0.49 51.02 51.42
N GLU G 63 -0.61 51.00 52.73
CA GLU G 63 -1.06 49.79 53.43
C GLU G 63 -2.52 49.48 53.14
N ASP G 64 -3.34 50.52 52.91
CA ASP G 64 -4.76 50.31 52.67
C ASP G 64 -5.09 50.02 51.20
N VAL G 65 -4.09 49.98 50.32
CA VAL G 65 -4.30 49.80 48.89
C VAL G 65 -3.40 48.68 48.40
N ASP G 66 -3.96 47.78 47.61
CA ASP G 66 -3.20 46.76 46.89
C ASP G 66 -3.26 47.14 45.41
N MET G 67 -2.10 47.38 44.81
CA MET G 67 -2.03 47.78 43.41
C MET G 67 -1.13 46.84 42.64
N LYS G 68 -1.57 46.46 41.45
CA LYS G 68 -0.79 45.62 40.56
C LYS G 68 -0.89 46.15 39.14
N LEU G 69 0.17 45.95 38.37
CA LEU G 69 0.21 46.39 36.99
C LEU G 69 0.00 45.20 36.06
N ARG G 70 -0.84 45.38 35.05
CA ARG G 70 -1.07 44.32 34.10
C ARG G 70 0.12 44.19 33.15
N GLN G 71 0.47 42.94 32.83
CA GLN G 71 1.63 42.65 32.00
C GLN G 71 1.18 42.37 30.58
N VAL G 72 1.89 42.95 29.62
CA VAL G 72 1.50 42.87 28.23
C VAL G 72 2.77 42.80 27.40
N GLN G 73 2.68 42.21 26.22
CA GLN G 73 3.84 42.11 25.32
C GLN G 73 3.61 42.91 24.05
N PRO G 74 4.24 44.08 23.91
CA PRO G 74 4.01 44.90 22.71
C PRO G 74 4.56 44.25 21.45
N LEU G 75 3.86 44.49 20.34
CA LEU G 75 4.29 43.99 19.05
C LEU G 75 5.38 44.87 18.46
N ALA G 76 6.21 44.27 17.62
CA ALA G 76 7.20 44.98 16.84
C ALA G 76 6.71 45.13 15.41
N GLU G 77 6.91 46.29 14.83
CA GLU G 77 6.62 46.54 13.42
C GLU G 77 7.93 46.58 12.65
N VAL G 78 8.01 45.76 11.60
CA VAL G 78 9.22 45.57 10.80
C VAL G 78 8.92 45.99 9.38
N ARG G 79 9.79 46.84 8.83
CA ARG G 79 9.70 47.28 7.44
C ARG G 79 11.04 47.05 6.77
N VAL G 80 11.02 46.36 5.64
CA VAL G 80 12.19 46.10 4.82
C VAL G 80 12.02 46.84 3.50
N PRO G 81 12.74 47.93 3.28
CA PRO G 81 12.65 48.64 2.00
C PRO G 81 13.29 47.87 0.86
N PHE G 82 12.81 48.15 -0.35
CA PHE G 82 13.44 47.67 -1.57
C PHE G 82 13.05 48.63 -2.70
N THR G 83 13.75 48.51 -3.82
CA THR G 83 13.56 49.40 -4.94
C THR G 83 13.37 48.61 -6.22
N LEU G 84 12.55 49.15 -7.12
CA LEU G 84 12.30 48.55 -8.41
C LEU G 84 12.44 49.60 -9.50
N ASP G 85 12.77 49.13 -10.70
CA ASP G 85 12.86 50.00 -11.87
C ASP G 85 11.48 50.22 -12.46
N VAL G 86 11.15 51.48 -12.72
CA VAL G 86 9.82 51.81 -13.22
C VAL G 86 9.61 51.24 -14.63
N THR G 87 10.65 51.27 -15.46
CA THR G 87 10.51 50.75 -16.82
C THR G 87 10.28 49.25 -16.82
N GLU G 88 10.95 48.52 -15.93
CA GLU G 88 10.72 47.09 -15.82
C GLU G 88 9.29 46.78 -15.43
N LEU G 89 8.70 47.59 -14.54
CA LEU G 89 7.31 47.40 -14.17
C LEU G 89 6.37 47.82 -15.29
N ASP G 90 6.77 48.82 -16.08
CA ASP G 90 5.96 49.24 -17.22
C ASP G 90 5.91 48.15 -18.28
N SER G 91 7.01 47.40 -18.45
CA SER G 91 7.05 46.35 -19.46
C SER G 91 5.98 45.29 -19.23
N VAL G 92 5.50 45.14 -18.00
CA VAL G 92 4.40 44.21 -17.74
C VAL G 92 3.17 44.60 -18.54
N ALA G 93 2.91 45.90 -18.68
CA ALA G 93 1.77 46.37 -19.45
C ALA G 93 1.91 46.07 -20.94
N ARG G 94 3.13 45.89 -21.43
CA ARG G 94 3.34 45.54 -22.83
C ARG G 94 3.37 44.04 -23.07
N GLY G 95 3.09 43.24 -22.06
CA GLY G 95 3.05 41.81 -22.21
C GLY G 95 4.27 41.05 -21.74
N ALA G 96 5.24 41.73 -21.13
CA ALA G 96 6.40 41.04 -20.59
C ALA G 96 5.99 40.15 -19.42
N THR G 97 6.55 38.95 -19.38
CA THR G 97 6.20 37.97 -18.36
C THR G 97 7.27 37.79 -17.29
N ASN G 98 8.47 38.31 -17.50
CA ASN G 98 9.58 38.15 -16.55
C ASN G 98 10.25 39.48 -16.29
N PRO G 99 9.57 40.41 -15.62
CA PRO G 99 10.23 41.64 -15.19
C PRO G 99 11.25 41.35 -14.09
N ASP G 100 12.24 42.22 -13.99
CA ASP G 100 13.29 42.09 -13.00
C ASP G 100 12.74 42.45 -11.62
N LEU G 101 12.48 41.43 -10.80
CA LEU G 101 11.95 41.59 -9.45
C LEU G 101 12.91 41.01 -8.42
N ASP G 102 14.22 41.18 -8.66
CA ASP G 102 15.22 40.59 -7.77
C ASP G 102 15.15 41.20 -6.38
N ASP G 103 15.00 42.53 -6.30
CA ASP G 103 15.00 43.18 -5.01
C ASP G 103 13.77 42.81 -4.18
N VAL G 104 12.67 42.42 -4.85
CA VAL G 104 11.51 41.91 -4.12
C VAL G 104 11.89 40.64 -3.36
N ALA G 105 12.54 39.70 -4.04
CA ALA G 105 12.97 38.47 -3.38
C ALA G 105 13.98 38.76 -2.28
N ARG G 106 14.89 39.69 -2.53
CA ARG G 106 15.87 40.08 -1.51
C ARG G 106 15.18 40.60 -0.25
N ALA G 107 14.25 41.54 -0.41
CA ALA G 107 13.55 42.10 0.74
C ALA G 107 12.71 41.05 1.44
N ALA G 108 12.07 40.16 0.68
CA ALA G 108 11.23 39.14 1.30
C ALA G 108 12.07 38.17 2.13
N GLU G 109 13.23 37.77 1.62
CA GLU G 109 14.08 36.89 2.42
C GLU G 109 14.68 37.62 3.62
N ARG G 110 14.91 38.93 3.49
CA ARG G 110 15.33 39.70 4.66
C ARG G 110 14.26 39.71 5.75
N MET G 111 13.00 39.87 5.34
CA MET G 111 11.89 39.79 6.30
C MET G 111 11.77 38.41 6.91
N VAL G 112 11.95 37.36 6.10
CA VAL G 112 11.94 36.00 6.61
C VAL G 112 13.03 35.83 7.65
N GLU G 113 14.22 36.36 7.36
CA GLU G 113 15.33 36.29 8.32
C GLU G 113 14.95 36.97 9.62
N ALA G 114 14.37 38.17 9.55
CA ALA G 114 14.00 38.87 10.77
C ALA G 114 13.01 38.06 11.60
N GLU G 115 11.93 37.59 10.98
CA GLU G 115 10.90 36.88 11.72
C GLU G 115 11.43 35.57 12.31
N ASP G 116 12.11 34.76 11.50
CA ASP G 116 12.57 33.46 11.97
C ASP G 116 13.69 33.60 12.99
N SER G 117 14.55 34.60 12.83
CA SER G 117 15.58 34.86 13.83
C SER G 117 14.96 35.24 15.16
N ALA G 118 13.89 36.05 15.14
CA ALA G 118 13.19 36.35 16.38
C ALA G 118 12.59 35.08 16.99
N ILE G 119 11.97 34.23 16.17
CA ILE G 119 11.28 33.07 16.71
C ILE G 119 12.27 32.07 17.31
N PHE G 120 13.38 31.78 16.61
CA PHE G 120 14.27 30.72 17.06
C PHE G 120 15.30 31.20 18.08
N HIS G 121 15.95 32.33 17.82
CA HIS G 121 17.05 32.79 18.67
C HIS G 121 16.71 34.04 19.45
N GLY G 122 15.45 34.47 19.46
CA GLY G 122 15.03 35.61 20.23
C GLY G 122 15.43 36.93 19.60
N TRP G 123 14.86 37.99 20.16
CA TRP G 123 15.16 39.36 19.72
C TRP G 123 14.99 40.25 20.95
N ALA G 124 16.11 40.49 21.64
CA ALA G 124 16.04 41.10 22.97
C ALA G 124 15.58 42.55 22.92
N GLN G 125 15.90 43.27 21.84
CA GLN G 125 15.46 44.65 21.73
C GLN G 125 13.96 44.75 21.55
N ALA G 126 13.32 43.70 21.03
CA ALA G 126 11.88 43.63 20.91
C ALA G 126 11.21 42.92 22.08
N GLY G 127 11.98 42.53 23.09
CA GLY G 127 11.42 41.77 24.20
C GLY G 127 10.90 40.41 23.82
N ILE G 128 11.54 39.74 22.87
CA ILE G 128 11.14 38.41 22.43
C ILE G 128 12.22 37.42 22.84
N LYS G 129 11.80 36.27 23.36
CA LYS G 129 12.69 35.16 23.67
C LYS G 129 12.43 34.04 22.69
N GLY G 130 13.51 33.51 22.12
CA GLY G 130 13.38 32.49 21.10
C GLY G 130 13.14 31.11 21.69
N ILE G 131 12.85 30.17 20.80
CA ILE G 131 12.70 28.78 21.22
C ILE G 131 14.01 28.23 21.74
N VAL G 132 15.11 28.50 21.03
CA VAL G 132 16.40 27.91 21.39
C VAL G 132 16.94 28.49 22.68
N ASP G 133 16.88 29.81 22.83
CA ASP G 133 17.51 30.44 24.00
C ASP G 133 16.68 30.35 25.26
N SER G 134 15.47 29.80 25.19
CA SER G 134 14.63 29.64 26.36
C SER G 134 14.50 28.21 26.85
N THR G 135 15.02 27.24 26.11
CA THR G 135 14.87 25.84 26.51
C THR G 135 15.78 25.55 27.70
N PRO G 136 15.27 24.92 28.76
CA PRO G 136 16.12 24.55 29.90
C PRO G 136 16.96 23.32 29.65
N HIS G 137 16.63 22.51 28.64
CA HIS G 137 17.36 21.28 28.38
C HIS G 137 18.76 21.56 27.87
N GLU G 138 19.65 20.60 28.10
CA GLU G 138 21.01 20.71 27.60
C GLU G 138 21.04 20.49 26.10
N ALA G 139 21.89 21.24 25.41
CA ALA G 139 21.97 21.19 23.96
C ALA G 139 22.84 20.00 23.55
N LEU G 140 22.24 19.03 22.87
CA LEU G 140 22.99 17.90 22.35
C LEU G 140 24.04 18.37 21.36
N ALA G 141 25.28 17.95 21.56
CA ALA G 141 26.37 18.29 20.65
C ALA G 141 26.51 17.18 19.63
N VAL G 142 26.01 17.42 18.42
CA VAL G 142 26.14 16.44 17.34
C VAL G 142 27.54 16.52 16.76
N ALA G 143 28.21 15.38 16.66
CA ALA G 143 29.60 15.35 16.22
C ALA G 143 29.73 15.23 14.70
N SER G 144 28.90 14.41 14.06
CA SER G 144 29.04 14.16 12.64
C SER G 144 27.67 13.91 12.04
N VAL G 145 27.63 13.91 10.70
CA VAL G 145 26.37 13.81 9.97
C VAL G 145 25.64 12.51 10.29
N SER G 146 26.38 11.47 10.69
CA SER G 146 25.77 10.19 11.02
C SER G 146 25.28 10.12 12.46
N ASP G 147 25.59 11.11 13.29
CA ASP G 147 25.11 11.12 14.66
C ASP G 147 23.68 11.62 14.77
N PHE G 148 23.15 12.26 13.72
CA PHE G 148 21.78 12.77 13.76
C PHE G 148 20.75 11.67 14.03
N PRO G 149 20.76 10.52 13.34
CA PRO G 149 19.74 9.50 13.63
C PRO G 149 19.75 9.04 15.07
N ARG G 150 20.88 9.11 15.75
CA ARG G 150 20.91 8.85 17.18
C ARG G 150 20.43 10.06 17.97
N ALA G 151 21.05 11.22 17.73
CA ALA G 151 20.81 12.42 18.54
C ALA G 151 19.32 12.72 18.64
N VAL G 152 18.61 12.70 17.52
CA VAL G 152 17.18 13.02 17.53
C VAL G 152 16.45 12.17 18.56
N LEU G 153 16.66 10.84 18.50
CA LEU G 153 16.02 9.96 19.47
C LEU G 153 16.33 10.41 20.89
N SER G 154 17.60 10.68 21.18
CA SER G 154 17.97 11.19 22.49
C SER G 154 17.16 12.42 22.83
N ALA G 155 17.16 13.41 21.94
CA ALA G 155 16.38 14.61 22.17
C ALA G 155 14.92 14.26 22.37
N ALA G 156 14.38 13.39 21.50
CA ALA G 156 12.99 13.01 21.63
C ALA G 156 12.75 12.39 22.99
N ASP G 157 13.67 11.52 23.43
CA ASP G 157 13.57 10.93 24.76
C ASP G 157 13.46 12.02 25.81
N THR G 158 14.37 13.00 25.76
CA THR G 158 14.32 14.10 26.72
C THR G 158 12.94 14.75 26.72
N LEU G 159 12.38 14.97 25.53
CA LEU G 159 11.09 15.63 25.45
C LEU G 159 10.01 14.81 26.14
N ARG G 160 10.03 13.50 25.96
CA ARG G 160 9.05 12.69 26.66
C ARG G 160 9.42 12.46 28.12
N LYS G 161 10.69 12.67 28.48
CA LYS G 161 11.07 12.60 29.89
C LYS G 161 10.47 13.75 30.68
N ALA G 162 10.61 14.97 30.16
CA ALA G 162 10.11 16.15 30.86
C ALA G 162 8.60 16.25 30.84
N GLY G 163 7.92 15.40 30.07
CA GLY G 163 6.48 15.41 30.02
C GLY G 163 5.86 16.02 28.77
N VAL G 164 6.65 16.23 27.72
CA VAL G 164 6.17 16.89 26.51
C VAL G 164 5.85 15.81 25.49
N THR G 165 4.57 15.61 25.23
CA THR G 165 4.10 14.58 24.31
C THR G 165 3.95 15.15 22.90
N GLY G 166 3.28 14.40 22.03
CA GLY G 166 2.93 14.88 20.72
C GLY G 166 4.01 14.62 19.70
N PRO G 167 3.67 14.76 18.42
CA PRO G 167 4.67 14.58 17.37
C PRO G 167 5.79 15.59 17.52
N TYR G 168 7.00 15.15 17.20
CA TYR G 168 8.19 15.97 17.35
C TYR G 168 8.75 16.30 15.97
N ALA G 169 8.78 17.58 15.65
CA ALA G 169 9.32 18.06 14.39
C ALA G 169 10.82 18.30 14.51
N LEU G 170 11.53 18.02 13.43
CA LEU G 170 12.95 18.34 13.33
C LEU G 170 13.12 19.58 12.45
N VAL G 171 13.87 20.54 12.95
CA VAL G 171 14.14 21.79 12.27
C VAL G 171 15.64 21.85 12.02
N LEU G 172 16.03 22.03 10.76
CA LEU G 172 17.42 21.98 10.37
C LEU G 172 17.88 23.34 9.88
N GLY G 173 19.00 23.81 10.43
CA GLY G 173 19.64 25.00 9.91
C GLY G 173 20.21 24.76 8.53
N PRO G 174 20.91 25.76 8.00
CA PRO G 174 21.42 25.65 6.64
C PRO G 174 22.43 24.53 6.46
N LYS G 175 23.49 24.53 7.27
CA LYS G 175 24.52 23.50 7.13
C LYS G 175 23.97 22.12 7.40
N ALA G 176 23.12 21.98 8.42
CA ALA G 176 22.57 20.68 8.76
C ALA G 176 21.72 20.13 7.62
N TYR G 177 20.87 20.97 7.03
CA TYR G 177 20.09 20.53 5.88
C TYR G 177 20.99 20.15 4.72
N ASP G 178 22.00 20.98 4.44
CA ASP G 178 22.90 20.70 3.33
C ASP G 178 23.60 19.36 3.52
N ASP G 179 24.14 19.12 4.71
CA ASP G 179 24.95 17.92 4.94
C ASP G 179 24.10 16.68 5.06
N LEU G 180 22.89 16.78 5.62
CA LEU G 180 22.05 15.61 5.81
C LEU G 180 21.18 15.32 4.60
N PHE G 181 21.09 16.23 3.63
CA PHE G 181 20.39 15.93 2.39
C PHE G 181 21.31 15.76 1.20
N ALA G 182 22.57 16.17 1.30
CA ALA G 182 23.59 15.83 0.32
C ALA G 182 24.29 14.52 0.65
N ALA G 183 23.65 13.66 1.43
CA ALA G 183 24.24 12.42 1.92
C ALA G 183 23.44 11.23 1.42
N THR G 184 24.14 10.13 1.17
CA THR G 184 23.50 8.88 0.72
C THR G 184 24.42 7.73 1.12
N GLN G 185 23.83 6.68 1.70
CA GLN G 185 24.59 5.55 2.22
C GLN G 185 24.66 4.48 1.13
N ASP G 186 25.53 4.72 0.15
CA ASP G 186 25.80 3.77 -0.94
C ASP G 186 24.51 3.31 -1.61
N GLY G 187 23.58 4.24 -1.81
CA GLY G 187 22.30 3.93 -2.41
C GLY G 187 21.16 3.97 -1.42
N TYR G 188 21.41 3.47 -0.21
CA TYR G 188 20.39 3.47 0.82
C TYR G 188 20.15 4.88 1.33
N PRO G 189 18.91 5.35 1.39
CA PRO G 189 18.66 6.74 1.78
C PRO G 189 18.79 6.96 3.28
N VAL G 190 19.27 8.15 3.63
CA VAL G 190 19.42 8.55 5.02
C VAL G 190 18.30 9.50 5.45
N ALA G 191 17.99 10.49 4.63
CA ALA G 191 16.92 11.43 4.97
C ALA G 191 15.59 10.72 5.13
N LYS G 192 15.36 9.69 4.32
CA LYS G 192 14.17 8.87 4.51
C LYS G 192 14.11 8.29 5.91
N GLN G 193 15.25 7.77 6.40
CA GLN G 193 15.31 7.32 7.78
C GLN G 193 15.00 8.47 8.74
N VAL G 194 15.50 9.67 8.44
CA VAL G 194 15.28 10.80 9.33
C VAL G 194 13.79 11.10 9.48
N GLN G 195 13.07 11.20 8.35
CA GLN G 195 11.62 11.39 8.48
C GLN G 195 10.94 10.18 9.11
N ARG G 196 11.47 8.97 8.89
CA ARG G 196 10.88 7.79 9.52
C ARG G 196 10.99 7.86 11.04
N LEU G 197 12.06 8.49 11.56
CA LEU G 197 12.27 8.54 13.00
C LEU G 197 11.15 9.28 13.71
N VAL G 198 10.83 10.48 13.25
CA VAL G 198 9.85 11.33 13.92
C VAL G 198 8.45 10.80 13.64
N VAL G 199 7.66 10.63 14.69
CA VAL G 199 6.33 10.03 14.60
C VAL G 199 5.39 11.08 14.02
N ASP G 200 5.08 10.93 12.72
CA ASP G 200 4.28 11.86 11.92
C ASP G 200 4.62 13.32 12.21
N GLY G 201 5.91 13.60 12.40
CA GLY G 201 6.36 14.97 12.59
C GLY G 201 7.00 15.53 11.34
N PRO G 202 6.83 16.82 11.11
CA PRO G 202 7.43 17.44 9.92
C PRO G 202 8.92 17.69 10.09
N LEU G 203 9.60 17.77 8.97
CA LEU G 203 11.02 18.12 8.92
C LEU G 203 11.14 19.38 8.08
N VAL G 204 11.61 20.47 8.69
CA VAL G 204 11.56 21.78 8.06
C VAL G 204 12.95 22.39 8.05
N ARG G 205 13.22 23.18 7.02
CA ARG G 205 14.47 23.92 6.88
C ARG G 205 14.27 25.35 7.37
N ALA G 206 15.15 25.79 8.26
CA ALA G 206 15.13 27.15 8.78
C ALA G 206 16.49 27.77 8.50
N ASN G 207 16.51 28.75 7.58
CA ASN G 207 17.77 29.40 7.24
C ASN G 207 18.33 30.23 8.39
N ALA G 208 17.48 30.66 9.33
CA ALA G 208 17.91 31.48 10.45
C ALA G 208 18.29 30.66 11.68
N LEU G 209 18.07 29.36 11.67
CA LEU G 209 18.39 28.52 12.82
C LEU G 209 19.84 28.06 12.75
N ALA G 210 20.58 28.30 13.82
CA ALA G 210 21.95 27.81 13.94
C ALA G 210 21.92 26.42 14.54
N GLY G 211 22.44 25.44 13.80
CA GLY G 211 22.45 24.06 14.25
C GLY G 211 21.18 23.35 13.83
N ALA G 212 20.54 22.67 14.78
CA ALA G 212 19.29 21.96 14.53
C ALA G 212 18.46 21.99 15.80
N LEU G 213 17.24 21.47 15.71
CA LEU G 213 16.30 21.61 16.82
C LEU G 213 15.25 20.51 16.72
N VAL G 214 14.85 19.97 17.86
CA VAL G 214 13.75 19.02 17.94
C VAL G 214 12.70 19.62 18.86
N MET G 215 11.48 19.78 18.36
CA MET G 215 10.47 20.46 19.16
C MET G 215 9.11 19.82 18.96
N SER G 216 8.30 19.89 20.01
CA SER G 216 6.98 19.28 19.97
C SER G 216 6.04 20.08 19.08
N MET G 217 5.21 19.35 18.32
CA MET G 217 4.10 19.92 17.57
C MET G 217 2.77 19.74 18.31
N ARG G 218 2.82 19.60 19.63
CA ARG G 218 1.60 19.39 20.41
C ARG G 218 0.66 20.58 20.30
N GLY G 219 1.21 21.79 20.35
CA GLY G 219 0.39 22.98 20.38
C GLY G 219 0.32 23.56 21.78
N GLY G 220 0.09 24.87 21.84
CA GLY G 220 0.03 25.56 23.11
C GLY G 220 1.37 25.87 23.75
N ASP G 221 2.47 25.60 23.05
CA ASP G 221 3.81 25.82 23.59
C ASP G 221 4.46 27.10 23.06
N TYR G 222 4.24 27.42 21.78
CA TYR G 222 4.87 28.56 21.13
C TYR G 222 3.82 29.33 20.37
N GLU G 223 3.80 30.64 20.50
CA GLU G 223 2.69 31.46 20.04
C GLU G 223 3.20 32.67 19.28
N LEU G 224 2.96 32.71 17.98
CA LEU G 224 3.26 33.87 17.15
C LEU G 224 1.98 34.65 16.93
N THR G 225 1.95 35.90 17.39
CA THR G 225 0.82 36.78 17.17
C THR G 225 1.18 37.81 16.11
N VAL G 226 0.33 37.95 15.11
CA VAL G 226 0.54 38.88 14.01
C VAL G 226 -0.56 39.93 14.05
N GLY G 227 -0.18 41.19 14.15
CA GLY G 227 -1.15 42.26 13.99
C GLY G 227 -1.43 42.57 12.54
N GLN G 228 -0.44 43.11 11.85
CA GLN G 228 -0.52 43.35 10.41
C GLN G 228 0.31 42.27 9.71
N ASP G 229 -0.34 41.46 8.89
CA ASP G 229 0.36 40.40 8.20
C ASP G 229 1.23 40.99 7.08
N LEU G 230 2.10 40.14 6.55
CA LEU G 230 3.07 40.55 5.54
C LEU G 230 2.40 41.28 4.38
N SER G 231 2.84 42.50 4.13
CA SER G 231 2.22 43.38 3.14
C SER G 231 3.30 44.10 2.35
N ILE G 232 2.93 44.51 1.14
CA ILE G 232 3.80 45.32 0.29
C ILE G 232 3.19 46.72 0.22
N GLY G 233 3.96 47.71 0.65
CA GLY G 233 3.52 49.09 0.63
C GLY G 233 4.44 49.95 -0.23
N TYR G 234 3.94 51.13 -0.56
CA TYR G 234 4.66 52.11 -1.36
C TYR G 234 5.19 53.22 -0.46
N ALA G 235 6.44 53.62 -0.67
CA ALA G 235 7.05 54.69 0.09
C ALA G 235 7.27 55.95 -0.74
N PHE G 236 7.95 55.84 -1.88
CA PHE G 236 8.38 56.99 -2.64
C PHE G 236 8.79 56.53 -4.03
N HIS G 237 8.94 57.50 -4.94
CA HIS G 237 9.45 57.18 -6.27
C HIS G 237 10.05 58.43 -6.90
N ASP G 238 11.16 58.25 -7.60
CA ASP G 238 11.75 59.23 -8.49
C ASP G 238 11.32 58.92 -9.93
N ARG G 239 11.97 59.56 -10.89
CA ARG G 239 11.62 59.36 -12.29
C ARG G 239 11.82 57.92 -12.73
N SER G 240 12.88 57.27 -12.24
CA SER G 240 13.25 55.95 -12.73
C SER G 240 13.11 54.82 -11.72
N LYS G 241 13.08 55.12 -10.43
CA LYS G 241 13.03 54.11 -9.38
C LYS G 241 11.80 54.32 -8.51
N VAL G 242 11.21 53.22 -8.06
CA VAL G 242 10.12 53.26 -7.08
C VAL G 242 10.56 52.51 -5.83
N GLU G 243 10.34 53.12 -4.68
CA GLU G 243 10.70 52.53 -3.40
C GLU G 243 9.47 51.91 -2.75
N LEU G 244 9.54 50.62 -2.51
CA LEU G 244 8.49 49.86 -1.85
C LEU G 244 9.05 49.29 -0.55
N PHE G 245 8.19 48.65 0.23
CA PHE G 245 8.65 48.00 1.44
C PHE G 245 7.78 46.79 1.72
N VAL G 246 8.37 45.84 2.42
CA VAL G 246 7.64 44.75 3.07
C VAL G 246 7.39 45.17 4.52
N ALA G 247 6.17 44.98 4.99
CA ALA G 247 5.80 45.39 6.33
C ALA G 247 5.09 44.26 7.04
N GLU G 248 5.31 44.20 8.35
CA GLU G 248 4.65 43.23 9.20
C GLU G 248 4.68 43.74 10.63
N SER G 249 3.71 43.33 11.43
CA SER G 249 3.74 43.58 12.87
C SER G 249 3.46 42.26 13.58
N PHE G 250 4.29 41.93 14.56
CA PHE G 250 4.20 40.62 15.18
C PHE G 250 4.90 40.64 16.53
N THR G 251 4.63 39.60 17.31
CA THR G 251 5.41 39.27 18.49
C THR G 251 5.35 37.77 18.68
N PHE G 252 6.28 37.24 19.46
CA PHE G 252 6.37 35.80 19.69
C PHE G 252 6.55 35.52 21.17
N ARG G 253 5.80 34.53 21.66
CA ARG G 253 5.82 34.15 23.06
C ARG G 253 6.15 32.67 23.20
N VAL G 254 7.00 32.36 24.16
CA VAL G 254 7.33 30.99 24.53
C VAL G 254 6.48 30.65 25.76
N LEU G 255 5.38 29.94 25.56
CA LEU G 255 4.50 29.59 26.66
C LEU G 255 5.09 28.48 27.53
N GLU G 256 5.66 27.45 26.91
CA GLU G 256 6.28 26.34 27.64
C GLU G 256 7.73 26.20 27.20
N PRO G 257 8.70 26.65 28.00
CA PRO G 257 10.10 26.67 27.55
C PRO G 257 10.69 25.28 27.31
N GLY G 258 10.13 24.23 27.89
CA GLY G 258 10.74 22.92 27.84
C GLY G 258 10.34 22.03 26.70
N ALA G 259 9.65 22.56 25.68
CA ALA G 259 9.13 21.73 24.60
C ALA G 259 10.09 21.59 23.43
N ALA G 260 11.35 21.96 23.60
CA ALA G 260 12.32 21.84 22.51
C ALA G 260 13.70 21.53 23.06
N VAL G 261 14.51 20.90 22.21
CA VAL G 261 15.90 20.58 22.51
C VAL G 261 16.77 21.03 21.34
N HIS G 262 17.83 21.76 21.64
CA HIS G 262 18.76 22.27 20.63
C HIS G 262 19.86 21.26 20.34
N LEU G 263 20.17 21.08 19.05
CA LEU G 263 21.29 20.26 18.60
C LEU G 263 22.36 21.20 18.04
N ARG G 264 23.54 21.16 18.62
CA ARG G 264 24.57 22.14 18.29
C ARG G 264 25.27 21.71 17.00
N TYR G 265 26.43 22.31 16.72
CA TYR G 265 27.10 22.35 15.42
C TYR G 265 26.98 21.03 14.67
N ALA G 266 26.39 21.09 13.48
CA ALA G 266 26.02 19.90 12.74
C ALA G 266 27.24 19.12 12.23
N MET H 1 -25.93 19.87 44.42
CA MET H 1 -24.64 19.75 45.07
C MET H 1 -24.29 18.29 45.36
N ASP H 2 -23.37 17.74 44.58
CA ASP H 2 -22.93 16.38 44.76
C ASP H 2 -21.75 16.32 45.74
N LEU H 3 -21.12 15.16 45.84
CA LEU H 3 -20.00 14.99 46.76
C LEU H 3 -18.76 15.79 46.35
N LEU H 4 -18.67 16.24 45.10
CA LEU H 4 -17.51 17.00 44.67
C LEU H 4 -17.55 18.45 45.18
N LYS H 5 -18.74 18.98 45.45
CA LYS H 5 -18.91 20.28 46.12
C LYS H 5 -18.19 21.40 45.38
N ARG H 6 -18.24 21.37 44.05
CA ARG H 6 -17.41 22.27 43.26
C ARG H 6 -17.92 23.71 43.32
N HIS H 7 -19.23 23.90 43.52
CA HIS H 7 -19.78 25.25 43.58
C HIS H 7 -19.28 26.02 44.80
N LEU H 8 -18.74 25.34 45.80
CA LEU H 8 -18.18 26.02 46.97
C LEU H 8 -16.76 26.52 46.76
N ALA H 9 -16.09 26.10 45.69
CA ALA H 9 -14.71 26.51 45.49
C ALA H 9 -14.63 27.94 44.97
N PRO H 10 -13.64 28.71 45.40
CA PRO H 10 -13.42 30.06 44.85
C PRO H 10 -12.71 30.02 43.49
N ILE H 11 -13.32 29.32 42.54
CA ILE H 11 -12.72 29.04 41.25
C ILE H 11 -13.70 29.47 40.17
N VAL H 12 -13.24 30.26 39.20
CA VAL H 12 -14.08 30.69 38.09
C VAL H 12 -14.27 29.52 37.13
N PRO H 13 -15.35 29.50 36.35
CA PRO H 13 -15.60 28.32 35.49
C PRO H 13 -14.48 27.98 34.52
N ASP H 14 -13.82 28.99 33.95
CA ASP H 14 -12.75 28.70 33.01
C ASP H 14 -11.54 28.07 33.70
N ALA H 15 -11.27 28.47 34.94
CA ALA H 15 -10.22 27.80 35.70
C ALA H 15 -10.59 26.34 35.98
N TRP H 16 -11.86 26.07 36.24
CA TRP H 16 -12.30 24.68 36.37
C TRP H 16 -12.08 23.91 35.08
N SER H 17 -12.37 24.54 33.95
CA SER H 17 -12.14 23.90 32.66
C SER H 17 -10.66 23.58 32.45
N ALA H 18 -9.79 24.53 32.80
CA ALA H 18 -8.35 24.31 32.66
C ALA H 18 -7.88 23.16 33.54
N ILE H 19 -8.33 23.12 34.79
CA ILE H 19 -7.96 22.05 35.71
C ILE H 19 -8.41 20.70 35.16
N ASP H 20 -9.66 20.64 34.69
CA ASP H 20 -10.20 19.41 34.15
C ASP H 20 -9.43 18.96 32.92
N GLU H 21 -9.07 19.90 32.04
CA GLU H 21 -8.31 19.52 30.84
C GLU H 21 -6.92 18.98 31.20
N GLU H 22 -6.24 19.61 32.15
CA GLU H 22 -4.95 19.11 32.58
C GLU H 22 -5.05 17.68 33.09
N ALA H 23 -5.99 17.44 34.00
CA ALA H 23 -6.17 16.10 34.54
C ALA H 23 -6.56 15.11 33.44
N LYS H 24 -7.45 15.52 32.55
CA LYS H 24 -7.95 14.63 31.51
C LYS H 24 -6.84 14.21 30.56
N GLU H 25 -5.99 15.15 30.14
CA GLU H 25 -4.90 14.77 29.26
C GLU H 25 -3.90 13.87 29.96
N ILE H 26 -3.60 14.13 31.24
CA ILE H 26 -2.71 13.21 31.97
C ILE H 26 -3.30 11.81 32.00
N PHE H 27 -4.60 11.70 32.32
CA PHE H 27 -5.21 10.38 32.46
C PHE H 27 -5.27 9.65 31.13
N GLN H 28 -5.67 10.34 30.06
CA GLN H 28 -5.68 9.70 28.74
C GLN H 28 -4.28 9.32 28.29
N GLY H 29 -3.25 10.03 28.76
CA GLY H 29 -1.90 9.67 28.39
C GLY H 29 -1.31 8.51 29.17
N HIS H 30 -1.71 8.34 30.43
CA HIS H 30 -0.95 7.46 31.31
C HIS H 30 -1.71 6.27 31.89
N LEU H 31 -3.02 6.16 31.71
CA LEU H 31 -3.78 5.07 32.32
C LEU H 31 -3.55 3.80 31.52
N ALA H 32 -2.59 2.98 31.97
CA ALA H 32 -2.21 1.79 31.22
C ALA H 32 -3.26 0.70 31.33
N GLY H 33 -3.76 0.44 32.54
CA GLY H 33 -4.67 -0.68 32.74
C GLY H 33 -5.98 -0.53 31.98
N ARG H 34 -6.49 0.70 31.88
CA ARG H 34 -7.78 0.93 31.26
C ARG H 34 -7.78 0.62 29.78
N LYS H 35 -6.62 0.70 29.13
CA LYS H 35 -6.51 0.42 27.71
C LYS H 35 -6.17 -1.03 27.42
N LEU H 36 -6.20 -1.89 28.44
CA LEU H 36 -5.96 -3.31 28.25
C LEU H 36 -7.15 -4.16 28.69
N VAL H 37 -7.64 -3.98 29.91
CA VAL H 37 -8.64 -4.86 30.51
C VAL H 37 -10.05 -4.48 30.08
N ASP H 38 -11.02 -5.34 30.39
CA ASP H 38 -12.42 -5.04 30.13
C ASP H 38 -12.93 -4.05 31.18
N PHE H 39 -13.93 -3.26 30.80
CA PHE H 39 -14.35 -2.09 31.57
C PHE H 39 -15.84 -2.18 31.88
N ARG H 40 -16.18 -2.11 33.16
CA ARG H 40 -17.55 -2.05 33.63
C ARG H 40 -17.80 -0.72 34.34
N GLY H 41 -18.94 -0.10 34.06
CA GLY H 41 -19.30 1.15 34.68
C GLY H 41 -19.07 2.33 33.76
N PRO H 42 -19.06 3.55 34.32
CA PRO H 42 -19.21 3.85 35.76
C PRO H 42 -20.64 3.72 36.26
N PHE H 43 -20.79 3.41 37.55
CA PHE H 43 -22.12 3.22 38.14
C PHE H 43 -22.48 4.27 39.18
N GLY H 44 -21.59 5.18 39.51
CA GLY H 44 -21.89 6.26 40.42
C GLY H 44 -21.41 5.99 41.84
N TRP H 45 -21.75 6.94 42.72
CA TRP H 45 -21.23 6.97 44.08
C TRP H 45 -21.82 5.88 44.98
N GLU H 46 -22.97 5.32 44.64
CA GLU H 46 -23.60 4.35 45.52
C GLU H 46 -23.38 2.90 45.10
N TYR H 47 -22.69 2.66 43.99
CA TYR H 47 -22.25 1.31 43.67
C TYR H 47 -21.16 0.90 44.64
N ALA H 48 -21.41 -0.14 45.43
CA ALA H 48 -20.52 -0.48 46.52
C ALA H 48 -19.69 -1.73 46.29
N ALA H 49 -20.18 -2.69 45.51
CA ALA H 49 -19.45 -3.94 45.39
C ALA H 49 -19.89 -4.68 44.13
N VAL H 50 -19.01 -5.55 43.64
CA VAL H 50 -19.25 -6.35 42.45
C VAL H 50 -19.77 -7.72 42.87
N ASN H 51 -20.93 -8.09 42.35
CA ASN H 51 -21.48 -9.42 42.60
C ASN H 51 -20.74 -10.45 41.75
N THR H 52 -20.12 -11.43 42.41
CA THR H 52 -19.40 -12.46 41.69
C THR H 52 -20.28 -13.64 41.29
N GLY H 53 -21.45 -13.78 41.90
CA GLY H 53 -22.31 -14.91 41.62
C GLY H 53 -21.94 -16.20 42.31
N GLU H 54 -20.91 -16.19 43.15
CA GLU H 54 -20.49 -17.38 43.86
C GLU H 54 -21.10 -17.42 45.26
N LEU H 55 -21.20 -18.64 45.79
CA LEU H 55 -21.65 -18.88 47.15
C LEU H 55 -20.54 -19.59 47.91
N ARG H 56 -20.44 -19.30 49.20
CA ARG H 56 -19.50 -19.99 50.06
C ARG H 56 -20.26 -20.71 51.16
N PRO H 57 -19.97 -21.99 51.39
CA PRO H 57 -20.67 -22.73 52.44
C PRO H 57 -20.31 -22.22 53.82
N ILE H 58 -21.26 -22.34 54.72
CA ILE H 58 -21.07 -22.03 56.13
C ILE H 58 -21.09 -23.34 56.91
N ASP H 59 -20.06 -23.56 57.73
CA ASP H 59 -19.88 -24.86 58.37
C ASP H 59 -20.91 -25.09 59.48
N ASP H 60 -20.93 -24.21 60.49
CA ASP H 60 -21.77 -24.41 61.66
C ASP H 60 -23.21 -24.09 61.31
N THR H 61 -23.89 -25.07 60.71
CA THR H 61 -25.29 -24.98 60.36
C THR H 61 -26.02 -26.23 60.83
N PRO H 62 -27.30 -26.09 61.18
CA PRO H 62 -28.09 -27.26 61.59
C PRO H 62 -28.27 -28.23 60.44
N GLU H 63 -28.65 -29.46 60.80
CA GLU H 63 -28.79 -30.53 59.81
C GLU H 63 -29.97 -30.28 58.88
N ASP H 64 -31.03 -29.62 59.37
CA ASP H 64 -32.21 -29.39 58.56
C ASP H 64 -32.11 -28.13 57.72
N VAL H 65 -31.00 -27.40 57.78
CA VAL H 65 -30.85 -26.13 57.07
C VAL H 65 -29.53 -26.15 56.30
N ASP H 66 -29.59 -25.73 55.04
CA ASP H 66 -28.40 -25.50 54.23
C ASP H 66 -28.28 -24.00 54.05
N MET H 67 -27.18 -23.41 54.51
CA MET H 67 -26.96 -21.97 54.44
C MET H 67 -25.65 -21.68 53.73
N LYS H 68 -25.69 -20.69 52.84
CA LYS H 68 -24.51 -20.24 52.13
C LYS H 68 -24.50 -18.73 52.09
N LEU H 69 -23.30 -18.16 52.08
CA LEU H 69 -23.12 -16.71 52.02
C LEU H 69 -22.72 -16.31 50.61
N ARG H 70 -23.35 -15.24 50.11
CA ARG H 70 -23.00 -14.75 48.80
C ARG H 70 -21.68 -14.01 48.84
N GLN H 71 -20.87 -14.20 47.80
CA GLN H 71 -19.54 -13.62 47.72
C GLN H 71 -19.56 -12.39 46.85
N VAL H 72 -18.92 -11.33 47.32
CA VAL H 72 -18.97 -10.05 46.63
C VAL H 72 -17.60 -9.39 46.81
N GLN H 73 -17.25 -8.51 45.88
CA GLN H 73 -15.97 -7.80 45.95
C GLN H 73 -16.20 -6.31 46.14
N PRO H 74 -15.99 -5.78 47.34
CA PRO H 74 -16.23 -4.35 47.57
C PRO H 74 -15.25 -3.45 46.81
N LEU H 75 -15.75 -2.30 46.38
CA LEU H 75 -14.93 -1.33 45.70
C LEU H 75 -14.10 -0.52 46.69
N ALA H 76 -12.97 -0.02 46.22
CA ALA H 76 -12.15 0.91 46.97
C ALA H 76 -12.36 2.32 46.43
N GLU H 77 -12.44 3.28 47.33
CA GLU H 77 -12.51 4.69 46.97
C GLU H 77 -11.16 5.34 47.26
N VAL H 78 -10.60 5.99 46.25
CA VAL H 78 -9.26 6.57 46.29
C VAL H 78 -9.39 8.07 46.08
N ARG H 79 -8.77 8.85 46.96
CA ARG H 79 -8.72 10.29 46.86
C ARG H 79 -7.27 10.75 46.96
N VAL H 80 -6.83 11.52 45.99
CA VAL H 80 -5.49 12.11 45.96
C VAL H 80 -5.65 13.63 46.11
N PRO H 81 -5.31 14.19 47.26
CA PRO H 81 -5.38 15.65 47.41
C PRO H 81 -4.30 16.37 46.61
N PHE H 82 -4.58 17.62 46.27
CA PHE H 82 -3.59 18.54 45.72
C PHE H 82 -4.05 19.96 46.02
N THR H 83 -3.14 20.90 45.82
CA THR H 83 -3.40 22.29 46.15
C THR H 83 -3.04 23.17 44.98
N LEU H 84 -3.79 24.26 44.84
CA LEU H 84 -3.55 25.24 43.79
C LEU H 84 -3.57 26.64 44.39
N ASP H 85 -2.86 27.55 43.73
CA ASP H 85 -2.83 28.94 44.13
C ASP H 85 -4.05 29.67 43.59
N VAL H 86 -4.74 30.41 44.46
CA VAL H 86 -5.97 31.07 44.05
C VAL H 86 -5.68 32.17 43.03
N THR H 87 -4.57 32.89 43.18
CA THR H 87 -4.24 33.97 42.24
C THR H 87 -3.93 33.41 40.86
N GLU H 88 -3.26 32.26 40.78
CA GLU H 88 -3.00 31.63 39.49
C GLU H 88 -4.29 31.26 38.80
N LEU H 89 -5.28 30.77 39.56
CA LEU H 89 -6.57 30.45 38.96
C LEU H 89 -7.35 31.70 38.60
N ASP H 90 -7.18 32.78 39.36
CA ASP H 90 -7.82 34.05 39.03
C ASP H 90 -7.29 34.61 37.72
N SER H 91 -5.99 34.42 37.46
CA SER H 91 -5.38 34.94 36.24
C SER H 91 -6.05 34.41 34.98
N VAL H 92 -6.69 33.24 35.06
CA VAL H 92 -7.43 32.72 33.92
C VAL H 92 -8.54 33.68 33.51
N ALA H 93 -9.19 34.31 34.49
CA ALA H 93 -10.23 35.28 34.19
C ALA H 93 -9.71 36.53 33.51
N ARG H 94 -8.42 36.85 33.66
CA ARG H 94 -7.82 37.99 32.99
C ARG H 94 -7.23 37.64 31.63
N GLY H 95 -7.43 36.42 31.16
CA GLY H 95 -6.95 36.01 29.86
C GLY H 95 -5.66 35.21 29.84
N ALA H 96 -5.13 34.86 31.01
CA ALA H 96 -3.94 34.02 31.05
C ALA H 96 -4.25 32.63 30.51
N THR H 97 -3.34 32.10 29.70
CA THR H 97 -3.53 30.80 29.05
C THR H 97 -2.70 29.69 29.67
N ASN H 98 -1.73 30.00 30.52
CA ASN H 98 -0.86 28.99 31.12
C ASN H 98 -0.75 29.21 32.63
N PRO H 99 -1.82 29.00 33.36
CA PRO H 99 -1.72 29.02 34.83
C PRO H 99 -0.92 27.83 35.34
N ASP H 100 -0.32 28.01 36.51
CA ASP H 100 0.50 26.97 37.13
C ASP H 100 -0.42 25.87 37.67
N LEU H 101 -0.48 24.75 36.95
CA LEU H 101 -1.29 23.60 37.33
C LEU H 101 -0.42 22.36 37.54
N ASP H 102 0.76 22.56 38.12
CA ASP H 102 1.71 21.46 38.30
C ASP H 102 1.16 20.41 39.26
N ASP H 103 0.56 20.84 40.36
CA ASP H 103 0.06 19.90 41.34
C ASP H 103 -1.11 19.08 40.81
N VAL H 104 -1.84 19.60 39.82
CA VAL H 104 -2.89 18.82 39.17
C VAL H 104 -2.26 17.61 38.47
N ALA H 105 -1.20 17.84 37.70
CA ALA H 105 -0.53 16.74 37.03
C ALA H 105 0.08 15.78 38.03
N ARG H 106 0.65 16.30 39.11
CA ARG H 106 1.21 15.44 40.16
C ARG H 106 0.15 14.52 40.75
N ALA H 107 -1.00 15.09 41.14
CA ALA H 107 -2.06 14.28 41.72
C ALA H 107 -2.62 13.28 40.71
N ALA H 108 -2.75 13.68 39.45
CA ALA H 108 -3.30 12.79 38.45
C ALA H 108 -2.37 11.60 38.21
N GLU H 109 -1.05 11.83 38.16
CA GLU H 109 -0.14 10.71 38.00
C GLU H 109 -0.09 9.85 39.26
N ARG H 110 -0.29 10.45 40.43
CA ARG H 110 -0.40 9.64 41.63
C ARG H 110 -1.61 8.71 41.58
N MET H 111 -2.75 9.22 41.09
CA MET H 111 -3.93 8.37 40.90
C MET H 111 -3.69 7.29 39.87
N VAL H 112 -3.01 7.64 38.77
CA VAL H 112 -2.65 6.65 37.76
C VAL H 112 -1.80 5.55 38.38
N GLU H 113 -0.83 5.94 39.20
CA GLU H 113 0.00 4.97 39.89
C GLU H 113 -0.84 4.04 40.74
N ALA H 114 -1.76 4.60 41.53
CA ALA H 114 -2.59 3.76 42.39
C ALA H 114 -3.38 2.75 41.59
N GLU H 115 -4.08 3.21 40.55
CA GLU H 115 -4.95 2.32 39.78
C GLU H 115 -4.12 1.25 39.05
N ASP H 116 -3.06 1.65 38.36
CA ASP H 116 -2.30 0.70 37.57
C ASP H 116 -1.52 -0.26 38.47
N SER H 117 -1.04 0.21 39.61
CA SER H 117 -0.40 -0.67 40.57
C SER H 117 -1.36 -1.73 41.08
N ALA H 118 -2.60 -1.33 41.36
CA ALA H 118 -3.60 -2.32 41.74
C ALA H 118 -3.84 -3.32 40.62
N ILE H 119 -3.96 -2.85 39.38
CA ILE H 119 -4.30 -3.75 38.27
C ILE H 119 -3.18 -4.75 38.00
N PHE H 120 -1.93 -4.27 37.96
CA PHE H 120 -0.83 -5.14 37.54
C PHE H 120 -0.26 -5.97 38.68
N HIS H 121 0.01 -5.35 39.84
CA HIS H 121 0.68 -6.03 40.93
C HIS H 121 -0.22 -6.26 42.15
N GLY H 122 -1.52 -6.02 42.01
CA GLY H 122 -2.44 -6.28 43.09
C GLY H 122 -2.40 -5.21 44.17
N TRP H 123 -3.40 -5.30 45.05
CA TRP H 123 -3.50 -4.39 46.19
C TRP H 123 -4.21 -5.18 47.29
N ALA H 124 -3.41 -5.79 48.17
CA ALA H 124 -3.95 -6.78 49.10
C ALA H 124 -4.86 -6.16 50.14
N GLN H 125 -4.58 -4.92 50.54
CA GLN H 125 -5.44 -4.26 51.53
C GLN H 125 -6.82 -3.95 50.95
N ALA H 126 -6.92 -3.84 49.63
CA ALA H 126 -8.21 -3.66 48.97
C ALA H 126 -8.81 -4.97 48.48
N GLY H 127 -8.19 -6.10 48.78
CA GLY H 127 -8.67 -7.37 48.27
C GLY H 127 -8.60 -7.50 46.77
N ILE H 128 -7.59 -6.93 46.13
CA ILE H 128 -7.42 -7.00 44.68
C ILE H 128 -6.18 -7.82 44.39
N LYS H 129 -6.27 -8.70 43.40
CA LYS H 129 -5.14 -9.47 42.90
C LYS H 129 -4.79 -8.97 41.51
N GLY H 130 -3.52 -8.70 41.29
CA GLY H 130 -3.07 -8.16 40.03
C GLY H 130 -2.94 -9.20 38.95
N ILE H 131 -2.71 -8.72 37.74
CA ILE H 131 -2.46 -9.62 36.61
C ILE H 131 -1.18 -10.40 36.82
N VAL H 132 -0.12 -9.71 37.26
CA VAL H 132 1.19 -10.34 37.37
C VAL H 132 1.23 -11.35 38.51
N ASP H 133 0.70 -10.99 39.68
CA ASP H 133 0.83 -11.86 40.84
C ASP H 133 -0.16 -13.02 40.84
N SER H 134 -1.07 -13.08 39.87
CA SER H 134 -2.03 -14.17 39.79
C SER H 134 -1.75 -15.16 38.66
N THR H 135 -0.79 -14.87 37.79
CA THR H 135 -0.54 -15.76 36.67
C THR H 135 0.16 -17.03 37.15
N PRO H 136 -0.31 -18.22 36.76
CA PRO H 136 0.37 -19.46 37.15
C PRO H 136 1.62 -19.75 36.33
N HIS H 137 1.79 -19.10 35.19
CA HIS H 137 2.92 -19.38 34.32
C HIS H 137 4.22 -18.89 34.95
N GLU H 138 5.31 -19.52 34.55
CA GLU H 138 6.63 -19.11 35.01
C GLU H 138 7.03 -17.80 34.34
N ALA H 139 7.69 -16.93 35.10
CA ALA H 139 8.08 -15.62 34.61
C ALA H 139 9.37 -15.75 33.79
N LEU H 140 9.28 -15.45 32.51
CA LEU H 140 10.47 -15.45 31.65
C LEU H 140 11.47 -14.42 32.16
N ALA H 141 12.71 -14.84 32.33
CA ALA H 141 13.79 -13.95 32.76
C ALA H 141 14.49 -13.43 31.52
N VAL H 142 14.20 -12.19 31.14
CA VAL H 142 14.87 -11.57 30.00
C VAL H 142 16.24 -11.10 30.44
N ALA H 143 17.27 -11.48 29.67
CA ALA H 143 18.64 -11.17 30.05
C ALA H 143 19.12 -9.82 29.50
N SER H 144 18.77 -9.49 28.26
CA SER H 144 19.27 -8.28 27.63
C SER H 144 18.22 -7.73 26.69
N VAL H 145 18.45 -6.49 26.24
CA VAL H 145 17.48 -5.78 25.42
C VAL H 145 17.19 -6.53 24.12
N SER H 146 18.13 -7.33 23.64
CA SER H 146 17.95 -8.09 22.41
C SER H 146 17.23 -9.41 22.63
N ASP H 147 17.02 -9.82 23.89
CA ASP H 147 16.29 -11.05 24.15
C ASP H 147 14.78 -10.88 24.04
N PHE H 148 14.29 -9.63 24.06
CA PHE H 148 12.86 -9.38 23.96
C PHE H 148 12.22 -9.98 22.71
N PRO H 149 12.76 -9.79 21.50
CA PRO H 149 12.11 -10.37 20.31
C PRO H 149 11.98 -11.87 20.38
N ARG H 150 12.87 -12.55 21.12
CA ARG H 150 12.70 -13.97 21.37
C ARG H 150 11.68 -14.21 22.48
N ALA H 151 11.91 -13.59 23.64
CA ALA H 151 11.11 -13.86 24.83
C ALA H 151 9.62 -13.76 24.56
N VAL H 152 9.20 -12.68 23.88
CA VAL H 152 7.78 -12.48 23.60
C VAL H 152 7.20 -13.71 22.92
N LEU H 153 7.84 -14.16 21.85
CA LEU H 153 7.36 -15.36 21.16
C LEU H 153 7.20 -16.51 22.13
N SER H 154 8.23 -16.76 22.95
CA SER H 154 8.13 -17.80 23.96
C SER H 154 6.88 -17.59 24.81
N ALA H 155 6.73 -16.40 25.37
CA ALA H 155 5.56 -16.10 26.18
C ALA H 155 4.29 -16.32 25.37
N ALA H 156 4.27 -15.82 24.13
CA ALA H 156 3.10 -16.00 23.30
C ALA H 156 2.81 -17.48 23.11
N ASP H 157 3.87 -18.28 22.87
CA ASP H 157 3.71 -19.71 22.75
C ASP H 157 3.02 -20.27 23.99
N THR H 158 3.53 -19.90 25.17
CA THR H 158 2.92 -20.37 26.41
C THR H 158 1.44 -20.04 26.44
N LEU H 159 1.09 -18.82 26.01
CA LEU H 159 -0.31 -18.41 26.05
C LEU H 159 -1.16 -19.29 25.16
N ARG H 160 -0.66 -19.62 23.97
CA ARG H 160 -1.43 -20.52 23.11
C ARG H 160 -1.29 -21.97 23.55
N LYS H 161 -0.29 -22.31 24.35
CA LYS H 161 -0.20 -23.66 24.89
C LYS H 161 -1.30 -23.91 25.90
N ALA H 162 -1.49 -22.99 26.84
CA ALA H 162 -2.48 -23.15 27.88
C ALA H 162 -3.91 -23.00 27.37
N GLY H 163 -4.09 -22.56 26.13
CA GLY H 163 -5.41 -22.42 25.55
C GLY H 163 -5.91 -21.00 25.42
N VAL H 164 -5.06 -20.00 25.57
CA VAL H 164 -5.47 -18.60 25.56
C VAL H 164 -5.18 -18.05 24.17
N THR H 165 -6.24 -17.79 23.41
CA THR H 165 -6.14 -17.32 22.04
C THR H 165 -6.19 -15.80 22.01
N GLY H 166 -6.37 -15.24 20.82
CA GLY H 166 -6.59 -13.81 20.67
C GLY H 166 -5.30 -13.04 20.53
N PRO H 167 -5.40 -11.79 20.10
CA PRO H 167 -4.20 -10.95 20.00
C PRO H 167 -3.55 -10.78 21.36
N TYR H 168 -2.22 -10.73 21.35
CA TYR H 168 -1.44 -10.63 22.57
C TYR H 168 -0.77 -9.27 22.61
N ALA H 169 -1.11 -8.48 23.63
CA ALA H 169 -0.51 -7.17 23.84
C ALA H 169 0.75 -7.29 24.68
N LEU H 170 1.72 -6.45 24.37
CA LEU H 170 2.94 -6.31 25.15
C LEU H 170 2.84 -5.04 26.00
N VAL H 171 3.11 -5.19 27.29
CA VAL H 171 3.07 -4.10 28.25
C VAL H 171 4.47 -3.94 28.80
N LEU H 172 5.01 -2.74 28.70
CA LEU H 172 6.40 -2.48 29.07
C LEU H 172 6.45 -1.55 30.26
N GLY H 173 7.21 -1.94 31.29
CA GLY H 173 7.49 -1.07 32.38
C GLY H 173 8.38 0.08 31.96
N PRO H 174 8.79 0.91 32.92
CA PRO H 174 9.58 2.11 32.59
C PRO H 174 10.92 1.77 31.96
N LYS H 175 11.72 0.95 32.64
CA LYS H 175 13.05 0.64 32.10
C LYS H 175 12.96 -0.10 30.78
N ALA H 176 12.02 -1.05 30.67
CA ALA H 176 11.89 -1.82 29.43
C ALA H 176 11.53 -0.92 28.26
N TYR H 177 10.59 -0.01 28.46
CA TYR H 177 10.24 0.94 27.40
C TYR H 177 11.44 1.81 27.04
N ASP H 178 12.14 2.32 28.06
CA ASP H 178 13.29 3.18 27.81
C ASP H 178 14.36 2.46 27.00
N ASP H 179 14.68 1.22 27.40
CA ASP H 179 15.79 0.52 26.76
C ASP H 179 15.41 -0.01 25.39
N LEU H 180 14.16 -0.42 25.19
CA LEU H 180 13.74 -0.98 23.92
C LEU H 180 13.29 0.07 22.93
N PHE H 181 13.10 1.33 23.36
CA PHE H 181 12.80 2.39 22.43
C PHE H 181 13.95 3.38 22.25
N ALA H 182 14.94 3.37 23.13
CA ALA H 182 16.19 4.06 22.92
C ALA H 182 17.21 3.22 22.17
N ALA H 183 16.75 2.21 21.44
CA ALA H 183 17.62 1.27 20.76
C ALA H 183 17.40 1.32 19.26
N THR H 184 18.47 1.09 18.50
CA THR H 184 18.41 1.07 17.04
C THR H 184 19.55 0.21 16.54
N GLN H 185 19.25 -0.68 15.59
CA GLN H 185 20.23 -1.65 15.08
C GLN H 185 20.89 -1.05 13.84
N ASP H 186 21.80 -0.09 14.06
CA ASP H 186 22.58 0.52 13.00
C ASP H 186 21.69 1.05 11.87
N GLY H 187 20.57 1.64 12.25
CA GLY H 187 19.62 2.16 11.29
C GLY H 187 18.36 1.33 11.20
N TYR H 188 18.52 0.01 11.25
CA TYR H 188 17.36 -0.87 11.19
C TYR H 188 16.57 -0.79 12.49
N PRO H 189 15.25 -0.60 12.42
CA PRO H 189 14.48 -0.42 13.65
C PRO H 189 14.21 -1.72 14.37
N VAL H 190 14.18 -1.63 15.69
CA VAL H 190 13.88 -2.77 16.56
C VAL H 190 12.46 -2.73 17.08
N ALA H 191 11.99 -1.57 17.54
CA ALA H 191 10.63 -1.47 18.05
C ALA H 191 9.62 -1.80 16.96
N LYS H 192 9.92 -1.43 15.72
CA LYS H 192 9.06 -1.84 14.60
C LYS H 192 8.93 -3.35 14.54
N GLN H 193 10.05 -4.07 14.71
CA GLN H 193 9.98 -5.52 14.79
C GLN H 193 9.11 -5.95 15.97
N VAL H 194 9.22 -5.24 17.10
CA VAL H 194 8.45 -5.63 18.29
C VAL H 194 6.95 -5.55 18.00
N GLN H 195 6.48 -4.43 17.43
CA GLN H 195 5.06 -4.39 17.07
C GLN H 195 4.73 -5.39 15.97
N ARG H 196 5.67 -5.68 15.08
CA ARG H 196 5.40 -6.66 14.03
C ARG H 196 5.17 -8.05 14.63
N LEU H 197 5.83 -8.35 15.75
CA LEU H 197 5.72 -9.68 16.34
C LEU H 197 4.29 -9.99 16.78
N VAL H 198 3.68 -9.08 17.55
CA VAL H 198 2.35 -9.32 18.10
C VAL H 198 1.31 -9.17 17.00
N VAL H 199 0.43 -10.17 16.90
CA VAL H 199 -0.57 -10.23 15.83
C VAL H 199 -1.66 -9.23 16.17
N ASP H 200 -1.64 -8.07 15.49
CA ASP H 200 -2.53 -6.93 15.73
C ASP H 200 -2.77 -6.66 17.21
N GLY H 201 -1.73 -6.80 18.02
CA GLY H 201 -1.82 -6.50 19.43
C GLY H 201 -1.16 -5.18 19.76
N PRO H 202 -1.72 -4.45 20.73
CA PRO H 202 -1.14 -3.16 21.11
C PRO H 202 0.11 -3.33 21.96
N LEU H 203 0.94 -2.29 21.93
CA LEU H 203 2.12 -2.20 22.77
C LEU H 203 1.98 -0.96 23.63
N VAL H 204 1.92 -1.14 24.95
CA VAL H 204 1.55 -0.07 25.85
C VAL H 204 2.61 0.10 26.92
N ARG H 205 2.82 1.33 27.37
CA ARG H 205 3.74 1.66 28.43
C ARG H 205 2.97 1.76 29.75
N ALA H 206 3.45 1.05 30.77
CA ALA H 206 2.85 1.09 32.10
C ALA H 206 3.94 1.50 33.08
N ASN H 207 3.82 2.71 33.64
CA ASN H 207 4.82 3.19 34.58
C ASN H 207 4.81 2.41 35.88
N ALA H 208 3.70 1.76 36.21
CA ALA H 208 3.59 1.02 37.46
C ALA H 208 3.97 -0.46 37.32
N LEU H 209 4.21 -0.93 36.10
CA LEU H 209 4.55 -2.33 35.86
C LEU H 209 6.06 -2.53 36.02
N ALA H 210 6.44 -3.48 36.87
CA ALA H 210 7.84 -3.85 37.03
C ALA H 210 8.18 -4.94 36.02
N GLY H 211 9.13 -4.66 35.14
CA GLY H 211 9.50 -5.60 34.10
C GLY H 211 8.67 -5.41 32.85
N ALA H 212 8.12 -6.49 32.33
CA ALA H 212 7.28 -6.46 31.15
C ALA H 212 6.24 -7.57 31.26
N LEU H 213 5.32 -7.60 30.31
CA LEU H 213 4.19 -8.51 30.42
C LEU H 213 3.61 -8.76 29.03
N VAL H 214 3.20 -10.00 28.79
CA VAL H 214 2.49 -10.36 27.56
C VAL H 214 1.14 -10.92 27.96
N MET H 215 0.07 -10.32 27.46
CA MET H 215 -1.25 -10.73 27.92
C MET H 215 -2.24 -10.72 26.77
N SER H 216 -3.22 -11.60 26.85
CA SER H 216 -4.23 -11.71 25.81
C SER H 216 -5.17 -10.52 25.81
N MET H 217 -5.52 -10.04 24.63
CA MET H 217 -6.59 -9.08 24.43
C MET H 217 -7.90 -9.74 24.01
N ARG H 218 -8.07 -11.02 24.34
CA ARG H 218 -9.28 -11.73 23.93
C ARG H 218 -10.53 -11.12 24.55
N GLY H 219 -10.45 -10.75 25.81
CA GLY H 219 -11.61 -10.28 26.53
C GLY H 219 -12.17 -11.33 27.46
N GLY H 220 -12.83 -10.89 28.53
CA GLY H 220 -13.38 -11.78 29.51
C GLY H 220 -12.38 -12.34 30.50
N ASP H 221 -11.14 -11.88 30.47
CA ASP H 221 -10.10 -12.37 31.37
C ASP H 221 -9.83 -11.44 32.54
N TYR H 222 -9.86 -10.12 32.31
CA TYR H 222 -9.55 -9.14 33.33
C TYR H 222 -10.63 -8.07 33.32
N GLU H 223 -11.12 -7.69 34.50
CA GLU H 223 -12.32 -6.89 34.62
C GLU H 223 -12.11 -5.77 35.61
N LEU H 224 -12.09 -4.53 35.12
CA LEU H 224 -12.03 -3.34 35.96
C LEU H 224 -13.43 -2.75 36.06
N THR H 225 -13.97 -2.71 37.28
CA THR H 225 -15.27 -2.10 37.53
C THR H 225 -15.06 -0.76 38.21
N VAL H 226 -15.70 0.27 37.67
CA VAL H 226 -15.60 1.63 38.19
C VAL H 226 -16.98 2.06 38.66
N GLY H 227 -17.08 2.42 39.94
CA GLY H 227 -18.29 3.03 40.43
C GLY H 227 -18.37 4.52 40.11
N GLN H 228 -17.50 5.29 40.74
CA GLN H 228 -17.37 6.71 40.43
C GLN H 228 -16.10 6.90 39.62
N ASP H 229 -16.25 7.39 38.40
CA ASP H 229 -15.11 7.58 37.53
C ASP H 229 -14.28 8.78 38.01
N LEU H 230 -13.08 8.90 37.45
CA LEU H 230 -12.13 9.93 37.85
C LEU H 230 -12.76 11.32 37.84
N SER H 231 -12.72 11.98 38.98
CA SER H 231 -13.39 13.26 39.17
C SER H 231 -12.49 14.20 39.95
N ILE H 232 -12.70 15.49 39.76
CA ILE H 232 -12.02 16.53 40.52
C ILE H 232 -13.04 17.15 41.46
N GLY H 233 -12.76 17.09 42.77
CA GLY H 233 -13.63 17.66 43.77
C GLY H 233 -12.90 18.72 44.59
N TYR H 234 -13.70 19.50 45.31
CA TYR H 234 -13.20 20.58 46.17
C TYR H 234 -13.28 20.13 47.62
N ALA H 235 -12.22 20.40 48.38
CA ALA H 235 -12.19 20.06 49.80
C ALA H 235 -12.24 21.28 50.70
N PHE H 236 -11.36 22.25 50.49
CA PHE H 236 -11.20 23.37 51.41
C PHE H 236 -10.39 24.46 50.72
N HIS H 237 -10.39 25.65 51.30
CA HIS H 237 -9.55 26.72 50.80
C HIS H 237 -9.30 27.74 51.91
N ASP H 238 -8.07 28.24 51.95
CA ASP H 238 -7.69 29.41 52.74
C ASP H 238 -7.68 30.64 51.84
N ARG H 239 -7.10 31.73 52.33
CA ARG H 239 -7.08 32.97 51.57
C ARG H 239 -6.31 32.82 50.26
N SER H 240 -5.22 32.04 50.27
CA SER H 240 -4.33 31.98 49.13
C SER H 240 -4.28 30.63 48.42
N LYS H 241 -4.67 29.55 49.09
CA LYS H 241 -4.59 28.21 48.54
C LYS H 241 -5.96 27.56 48.53
N VAL H 242 -6.22 26.76 47.50
CA VAL H 242 -7.43 25.95 47.42
C VAL H 242 -7.03 24.48 47.36
N GLU H 243 -7.67 23.66 48.17
CA GLU H 243 -7.40 22.24 48.24
C GLU H 243 -8.45 21.48 47.43
N LEU H 244 -7.99 20.76 46.42
CA LEU H 244 -8.83 19.93 45.58
C LEU H 244 -8.38 18.48 45.73
N PHE H 245 -9.12 17.57 45.09
CA PHE H 245 -8.72 16.18 45.10
C PHE H 245 -9.16 15.51 43.81
N VAL H 246 -8.44 14.46 43.45
CA VAL H 246 -8.87 13.50 42.45
C VAL H 246 -9.53 12.34 43.18
N ALA H 247 -10.68 11.92 42.70
CA ALA H 247 -11.44 10.86 43.34
C ALA H 247 -11.84 9.81 42.32
N GLU H 248 -11.88 8.57 42.78
CA GLU H 248 -12.34 7.45 41.97
C GLU H 248 -12.78 6.33 42.89
N SER H 249 -13.69 5.49 42.41
CA SER H 249 -14.03 4.26 43.11
C SER H 249 -13.98 3.12 42.09
N PHE H 250 -13.32 2.04 42.46
CA PHE H 250 -13.07 0.98 41.51
C PHE H 250 -12.71 -0.31 42.23
N THR H 251 -12.76 -1.40 41.49
CA THR H 251 -12.16 -2.66 41.90
C THR H 251 -11.75 -3.40 40.64
N PHE H 252 -10.87 -4.39 40.81
CA PHE H 252 -10.35 -5.15 39.68
C PHE H 252 -10.40 -6.63 39.99
N ARG H 253 -10.85 -7.42 39.01
CA ARG H 253 -10.99 -8.86 39.14
C ARG H 253 -10.20 -9.56 38.04
N VAL H 254 -9.51 -10.63 38.42
CA VAL H 254 -8.82 -11.50 37.48
C VAL H 254 -9.73 -12.71 37.28
N LEU H 255 -10.45 -12.73 36.16
CA LEU H 255 -11.36 -13.82 35.88
C LEU H 255 -10.62 -15.08 35.43
N GLU H 256 -9.62 -14.94 34.57
CA GLU H 256 -8.82 -16.07 34.10
C GLU H 256 -7.35 -15.80 34.40
N PRO H 257 -6.78 -16.44 35.43
CA PRO H 257 -5.41 -16.10 35.84
C PRO H 257 -4.35 -16.45 34.81
N GLY H 258 -4.62 -17.35 33.87
CA GLY H 258 -3.60 -17.85 32.97
C GLY H 258 -3.44 -17.09 31.67
N ALA H 259 -4.04 -15.91 31.53
CA ALA H 259 -4.02 -15.20 30.26
C ALA H 259 -2.85 -14.23 30.13
N ALA H 260 -1.84 -14.33 30.99
CA ALA H 260 -0.71 -13.42 30.92
C ALA H 260 0.56 -14.12 31.37
N VAL H 261 1.69 -13.64 30.87
CA VAL H 261 3.02 -14.13 31.24
C VAL H 261 3.89 -12.93 31.58
N HIS H 262 4.56 -13.00 32.73
CA HIS H 262 5.44 -11.93 33.19
C HIS H 262 6.85 -12.11 32.67
N LEU H 263 7.47 -11.02 32.22
CA LEU H 263 8.86 -10.98 31.80
C LEU H 263 9.64 -10.18 32.84
N ARG H 264 10.63 -10.81 33.46
CA ARG H 264 11.30 -10.19 34.61
C ARG H 264 12.35 -9.20 34.08
N TYR H 265 13.26 -8.80 34.96
CA TYR H 265 14.13 -7.62 34.83
C TYR H 265 14.62 -7.42 33.41
N ALA H 266 14.31 -6.26 32.84
CA ALA H 266 14.52 -6.01 31.43
C ALA H 266 16.00 -5.90 31.07
N MET I 1 -39.60 -32.08 21.26
CA MET I 1 -38.51 -32.82 21.89
C MET I 1 -37.75 -33.65 20.86
N ASP I 2 -36.56 -33.18 20.51
CA ASP I 2 -35.71 -33.89 19.55
C ASP I 2 -34.82 -34.89 20.30
N LEU I 3 -33.85 -35.45 19.57
CA LEU I 3 -32.95 -36.43 20.17
C LEU I 3 -32.02 -35.84 21.22
N LEU I 4 -31.85 -34.52 21.23
CA LEU I 4 -30.95 -33.91 22.21
C LEU I 4 -31.59 -33.84 23.60
N LYS I 5 -32.92 -33.82 23.68
CA LYS I 5 -33.65 -33.95 24.94
C LYS I 5 -33.24 -32.88 25.95
N ARG I 6 -33.00 -31.66 25.48
CA ARG I 6 -32.41 -30.64 26.34
C ARG I 6 -33.38 -30.13 27.38
N HIS I 7 -34.68 -30.17 27.10
CA HIS I 7 -35.66 -29.69 28.06
C HIS I 7 -35.73 -30.55 29.31
N LEU I 8 -35.20 -31.77 29.27
CA LEU I 8 -35.16 -32.63 30.45
C LEU I 8 -33.99 -32.34 31.37
N ALA I 9 -33.01 -31.54 30.93
CA ALA I 9 -31.84 -31.29 31.76
C ALA I 9 -32.16 -30.27 32.85
N PRO I 10 -31.62 -30.45 34.06
CA PRO I 10 -31.77 -29.45 35.12
C PRO I 10 -30.84 -28.26 34.94
N ILE I 11 -30.96 -27.60 33.79
CA ILE I 11 -30.05 -26.54 33.37
C ILE I 11 -30.87 -25.32 33.00
N VAL I 12 -30.54 -24.17 33.56
CA VAL I 12 -31.24 -22.92 33.24
C VAL I 12 -30.80 -22.47 31.85
N PRO I 13 -31.63 -21.68 31.15
CA PRO I 13 -31.28 -21.31 29.76
C PRO I 13 -29.94 -20.60 29.61
N ASP I 14 -29.56 -19.74 30.54
CA ASP I 14 -28.30 -19.04 30.42
C ASP I 14 -27.11 -19.99 30.59
N ALA I 15 -27.25 -21.01 31.43
CA ALA I 15 -26.21 -22.03 31.51
C ALA I 15 -26.09 -22.81 30.20
N TRP I 16 -27.23 -23.08 29.54
CA TRP I 16 -27.18 -23.69 28.21
C TRP I 16 -26.45 -22.79 27.23
N SER I 17 -26.70 -21.49 27.29
CA SER I 17 -26.00 -20.55 26.42
C SER I 17 -24.50 -20.56 26.68
N ALA I 18 -24.10 -20.60 27.94
CA ALA I 18 -22.67 -20.64 28.27
C ALA I 18 -22.02 -21.91 27.75
N ILE I 19 -22.68 -23.06 27.95
CA ILE I 19 -22.14 -24.32 27.46
C ILE I 19 -21.98 -24.28 25.95
N ASP I 20 -23.01 -23.80 25.26
CA ASP I 20 -22.97 -23.73 23.80
C ASP I 20 -21.86 -22.80 23.32
N GLU I 21 -21.67 -21.67 23.99
CA GLU I 21 -20.61 -20.75 23.59
C GLU I 21 -19.23 -21.37 23.79
N GLU I 22 -19.01 -22.06 24.91
CA GLU I 22 -17.74 -22.71 25.13
C GLU I 22 -17.44 -23.71 24.02
N ALA I 23 -18.40 -24.59 23.73
CA ALA I 23 -18.20 -25.58 22.68
C ALA I 23 -18.00 -24.92 21.32
N LYS I 24 -18.78 -23.88 21.04
CA LYS I 24 -18.72 -23.21 19.74
C LYS I 24 -17.36 -22.57 19.51
N GLU I 25 -16.83 -21.88 20.53
CA GLU I 25 -15.52 -21.27 20.35
C GLU I 25 -14.43 -22.31 20.20
N ILE I 26 -14.51 -23.42 20.95
CA ILE I 26 -13.53 -24.49 20.75
C ILE I 26 -13.58 -25.01 19.31
N PHE I 27 -14.80 -25.26 18.81
CA PHE I 27 -14.94 -25.84 17.48
C PHE I 27 -14.45 -24.89 16.40
N GLN I 28 -14.84 -23.62 16.49
CA GLN I 28 -14.37 -22.63 15.51
C GLN I 28 -12.87 -22.44 15.59
N GLY I 29 -12.27 -22.68 16.76
CA GLY I 29 -10.83 -22.55 16.86
C GLY I 29 -10.04 -23.74 16.35
N HIS I 30 -10.60 -24.95 16.45
CA HIS I 30 -9.78 -26.15 16.29
C HIS I 30 -10.18 -27.07 15.13
N LEU I 31 -11.31 -26.86 14.48
CA LEU I 31 -11.75 -27.79 13.43
C LEU I 31 -10.94 -27.54 12.16
N ALA I 32 -9.86 -28.32 11.99
CA ALA I 32 -8.95 -28.10 10.88
C ALA I 32 -9.56 -28.54 9.55
N GLY I 33 -10.16 -29.73 9.52
CA GLY I 33 -10.65 -30.26 8.26
C GLY I 33 -11.74 -29.43 7.63
N ARG I 34 -12.62 -28.86 8.46
CA ARG I 34 -13.77 -28.11 7.95
C ARG I 34 -13.35 -26.85 7.20
N LYS I 35 -12.19 -26.30 7.52
CA LYS I 35 -11.71 -25.09 6.87
C LYS I 35 -10.83 -25.38 5.66
N LEU I 36 -10.77 -26.64 5.23
CA LEU I 36 -10.01 -27.03 4.04
C LEU I 36 -10.90 -27.66 2.98
N VAL I 37 -11.67 -28.70 3.34
CA VAL I 37 -12.39 -29.53 2.37
C VAL I 37 -13.73 -28.90 2.01
N ASP I 38 -14.37 -29.44 0.98
CA ASP I 38 -15.72 -29.01 0.60
C ASP I 38 -16.74 -29.58 1.58
N PHE I 39 -17.84 -28.86 1.76
CA PHE I 39 -18.79 -29.12 2.83
C PHE I 39 -20.19 -29.34 2.28
N ARG I 40 -20.78 -30.48 2.60
CA ARG I 40 -22.17 -30.80 2.27
C ARG I 40 -22.98 -30.96 3.54
N GLY I 41 -24.19 -30.39 3.53
CA GLY I 41 -25.07 -30.48 4.67
C GLY I 41 -25.09 -29.20 5.47
N PRO I 42 -25.62 -29.26 6.71
CA PRO I 42 -26.14 -30.47 7.36
C PRO I 42 -27.51 -30.90 6.84
N PHE I 43 -27.81 -32.19 6.93
CA PHE I 43 -29.07 -32.73 6.44
C PHE I 43 -29.99 -33.27 7.52
N GLY I 44 -29.54 -33.31 8.77
CA GLY I 44 -30.38 -33.71 9.88
C GLY I 44 -30.14 -35.16 10.29
N TRP I 45 -30.95 -35.60 11.25
CA TRP I 45 -30.77 -36.88 11.91
C TRP I 45 -31.10 -38.08 11.04
N GLU I 46 -31.89 -37.90 9.98
CA GLU I 46 -32.31 -39.04 9.19
C GLU I 46 -31.52 -39.22 7.89
N TYR I 47 -30.59 -38.32 7.60
CA TYR I 47 -29.65 -38.55 6.51
C TYR I 47 -28.70 -39.67 6.90
N ALA I 48 -28.74 -40.78 6.17
CA ALA I 48 -28.02 -41.97 6.58
C ALA I 48 -26.78 -42.27 5.75
N ALA I 49 -26.73 -41.89 4.49
CA ALA I 49 -25.61 -42.28 3.65
C ALA I 49 -25.50 -41.35 2.45
N VAL I 50 -24.29 -41.30 1.89
CA VAL I 50 -24.00 -40.47 0.73
C VAL I 50 -24.09 -41.34 -0.52
N ASN I 51 -24.92 -40.93 -1.47
CA ASN I 51 -25.00 -41.62 -2.75
C ASN I 51 -23.80 -41.27 -3.62
N THR I 52 -23.02 -42.27 -4.00
CA THR I 52 -21.86 -42.05 -4.84
C THR I 52 -22.17 -42.06 -6.32
N GLY I 53 -23.32 -42.61 -6.71
CA GLY I 53 -23.67 -42.72 -8.12
C GLY I 53 -23.02 -43.86 -8.85
N GLU I 54 -22.24 -44.69 -8.18
CA GLU I 54 -21.59 -45.83 -8.81
C GLU I 54 -22.42 -47.10 -8.64
N LEU I 55 -22.20 -48.03 -9.55
CA LEU I 55 -22.79 -49.35 -9.50
C LEU I 55 -21.69 -50.39 -9.43
N ARG I 56 -21.96 -51.49 -8.72
CA ARG I 56 -21.03 -52.59 -8.66
C ARG I 56 -21.69 -53.83 -9.23
N PRO I 57 -21.03 -54.54 -10.15
CA PRO I 57 -21.63 -55.75 -10.73
C PRO I 57 -21.75 -56.86 -9.70
N ILE I 58 -22.77 -57.69 -9.89
CA ILE I 58 -22.98 -58.89 -9.10
C ILE I 58 -22.70 -60.09 -9.99
N ASP I 59 -21.85 -60.99 -9.51
CA ASP I 59 -21.37 -62.09 -10.35
C ASP I 59 -22.45 -63.13 -10.59
N ASP I 60 -22.97 -63.75 -9.52
CA ASP I 60 -23.91 -64.85 -9.65
C ASP I 60 -25.28 -64.31 -10.06
N THR I 61 -25.42 -64.09 -11.36
CA THR I 61 -26.67 -63.64 -11.95
C THR I 61 -27.01 -64.49 -13.17
N PRO I 62 -28.30 -64.69 -13.44
CA PRO I 62 -28.70 -65.45 -14.63
C PRO I 62 -28.30 -64.74 -15.91
N GLU I 63 -28.28 -65.51 -16.99
CA GLU I 63 -27.85 -64.98 -18.28
C GLU I 63 -28.82 -63.96 -18.84
N ASP I 64 -30.11 -64.10 -18.54
CA ASP I 64 -31.12 -63.19 -19.06
C ASP I 64 -31.30 -61.94 -18.21
N VAL I 65 -30.55 -61.80 -17.12
CA VAL I 65 -30.70 -60.68 -16.20
C VAL I 65 -29.34 -60.05 -15.95
N ASP I 66 -29.28 -58.73 -16.01
CA ASP I 66 -28.10 -57.97 -15.60
C ASP I 66 -28.49 -57.24 -14.31
N MET I 67 -27.77 -57.52 -13.23
CA MET I 67 -28.06 -56.93 -11.93
C MET I 67 -26.82 -56.25 -11.39
N LYS I 68 -27.01 -55.05 -10.84
CA LYS I 68 -25.94 -54.30 -10.21
C LYS I 68 -26.45 -53.69 -8.92
N LEU I 69 -25.55 -53.55 -7.95
CA LEU I 69 -25.88 -52.96 -6.66
C LEU I 69 -25.37 -51.53 -6.60
N ARG I 70 -26.21 -50.64 -6.09
CA ARG I 70 -25.80 -49.25 -5.96
C ARG I 70 -24.85 -49.09 -4.78
N GLN I 71 -23.84 -48.27 -4.96
CA GLN I 71 -22.80 -48.06 -3.96
C GLN I 71 -23.08 -46.78 -3.18
N VAL I 72 -22.95 -46.86 -1.87
CA VAL I 72 -23.30 -45.74 -1.01
C VAL I 72 -22.31 -45.74 0.16
N GLN I 73 -22.10 -44.58 0.75
CA GLN I 73 -21.19 -44.46 1.89
C GLN I 73 -21.95 -44.06 3.15
N PRO I 74 -22.18 -44.99 4.08
CA PRO I 74 -22.96 -44.65 5.28
C PRO I 74 -22.22 -43.68 6.19
N LEU I 75 -22.99 -42.82 6.85
CA LEU I 75 -22.43 -41.87 7.80
C LEU I 75 -22.16 -42.54 9.14
N ALA I 76 -21.19 -41.99 9.86
CA ALA I 76 -20.91 -42.38 11.23
C ALA I 76 -21.49 -41.34 12.18
N GLU I 77 -22.08 -41.82 13.28
CA GLU I 77 -22.56 -40.95 14.34
C GLU I 77 -21.61 -41.06 15.52
N VAL I 78 -21.12 -39.91 15.98
CA VAL I 78 -20.11 -39.82 17.02
C VAL I 78 -20.70 -39.05 18.20
N ARG I 79 -20.58 -39.62 19.39
CA ARG I 79 -21.02 -38.99 20.63
C ARG I 79 -19.88 -39.01 21.63
N VAL I 80 -19.54 -37.84 22.16
CA VAL I 80 -18.50 -37.68 23.18
C VAL I 80 -19.20 -37.24 24.47
N PRO I 81 -19.32 -38.11 25.46
CA PRO I 81 -19.92 -37.70 26.74
C PRO I 81 -19.02 -36.76 27.52
N PHE I 82 -19.65 -35.97 28.39
CA PHE I 82 -18.95 -35.17 29.38
C PHE I 82 -19.91 -34.89 30.52
N THR I 83 -19.37 -34.41 31.63
CA THR I 83 -20.15 -34.18 32.83
C THR I 83 -19.90 -32.79 33.36
N LEU I 84 -20.93 -32.20 33.95
CA LEU I 84 -20.84 -30.89 34.55
C LEU I 84 -21.46 -30.92 35.95
N ASP I 85 -21.00 -30.01 36.79
CA ASP I 85 -21.54 -29.86 38.14
C ASP I 85 -22.80 -29.01 38.09
N VAL I 86 -23.86 -29.50 38.74
CA VAL I 86 -25.14 -28.80 38.70
C VAL I 86 -25.05 -27.46 39.43
N THR I 87 -24.31 -27.41 40.54
CA THR I 87 -24.19 -26.15 41.27
C THR I 87 -23.44 -25.10 40.48
N GLU I 88 -22.40 -25.50 39.74
CA GLU I 88 -21.69 -24.55 38.89
C GLU I 88 -22.61 -23.97 37.82
N LEU I 89 -23.49 -24.79 37.26
CA LEU I 89 -24.45 -24.29 36.28
C LEU I 89 -25.52 -23.43 36.94
N ASP I 90 -25.89 -23.74 38.18
CA ASP I 90 -26.85 -22.92 38.91
C ASP I 90 -26.29 -21.54 39.18
N SER I 91 -24.98 -21.45 39.45
CA SER I 91 -24.37 -20.15 39.75
C SER I 91 -24.54 -19.15 38.62
N VAL I 92 -24.74 -19.63 37.39
CA VAL I 92 -25.01 -18.72 36.28
C VAL I 92 -26.26 -17.90 36.54
N ALA I 93 -27.28 -18.53 37.14
CA ALA I 93 -28.52 -17.84 37.46
C ALA I 93 -28.33 -16.76 38.52
N ARG I 94 -27.29 -16.87 39.35
CA ARG I 94 -27.01 -15.86 40.36
C ARG I 94 -26.07 -14.77 39.86
N GLY I 95 -25.73 -14.78 38.58
CA GLY I 95 -24.89 -13.76 38.00
C GLY I 95 -23.43 -14.13 37.82
N ALA I 96 -23.05 -15.37 38.09
CA ALA I 96 -21.68 -15.79 37.87
C ALA I 96 -21.37 -15.79 36.37
N THR I 97 -20.19 -15.29 36.02
CA THR I 97 -19.79 -15.17 34.62
C THR I 97 -18.77 -16.21 34.18
N ASN I 98 -18.16 -16.93 35.11
CA ASN I 98 -17.13 -17.92 34.78
C ASN I 98 -17.40 -19.23 35.50
N PRO I 99 -18.47 -19.94 35.12
CA PRO I 99 -18.67 -21.29 35.65
C PRO I 99 -17.62 -22.25 35.12
N ASP I 100 -17.38 -23.31 35.87
CA ASP I 100 -16.40 -24.32 35.50
C ASP I 100 -16.96 -25.17 34.37
N LEU I 101 -16.49 -24.94 33.15
CA LEU I 101 -16.90 -25.66 31.96
C LEU I 101 -15.72 -26.37 31.31
N ASP I 102 -14.82 -26.90 32.13
CA ASP I 102 -13.61 -27.54 31.62
C ASP I 102 -13.94 -28.78 30.81
N ASP I 103 -14.87 -29.60 31.29
CA ASP I 103 -15.19 -30.84 30.60
C ASP I 103 -15.86 -30.58 29.27
N VAL I 104 -16.53 -29.43 29.11
CA VAL I 104 -17.07 -29.06 27.80
C VAL I 104 -15.95 -28.90 26.79
N ALA I 105 -14.89 -28.16 27.17
CA ALA I 105 -13.76 -27.98 26.26
C ALA I 105 -13.07 -29.31 26.00
N ARG I 106 -12.95 -30.16 27.02
CA ARG I 106 -12.35 -31.48 26.84
C ARG I 106 -13.13 -32.30 25.82
N ALA I 107 -14.44 -32.38 25.97
CA ALA I 107 -15.26 -33.16 25.05
C ALA I 107 -15.23 -32.56 23.64
N ALA I 108 -15.23 -31.23 23.53
CA ALA I 108 -15.22 -30.60 22.23
C ALA I 108 -13.91 -30.88 21.50
N GLU I 109 -12.77 -30.84 22.21
CA GLU I 109 -11.51 -31.16 21.54
C GLU I 109 -11.41 -32.65 21.23
N ARG I 110 -12.05 -33.50 22.03
CA ARG I 110 -12.11 -34.92 21.68
C ARG I 110 -12.89 -35.14 20.38
N MET I 111 -14.01 -34.42 20.21
CA MET I 111 -14.76 -34.50 18.96
C MET I 111 -13.95 -33.95 17.79
N VAL I 112 -13.23 -32.85 18.01
CA VAL I 112 -12.36 -32.31 16.97
C VAL I 112 -11.32 -33.34 16.57
N GLU I 113 -10.74 -34.02 17.55
CA GLU I 113 -9.76 -35.07 17.27
C GLU I 113 -10.39 -36.16 16.41
N ALA I 114 -11.59 -36.62 16.78
CA ALA I 114 -12.23 -37.68 16.01
C ALA I 114 -12.45 -37.26 14.56
N GLU I 115 -13.04 -36.08 14.35
CA GLU I 115 -13.36 -35.64 13.00
C GLU I 115 -12.10 -35.43 12.16
N ASP I 116 -11.12 -34.69 12.71
CA ASP I 116 -9.93 -34.37 11.93
C ASP I 116 -9.07 -35.61 11.70
N SER I 117 -9.02 -36.52 12.67
CA SER I 117 -8.31 -37.78 12.47
C SER I 117 -8.94 -38.58 11.35
N ALA I 118 -10.28 -38.61 11.28
CA ALA I 118 -10.92 -39.28 10.16
C ALA I 118 -10.56 -38.60 8.85
N ILE I 119 -10.59 -37.27 8.81
CA ILE I 119 -10.37 -36.57 7.55
C ILE I 119 -8.94 -36.75 7.05
N PHE I 120 -7.95 -36.62 7.93
CA PHE I 120 -6.56 -36.62 7.48
C PHE I 120 -5.97 -38.03 7.37
N HIS I 121 -6.17 -38.87 8.37
CA HIS I 121 -5.55 -40.18 8.41
C HIS I 121 -6.53 -41.33 8.24
N GLY I 122 -7.78 -41.05 7.90
CA GLY I 122 -8.75 -42.07 7.65
C GLY I 122 -9.31 -42.68 8.92
N TRP I 123 -10.37 -43.46 8.74
CA TRP I 123 -11.00 -44.17 9.85
C TRP I 123 -11.60 -45.45 9.24
N ALA I 124 -10.83 -46.54 9.31
CA ALA I 124 -11.16 -47.73 8.55
C ALA I 124 -12.42 -48.42 9.06
N GLN I 125 -12.69 -48.33 10.36
CA GLN I 125 -13.90 -48.95 10.90
C GLN I 125 -15.15 -48.21 10.44
N ALA I 126 -15.03 -46.94 10.06
CA ALA I 126 -16.13 -46.19 9.50
C ALA I 126 -16.13 -46.18 7.98
N GLY I 127 -15.23 -46.92 7.34
CA GLY I 127 -15.11 -46.90 5.90
C GLY I 127 -14.72 -45.56 5.33
N ILE I 128 -13.87 -44.81 6.02
CA ILE I 128 -13.39 -43.52 5.57
C ILE I 128 -11.90 -43.63 5.27
N LYS I 129 -11.49 -43.04 4.15
CA LYS I 129 -10.09 -42.93 3.78
C LYS I 129 -9.65 -41.48 3.90
N GLY I 130 -8.53 -41.26 4.57
CA GLY I 130 -8.07 -39.91 4.79
C GLY I 130 -7.37 -39.31 3.60
N ILE I 131 -7.07 -38.02 3.72
CA ILE I 131 -6.31 -37.33 2.68
C ILE I 131 -4.90 -37.90 2.59
N VAL I 132 -4.26 -38.12 3.75
CA VAL I 132 -2.85 -38.53 3.76
C VAL I 132 -2.71 -39.97 3.27
N ASP I 133 -3.55 -40.87 3.75
CA ASP I 133 -3.37 -42.29 3.43
C ASP I 133 -3.87 -42.66 2.04
N SER I 134 -4.49 -41.73 1.30
CA SER I 134 -4.98 -42.00 -0.04
C SER I 134 -4.15 -41.34 -1.13
N THR I 135 -3.20 -40.48 -0.79
CA THR I 135 -2.43 -39.80 -1.82
C THR I 135 -1.45 -40.76 -2.48
N PRO I 136 -1.39 -40.81 -3.81
CA PRO I 136 -0.41 -41.69 -4.47
C PRO I 136 0.99 -41.11 -4.50
N HIS I 137 1.16 -39.82 -4.25
CA HIS I 137 2.47 -39.18 -4.30
C HIS I 137 3.35 -39.68 -3.17
N GLU I 138 4.66 -39.60 -3.41
CA GLU I 138 5.64 -39.96 -2.39
C GLU I 138 5.69 -38.87 -1.31
N ALA I 139 5.84 -39.30 -0.07
CA ALA I 139 5.83 -38.37 1.06
C ALA I 139 7.22 -37.75 1.21
N LEU I 140 7.30 -36.44 1.02
CA LEU I 140 8.55 -35.73 1.21
C LEU I 140 9.01 -35.86 2.65
N ALA I 141 10.27 -36.27 2.84
CA ALA I 141 10.84 -36.39 4.17
C ALA I 141 11.58 -35.10 4.49
N VAL I 142 10.95 -34.26 5.33
CA VAL I 142 11.57 -33.02 5.76
C VAL I 142 12.58 -33.33 6.86
N ALA I 143 13.81 -32.83 6.69
CA ALA I 143 14.88 -33.14 7.61
C ALA I 143 14.96 -32.17 8.79
N SER I 144 14.77 -30.87 8.54
CA SER I 144 14.95 -29.87 9.57
C SER I 144 13.98 -28.73 9.32
N VAL I 145 13.87 -27.86 10.34
CA VAL I 145 12.88 -26.78 10.30
C VAL I 145 13.13 -25.83 9.13
N SER I 146 14.38 -25.75 8.66
CA SER I 146 14.72 -24.89 7.54
C SER I 146 14.48 -25.54 6.19
N ASP I 147 14.16 -26.83 6.15
CA ASP I 147 13.87 -27.50 4.89
C ASP I 147 12.45 -27.24 4.40
N PHE I 148 11.57 -26.75 5.30
CA PHE I 148 10.18 -26.49 4.91
C PHE I 148 10.07 -25.51 3.74
N PRO I 149 10.74 -24.35 3.74
CA PRO I 149 10.59 -23.43 2.59
C PRO I 149 10.98 -24.06 1.27
N ARG I 150 11.87 -25.04 1.28
CA ARG I 150 12.16 -25.79 0.06
C ARG I 150 11.09 -26.85 -0.19
N ALA I 151 10.85 -27.70 0.81
CA ALA I 151 9.96 -28.86 0.64
C ALA I 151 8.62 -28.47 0.05
N VAL I 152 8.00 -27.43 0.59
CA VAL I 152 6.68 -27.01 0.11
C VAL I 152 6.71 -26.80 -1.39
N LEU I 153 7.68 -26.01 -1.87
CA LEU I 153 7.80 -25.78 -3.31
C LEU I 153 7.85 -27.11 -4.05
N SER I 154 8.71 -28.02 -3.60
CA SER I 154 8.78 -29.34 -4.21
C SER I 154 7.40 -29.98 -4.25
N ALA I 155 6.73 -30.03 -3.10
CA ALA I 155 5.39 -30.60 -3.05
C ALA I 155 4.47 -29.86 -4.02
N ALA I 156 4.53 -28.52 -3.98
CA ALA I 156 3.68 -27.74 -4.87
C ALA I 156 3.98 -28.10 -6.31
N ASP I 157 5.26 -28.25 -6.65
CA ASP I 157 5.63 -28.66 -7.99
C ASP I 157 4.95 -29.97 -8.35
N THR I 158 5.05 -30.96 -7.45
CA THR I 158 4.40 -32.25 -7.69
C THR I 158 2.92 -32.05 -7.99
N LEU I 159 2.27 -31.19 -7.22
CA LEU I 159 0.84 -30.98 -7.41
C LEU I 159 0.55 -30.43 -8.80
N ARG I 160 1.36 -29.47 -9.26
CA ARG I 160 1.14 -28.98 -10.61
C ARG I 160 1.67 -29.93 -11.66
N LYS I 161 2.56 -30.86 -11.30
CA LYS I 161 3.00 -31.87 -12.26
C LYS I 161 1.87 -32.83 -12.59
N ALA I 162 1.20 -33.34 -11.56
CA ALA I 162 0.13 -34.31 -11.75
C ALA I 162 -1.14 -33.69 -12.36
N GLY I 163 -1.20 -32.36 -12.46
CA GLY I 163 -2.33 -31.69 -13.04
C GLY I 163 -3.27 -31.02 -12.06
N VAL I 164 -2.86 -30.83 -10.81
CA VAL I 164 -3.72 -30.27 -9.78
C VAL I 164 -3.37 -28.80 -9.64
N THR I 165 -4.27 -27.93 -10.08
CA THR I 165 -4.07 -26.50 -10.07
C THR I 165 -4.64 -25.90 -8.78
N GLY I 166 -4.76 -24.57 -8.76
CA GLY I 166 -5.42 -23.89 -7.67
C GLY I 166 -4.48 -23.56 -6.53
N PRO I 167 -4.92 -22.68 -5.64
CA PRO I 167 -4.10 -22.34 -4.47
C PRO I 167 -3.83 -23.58 -3.64
N TYR I 168 -2.63 -23.64 -3.07
CA TYR I 168 -2.20 -24.78 -2.28
C TYR I 168 -2.07 -24.35 -0.82
N ALA I 169 -2.85 -24.97 0.04
CA ALA I 169 -2.80 -24.71 1.47
C ALA I 169 -1.77 -25.61 2.13
N LEU I 170 -1.12 -25.07 3.15
CA LEU I 170 -0.21 -25.83 4.00
C LEU I 170 -0.89 -26.13 5.33
N VAL I 171 -0.86 -27.40 5.71
CA VAL I 171 -1.48 -27.88 6.94
C VAL I 171 -0.35 -28.41 7.82
N LEU I 172 -0.25 -27.90 9.03
CA LEU I 172 0.85 -28.23 9.92
C LEU I 172 0.33 -29.00 11.13
N GLY I 173 0.96 -30.14 11.41
CA GLY I 173 0.70 -30.84 12.64
C GLY I 173 1.19 -30.06 13.85
N PRO I 174 1.09 -30.68 15.02
CA PRO I 174 1.46 -29.97 16.26
C PRO I 174 2.93 -29.60 16.30
N LYS I 175 3.82 -30.58 16.13
CA LYS I 175 5.26 -30.30 16.22
C LYS I 175 5.69 -29.33 15.11
N ALA I 176 5.18 -29.53 13.90
CA ALA I 176 5.57 -28.67 12.78
C ALA I 176 5.18 -27.23 13.03
N TYR I 177 3.95 -27.01 13.51
CA TYR I 177 3.52 -25.66 13.85
C TYR I 177 4.39 -25.08 14.96
N ASP I 178 4.65 -25.86 16.00
CA ASP I 178 5.45 -25.38 17.12
C ASP I 178 6.84 -24.96 16.66
N ASP I 179 7.49 -25.81 15.86
CA ASP I 179 8.88 -25.56 15.48
C ASP I 179 8.99 -24.47 14.43
N LEU I 180 8.03 -24.36 13.53
CA LEU I 180 8.10 -23.36 12.47
C LEU I 180 7.51 -22.02 12.88
N PHE I 181 6.82 -21.95 14.02
CA PHE I 181 6.36 -20.67 14.52
C PHE I 181 7.10 -20.20 15.77
N ALA I 182 7.84 -21.09 16.43
CA ALA I 182 8.79 -20.70 17.47
C ALA I 182 10.17 -20.39 16.91
N ALA I 183 10.25 -20.06 15.61
CA ALA I 183 11.51 -19.84 14.93
C ALA I 183 11.59 -18.42 14.40
N THR I 184 12.80 -17.86 14.39
CA THR I 184 13.04 -16.52 13.88
C THR I 184 14.49 -16.45 13.43
N GLN I 185 14.71 -15.89 12.24
CA GLN I 185 16.05 -15.83 11.64
C GLN I 185 16.69 -14.50 12.01
N ASP I 186 17.15 -14.41 13.26
CA ASP I 186 17.87 -13.24 13.77
C ASP I 186 17.10 -11.95 13.51
N GLY I 187 15.79 -12.00 13.70
CA GLY I 187 14.94 -10.86 13.46
C GLY I 187 14.08 -11.01 12.22
N TYR I 188 14.67 -11.56 11.16
CA TYR I 188 13.94 -11.76 9.91
C TYR I 188 12.92 -12.88 10.09
N PRO I 189 11.67 -12.67 9.71
CA PRO I 189 10.63 -13.69 9.95
C PRO I 189 10.71 -14.83 8.96
N VAL I 190 10.38 -16.02 9.46
CA VAL I 190 10.33 -17.23 8.63
C VAL I 190 8.90 -17.60 8.25
N ALA I 191 7.98 -17.57 9.22
CA ALA I 191 6.59 -17.92 8.94
C ALA I 191 6.00 -16.98 7.90
N LYS I 192 6.39 -15.70 7.93
CA LYS I 192 5.98 -14.76 6.89
C LYS I 192 6.40 -15.27 5.52
N GLN I 193 7.64 -15.76 5.39
CA GLN I 193 8.06 -16.38 4.15
C GLN I 193 7.18 -17.58 3.81
N VAL I 194 6.80 -18.37 4.82
CA VAL I 194 5.99 -19.56 4.57
C VAL I 194 4.66 -19.17 3.95
N GLN I 195 3.95 -18.20 4.55
CA GLN I 195 2.71 -17.76 3.90
C GLN I 195 2.97 -17.09 2.55
N ARG I 196 4.11 -16.43 2.39
CA ARG I 196 4.43 -15.82 1.10
C ARG I 196 4.56 -16.87 0.01
N LEU I 197 5.05 -18.07 0.37
CA LEU I 197 5.29 -19.11 -0.63
C LEU I 197 3.99 -19.53 -1.31
N VAL I 198 2.97 -19.86 -0.53
CA VAL I 198 1.73 -20.39 -1.07
C VAL I 198 0.94 -19.25 -1.72
N VAL I 199 0.50 -19.47 -2.95
CA VAL I 199 -0.18 -18.45 -3.75
C VAL I 199 -1.60 -18.31 -3.21
N ASP I 200 -1.84 -17.27 -2.42
CA ASP I 200 -3.10 -16.99 -1.72
C ASP I 200 -3.71 -18.25 -1.12
N GLY I 201 -2.88 -19.13 -0.56
CA GLY I 201 -3.34 -20.31 0.12
C GLY I 201 -3.27 -20.16 1.62
N PRO I 202 -4.22 -20.75 2.33
CA PRO I 202 -4.21 -20.65 3.80
C PRO I 202 -3.19 -21.59 4.42
N LEU I 203 -2.78 -21.22 5.63
CA LEU I 203 -1.89 -22.03 6.45
C LEU I 203 -2.63 -22.36 7.74
N VAL I 204 -2.88 -23.64 7.97
CA VAL I 204 -3.78 -24.06 9.05
C VAL I 204 -3.07 -25.05 9.95
N ARG I 205 -3.41 -25.01 11.23
CA ARG I 205 -2.90 -25.94 12.23
C ARG I 205 -3.90 -27.07 12.42
N ALA I 206 -3.42 -28.30 12.33
CA ALA I 206 -4.25 -29.49 12.56
C ALA I 206 -3.59 -30.31 13.66
N ASN I 207 -4.23 -30.36 14.83
CA ASN I 207 -3.67 -31.12 15.94
C ASN I 207 -3.68 -32.62 15.69
N ALA I 208 -4.53 -33.10 14.80
CA ALA I 208 -4.62 -34.52 14.51
C ALA I 208 -3.74 -34.96 13.35
N LEU I 209 -3.11 -34.03 12.64
CA LEU I 209 -2.26 -34.36 11.51
C LEU I 209 -0.84 -34.67 11.98
N ALA I 210 -0.34 -35.83 11.58
CA ALA I 210 1.04 -36.21 11.86
C ALA I 210 1.93 -35.69 10.73
N GLY I 211 2.89 -34.84 11.08
CA GLY I 211 3.77 -34.25 10.08
C GLY I 211 3.19 -32.96 9.52
N ALA I 212 3.16 -32.86 8.19
CA ALA I 212 2.62 -31.70 7.52
C ALA I 212 2.03 -32.15 6.18
N LEU I 213 1.38 -31.23 5.49
CA LEU I 213 0.65 -31.59 4.29
C LEU I 213 0.49 -30.38 3.41
N VAL I 214 0.58 -30.59 2.10
CA VAL I 214 0.31 -29.54 1.11
C VAL I 214 -0.81 -30.04 0.23
N MET I 215 -1.90 -29.28 0.15
CA MET I 215 -3.05 -29.78 -0.57
C MET I 215 -3.74 -28.65 -1.31
N SER I 216 -4.35 -28.99 -2.45
CA SER I 216 -5.02 -28.00 -3.28
C SER I 216 -6.31 -27.51 -2.63
N MET I 217 -6.55 -26.21 -2.74
CA MET I 217 -7.83 -25.61 -2.39
C MET I 217 -8.70 -25.37 -3.61
N ARG I 218 -8.49 -26.14 -4.68
CA ARG I 218 -9.26 -25.97 -5.90
C ARG I 218 -10.74 -26.23 -5.66
N GLY I 219 -11.06 -27.26 -4.91
CA GLY I 219 -12.43 -27.68 -4.73
C GLY I 219 -12.76 -28.91 -5.56
N GLY I 220 -13.73 -29.67 -5.10
CA GLY I 220 -14.13 -30.89 -5.78
C GLY I 220 -13.22 -32.08 -5.55
N ASP I 221 -12.24 -31.96 -4.66
CA ASP I 221 -11.30 -33.03 -4.39
C ASP I 221 -11.60 -33.78 -3.10
N TYR I 222 -12.05 -33.09 -2.06
CA TYR I 222 -12.30 -33.68 -0.76
C TYR I 222 -13.67 -33.20 -0.27
N GLU I 223 -14.47 -34.13 0.23
CA GLU I 223 -15.89 -33.86 0.49
C GLU I 223 -16.29 -34.37 1.86
N LEU I 224 -16.59 -33.46 2.77
CA LEU I 224 -17.12 -33.79 4.10
C LEU I 224 -18.62 -33.58 4.08
N THR I 225 -19.38 -34.65 4.29
CA THR I 225 -20.83 -34.58 4.38
C THR I 225 -21.25 -34.71 5.83
N VAL I 226 -22.08 -33.79 6.29
CA VAL I 226 -22.56 -33.78 7.66
C VAL I 226 -24.07 -33.98 7.64
N GLY I 227 -24.54 -35.01 8.33
CA GLY I 227 -25.97 -35.16 8.52
C GLY I 227 -26.49 -34.31 9.67
N GLN I 228 -26.09 -34.65 10.88
CA GLN I 228 -26.40 -33.85 12.06
C GLN I 228 -25.13 -33.09 12.46
N ASP I 229 -25.20 -31.77 12.43
CA ASP I 229 -24.04 -30.97 12.77
C ASP I 229 -23.80 -31.03 14.28
N LEU I 230 -22.63 -30.52 14.68
CA LEU I 230 -22.19 -30.58 16.07
C LEU I 230 -23.25 -30.01 17.01
N SER I 231 -23.68 -30.82 17.97
CA SER I 231 -24.77 -30.47 18.86
C SER I 231 -24.42 -30.91 20.28
N ILE I 232 -25.03 -30.23 21.24
CA ILE I 232 -24.92 -30.60 22.65
C ILE I 232 -26.26 -31.16 23.09
N GLY I 233 -26.25 -32.41 23.56
CA GLY I 233 -27.44 -33.07 24.03
C GLY I 233 -27.32 -33.48 25.50
N TYR I 234 -28.46 -33.80 26.08
CA TYR I 234 -28.55 -34.23 27.46
C TYR I 234 -28.76 -35.74 27.53
N ALA I 235 -28.03 -36.41 28.42
CA ALA I 235 -28.17 -37.84 28.60
C ALA I 235 -28.83 -38.22 29.92
N PHE I 236 -28.31 -37.71 31.03
CA PHE I 236 -28.73 -38.16 32.36
C PHE I 236 -28.22 -37.16 33.39
N HIS I 237 -28.77 -37.26 34.60
CA HIS I 237 -28.26 -36.44 35.70
C HIS I 237 -28.61 -37.11 37.03
N ASP I 238 -27.67 -37.03 37.96
CA ASP I 238 -27.88 -37.35 39.36
C ASP I 238 -28.13 -36.06 40.13
N ARG I 239 -28.07 -36.14 41.47
CA ARG I 239 -28.32 -34.97 42.30
C ARG I 239 -27.30 -33.87 42.05
N SER I 240 -26.04 -34.23 41.82
CA SER I 240 -24.96 -33.25 41.75
C SER I 240 -24.31 -33.12 40.38
N LYS I 241 -24.43 -34.11 39.51
CA LYS I 241 -23.78 -34.10 38.22
C LYS I 241 -24.81 -34.24 37.11
N VAL I 242 -24.56 -33.59 35.98
CA VAL I 242 -25.37 -33.74 34.79
C VAL I 242 -24.48 -34.25 33.66
N GLU I 243 -24.96 -35.28 32.96
CA GLU I 243 -24.22 -35.88 31.87
C GLU I 243 -24.75 -35.35 30.54
N LEU I 244 -23.89 -34.72 29.78
CA LEU I 244 -24.20 -34.20 28.46
C LEU I 244 -23.31 -34.90 27.43
N PHE I 245 -23.54 -34.61 26.16
CA PHE I 245 -22.70 -35.17 25.12
C PHE I 245 -22.61 -34.19 23.97
N VAL I 246 -21.51 -34.30 23.24
CA VAL I 246 -21.37 -33.70 21.92
C VAL I 246 -21.73 -34.77 20.90
N ALA I 247 -22.53 -34.41 19.91
CA ALA I 247 -22.99 -35.36 18.91
C ALA I 247 -22.79 -34.78 17.52
N GLU I 248 -22.49 -35.67 16.58
CA GLU I 248 -22.35 -35.30 15.19
C GLU I 248 -22.55 -36.55 14.33
N SER I 249 -23.00 -36.36 13.11
CA SER I 249 -23.03 -37.44 12.13
C SER I 249 -22.39 -36.93 10.85
N PHE I 250 -21.48 -37.72 10.29
CA PHE I 250 -20.69 -37.24 9.16
C PHE I 250 -20.06 -38.42 8.44
N THR I 251 -19.57 -38.14 7.24
CA THR I 251 -18.68 -39.02 6.52
C THR I 251 -17.78 -38.16 5.64
N PHE I 252 -16.68 -38.74 5.20
CA PHE I 252 -15.71 -38.01 4.39
C PHE I 252 -15.29 -38.85 3.19
N ARG I 253 -15.24 -38.21 2.03
CA ARG I 253 -14.89 -38.86 0.79
C ARG I 253 -13.71 -38.15 0.13
N VAL I 254 -12.78 -38.95 -0.39
CA VAL I 254 -11.65 -38.46 -1.17
C VAL I 254 -12.02 -38.66 -2.64
N LEU I 255 -12.46 -37.58 -3.29
CA LEU I 255 -12.86 -37.67 -4.69
C LEU I 255 -11.65 -37.78 -5.62
N GLU I 256 -10.61 -36.99 -5.38
CA GLU I 256 -9.38 -37.02 -6.19
C GLU I 256 -8.20 -37.29 -5.28
N PRO I 257 -7.66 -38.52 -5.27
CA PRO I 257 -6.60 -38.85 -4.31
C PRO I 257 -5.31 -38.10 -4.51
N GLY I 258 -5.05 -37.55 -5.69
CA GLY I 258 -3.77 -36.97 -6.00
C GLY I 258 -3.61 -35.49 -5.70
N ALA I 259 -4.55 -34.88 -4.98
CA ALA I 259 -4.53 -33.45 -4.76
C ALA I 259 -3.76 -33.04 -3.51
N ALA I 260 -2.98 -33.93 -2.92
CA ALA I 260 -2.23 -33.60 -1.72
C ALA I 260 -0.92 -34.36 -1.67
N VAL I 261 0.04 -33.78 -0.96
CA VAL I 261 1.36 -34.38 -0.74
C VAL I 261 1.67 -34.30 0.75
N HIS I 262 2.08 -35.43 1.32
CA HIS I 262 2.42 -35.52 2.74
C HIS I 262 3.89 -35.19 2.97
N LEU I 263 4.15 -34.41 4.01
CA LEU I 263 5.51 -34.09 4.46
C LEU I 263 5.73 -34.81 5.79
N ARG I 264 6.73 -35.67 5.85
CA ARG I 264 6.90 -36.54 7.01
C ARG I 264 7.63 -35.75 8.10
N TYR I 265 8.15 -36.47 9.10
CA TYR I 265 8.55 -35.97 10.41
C TYR I 265 9.22 -34.60 10.33
N ALA I 266 8.64 -33.63 11.01
CA ALA I 266 9.04 -32.23 10.86
C ALA I 266 10.42 -31.96 11.43
N MET J 1 -29.71 -29.47 -36.34
CA MET J 1 -28.58 -30.37 -36.32
C MET J 1 -27.39 -29.78 -37.07
N ASP J 2 -26.39 -29.33 -36.33
CA ASP J 2 -25.19 -28.76 -36.91
C ASP J 2 -24.16 -29.87 -37.17
N LEU J 3 -22.94 -29.47 -37.51
CA LEU J 3 -21.89 -30.44 -37.80
C LEU J 3 -21.44 -31.23 -36.57
N LEU J 4 -21.74 -30.74 -35.36
CA LEU J 4 -21.33 -31.47 -34.16
C LEU J 4 -22.20 -32.69 -33.90
N LYS J 5 -23.45 -32.68 -34.38
CA LYS J 5 -24.32 -33.87 -34.36
C LYS J 5 -24.50 -34.42 -32.95
N ARG J 6 -24.62 -33.53 -31.97
CA ARG J 6 -24.59 -33.96 -30.58
C ARG J 6 -25.87 -34.68 -30.18
N HIS J 7 -26.99 -34.37 -30.82
CA HIS J 7 -28.25 -35.03 -30.48
C HIS J 7 -28.25 -36.51 -30.84
N LEU J 8 -27.33 -36.96 -31.68
CA LEU J 8 -27.22 -38.37 -32.01
C LEU J 8 -26.42 -39.18 -30.98
N ALA J 9 -25.72 -38.52 -30.07
CA ALA J 9 -24.90 -39.24 -29.12
C ALA J 9 -25.75 -39.86 -28.01
N PRO J 10 -25.43 -41.05 -27.55
CA PRO J 10 -26.13 -41.66 -26.40
C PRO J 10 -25.65 -41.08 -25.07
N ILE J 11 -25.76 -39.76 -24.93
CA ILE J 11 -25.22 -39.03 -23.80
C ILE J 11 -26.34 -38.18 -23.21
N VAL J 12 -26.53 -38.27 -21.90
CA VAL J 12 -27.55 -37.47 -21.21
C VAL J 12 -27.05 -36.04 -21.11
N PRO J 13 -27.94 -35.04 -20.99
CA PRO J 13 -27.48 -33.64 -21.00
C PRO J 13 -26.47 -33.29 -19.92
N ASP J 14 -26.61 -33.85 -18.72
CA ASP J 14 -25.66 -33.54 -17.65
C ASP J 14 -24.28 -34.11 -17.95
N ALA J 15 -24.21 -35.26 -18.60
CA ALA J 15 -22.92 -35.78 -19.03
C ALA J 15 -22.28 -34.88 -20.09
N TRP J 16 -23.10 -34.32 -20.98
CA TRP J 16 -22.59 -33.32 -21.93
C TRP J 16 -22.04 -32.11 -21.19
N SER J 17 -22.75 -31.65 -20.15
CA SER J 17 -22.27 -30.53 -19.37
C SER J 17 -20.93 -30.85 -18.70
N ALA J 18 -20.79 -32.05 -18.15
CA ALA J 18 -19.53 -32.43 -17.51
C ALA J 18 -18.39 -32.48 -18.51
N ILE J 19 -18.63 -33.05 -19.69
CA ILE J 19 -17.60 -33.12 -20.73
C ILE J 19 -17.17 -31.71 -21.14
N ASP J 20 -18.16 -30.83 -21.35
CA ASP J 20 -17.87 -29.47 -21.76
C ASP J 20 -17.08 -28.73 -20.68
N GLU J 21 -17.44 -28.92 -19.41
CA GLU J 21 -16.70 -28.26 -18.34
C GLU J 21 -15.26 -28.74 -18.26
N GLU J 22 -15.05 -30.05 -18.39
CA GLU J 22 -13.67 -30.57 -18.37
C GLU J 22 -12.84 -29.94 -19.48
N ALA J 23 -13.37 -29.96 -20.71
CA ALA J 23 -12.63 -29.37 -21.83
C ALA J 23 -12.42 -27.87 -21.62
N LYS J 24 -13.44 -27.18 -21.13
CA LYS J 24 -13.36 -25.72 -20.97
C LYS J 24 -12.31 -25.34 -19.96
N GLU J 25 -12.25 -26.04 -18.82
CA GLU J 25 -11.23 -25.71 -17.84
C GLU J 25 -9.84 -26.03 -18.36
N ILE J 26 -9.66 -27.14 -19.09
CA ILE J 26 -8.35 -27.40 -19.69
C ILE J 26 -7.95 -26.27 -20.62
N PHE J 27 -8.87 -25.84 -21.49
CA PHE J 27 -8.54 -24.82 -22.48
C PHE J 27 -8.23 -23.48 -21.83
N GLN J 28 -9.04 -23.07 -20.86
CA GLN J 28 -8.77 -21.82 -20.16
C GLN J 28 -7.46 -21.90 -19.38
N GLY J 29 -7.06 -23.09 -18.95
CA GLY J 29 -5.81 -23.21 -18.24
C GLY J 29 -4.58 -23.23 -19.11
N HIS J 30 -4.68 -23.74 -20.34
CA HIS J 30 -3.48 -24.09 -21.09
C HIS J 30 -3.30 -23.37 -22.42
N LEU J 31 -4.29 -22.61 -22.91
CA LEU J 31 -4.16 -21.98 -24.22
C LEU J 31 -3.25 -20.77 -24.11
N ALA J 32 -1.97 -20.95 -24.41
CA ALA J 32 -1.00 -19.88 -24.22
C ALA J 32 -1.14 -18.80 -25.29
N GLY J 33 -1.28 -19.19 -26.55
CA GLY J 33 -1.29 -18.20 -27.62
C GLY J 33 -2.47 -17.24 -27.55
N ARG J 34 -3.63 -17.75 -27.13
CA ARG J 34 -4.85 -16.94 -27.11
C ARG J 34 -4.75 -15.79 -26.11
N LYS J 35 -3.94 -15.93 -25.08
CA LYS J 35 -3.80 -14.90 -24.07
C LYS J 35 -2.66 -13.94 -24.37
N LEU J 36 -2.08 -14.03 -25.57
CA LEU J 36 -1.03 -13.11 -25.99
C LEU J 36 -1.42 -12.33 -27.25
N VAL J 37 -1.81 -13.01 -28.31
CA VAL J 37 -2.01 -12.40 -29.62
C VAL J 37 -3.39 -11.76 -29.74
N ASP J 38 -3.59 -10.97 -30.80
CA ASP J 38 -4.90 -10.40 -31.08
C ASP J 38 -5.83 -11.47 -31.65
N PHE J 39 -7.13 -11.30 -31.42
CA PHE J 39 -8.11 -12.35 -31.65
C PHE J 39 -9.21 -11.85 -32.58
N ARG J 40 -9.42 -12.55 -33.68
CA ARG J 40 -10.50 -12.30 -34.63
C ARG J 40 -11.45 -13.49 -34.65
N GLY J 41 -12.75 -13.21 -34.66
CA GLY J 41 -13.75 -14.24 -34.70
C GLY J 41 -14.37 -14.50 -33.35
N PRO J 42 -15.06 -15.65 -33.20
CA PRO J 42 -15.26 -16.68 -34.22
C PRO J 42 -16.26 -16.30 -35.31
N PHE J 43 -16.10 -16.85 -36.50
CA PHE J 43 -16.98 -16.54 -37.62
C PHE J 43 -17.83 -17.71 -38.09
N GLY J 44 -17.66 -18.89 -37.53
CA GLY J 44 -18.49 -20.02 -37.85
C GLY J 44 -17.85 -20.97 -38.86
N TRP J 45 -18.63 -21.97 -39.24
CA TRP J 45 -18.14 -23.09 -40.04
C TRP J 45 -17.86 -22.72 -41.49
N GLU J 46 -18.44 -21.64 -42.00
CA GLU J 46 -18.27 -21.31 -43.41
C GLU J 46 -17.24 -20.22 -43.66
N TYR J 47 -16.64 -19.66 -42.62
CA TYR J 47 -15.49 -18.78 -42.82
C TYR J 47 -14.30 -19.63 -43.27
N ALA J 48 -13.81 -19.35 -44.47
CA ALA J 48 -12.81 -20.22 -45.08
C ALA J 48 -11.41 -19.64 -45.12
N ALA J 49 -11.26 -18.32 -45.19
CA ALA J 49 -9.93 -17.76 -45.35
C ALA J 49 -9.91 -16.30 -44.93
N VAL J 50 -8.73 -15.82 -44.57
CA VAL J 50 -8.52 -14.45 -44.14
C VAL J 50 -8.05 -13.62 -45.33
N ASN J 51 -8.78 -12.55 -45.62
CA ASN J 51 -8.37 -11.62 -46.68
C ASN J 51 -7.22 -10.75 -46.18
N THR J 52 -6.09 -10.82 -46.87
CA THR J 52 -4.93 -10.02 -46.49
C THR J 52 -4.93 -8.63 -47.11
N GLY J 53 -5.72 -8.42 -48.16
CA GLY J 53 -5.73 -7.14 -48.86
C GLY J 53 -4.59 -6.93 -49.82
N GLU J 54 -3.72 -7.92 -50.01
CA GLU J 54 -2.60 -7.80 -50.93
C GLU J 54 -2.96 -8.39 -52.29
N LEU J 55 -2.25 -7.92 -53.31
CA LEU J 55 -2.34 -8.43 -54.66
C LEU J 55 -0.98 -8.95 -55.08
N ARG J 56 -0.98 -10.00 -55.89
CA ARG J 56 0.25 -10.52 -56.46
C ARG J 56 0.18 -10.43 -57.97
N PRO J 57 1.20 -9.89 -58.62
CA PRO J 57 1.19 -9.78 -60.08
C PRO J 57 1.27 -11.14 -60.74
N ILE J 58 0.66 -11.23 -61.92
CA ILE J 58 0.74 -12.41 -62.77
C ILE J 58 1.58 -12.06 -63.97
N ASP J 59 2.59 -12.89 -64.25
CA ASP J 59 3.58 -12.55 -65.28
C ASP J 59 2.99 -12.67 -66.68
N ASP J 60 2.52 -13.86 -67.07
CA ASP J 60 2.07 -14.11 -68.43
C ASP J 60 0.71 -13.46 -68.64
N THR J 61 0.74 -12.16 -68.93
CA THR J 61 -0.45 -11.40 -69.24
C THR J 61 -0.23 -10.58 -70.51
N PRO J 62 -1.28 -10.33 -71.27
CA PRO J 62 -1.15 -9.51 -72.48
C PRO J 62 -0.78 -8.07 -72.13
N GLU J 63 -0.29 -7.37 -73.16
CA GLU J 63 0.16 -6.00 -72.95
C GLU J 63 -0.98 -5.04 -72.64
N ASP J 64 -2.17 -5.31 -73.18
CA ASP J 64 -3.31 -4.43 -72.96
C ASP J 64 -4.07 -4.73 -71.68
N VAL J 65 -3.65 -5.72 -70.91
CA VAL J 65 -4.35 -6.14 -69.70
C VAL J 65 -3.37 -6.21 -68.55
N ASP J 66 -3.76 -5.66 -67.41
CA ASP J 66 -3.04 -5.80 -66.16
C ASP J 66 -3.88 -6.69 -65.26
N MET J 67 -3.33 -7.83 -64.85
CA MET J 67 -4.05 -8.80 -64.04
C MET J 67 -3.27 -9.10 -62.78
N LYS J 68 -3.97 -9.15 -61.65
CA LYS J 68 -3.37 -9.50 -60.37
C LYS J 68 -4.30 -10.44 -59.62
N LEU J 69 -3.70 -11.32 -58.83
CA LEU J 69 -4.46 -12.27 -58.03
C LEU J 69 -4.51 -11.81 -56.58
N ARG J 70 -5.68 -11.90 -55.97
CA ARG J 70 -5.82 -11.52 -54.58
C ARG J 70 -5.24 -12.59 -53.69
N GLN J 71 -4.55 -12.16 -52.63
CA GLN J 71 -3.87 -13.07 -51.71
C GLN J 71 -4.72 -13.27 -50.48
N VAL J 72 -4.83 -14.53 -50.06
CA VAL J 72 -5.71 -14.89 -48.95
C VAL J 72 -5.03 -16.01 -48.18
N GLN J 73 -5.36 -16.13 -46.89
CA GLN J 73 -4.78 -17.19 -46.06
C GLN J 73 -5.86 -18.16 -45.60
N PRO J 74 -5.93 -19.35 -46.18
CA PRO J 74 -6.99 -20.30 -45.80
C PRO J 74 -6.82 -20.80 -44.37
N LEU J 75 -7.95 -21.05 -43.73
CA LEU J 75 -7.96 -21.59 -42.38
C LEU J 75 -7.73 -23.09 -42.40
N ALA J 76 -7.18 -23.60 -41.31
CA ALA J 76 -7.05 -25.03 -41.08
C ALA J 76 -8.12 -25.49 -40.11
N GLU J 77 -8.71 -26.64 -40.38
CA GLU J 77 -9.66 -27.28 -39.48
C GLU J 77 -8.98 -28.46 -38.80
N VAL J 78 -9.01 -28.47 -37.47
CA VAL J 78 -8.33 -29.45 -36.65
C VAL J 78 -9.36 -30.21 -35.84
N ARG J 79 -9.27 -31.54 -35.89
CA ARG J 79 -10.13 -32.42 -35.10
C ARG J 79 -9.27 -33.40 -34.34
N VAL J 80 -9.47 -33.48 -33.03
CA VAL J 80 -8.79 -34.40 -32.15
C VAL J 80 -9.82 -35.39 -31.62
N PRO J 81 -9.82 -36.64 -32.08
CA PRO J 81 -10.76 -37.62 -31.55
C PRO J 81 -10.41 -38.05 -30.13
N PHE J 82 -11.44 -38.51 -29.42
CA PHE J 82 -11.26 -39.16 -28.13
C PHE J 82 -12.46 -40.06 -27.89
N THR J 83 -12.34 -40.94 -26.90
CA THR J 83 -13.37 -41.92 -26.62
C THR J 83 -13.73 -41.89 -25.15
N LEU J 84 -15.00 -42.16 -24.85
CA LEU J 84 -15.49 -42.22 -23.49
C LEU J 84 -16.32 -43.49 -23.31
N ASP J 85 -16.37 -43.94 -22.06
CA ASP J 85 -17.18 -45.10 -21.71
C ASP J 85 -18.62 -44.68 -21.49
N VAL J 86 -19.55 -45.42 -22.11
CA VAL J 86 -20.96 -45.04 -22.03
C VAL J 86 -21.48 -45.22 -20.61
N THR J 87 -21.04 -46.25 -19.89
CA THR J 87 -21.51 -46.47 -18.54
C THR J 87 -21.03 -45.36 -17.60
N GLU J 88 -19.81 -44.89 -17.78
CA GLU J 88 -19.32 -43.79 -16.97
C GLU J 88 -20.15 -42.53 -17.18
N LEU J 89 -20.57 -42.29 -18.42
CA LEU J 89 -21.43 -41.14 -18.70
C LEU J 89 -22.84 -41.36 -18.16
N ASP J 90 -23.31 -42.61 -18.16
CA ASP J 90 -24.62 -42.92 -17.60
C ASP J 90 -24.64 -42.68 -16.10
N SER J 91 -23.52 -42.95 -15.43
CA SER J 91 -23.47 -42.78 -13.98
C SER J 91 -23.76 -41.34 -13.55
N VAL J 92 -23.54 -40.37 -14.44
CA VAL J 92 -23.89 -38.99 -14.14
C VAL J 92 -25.37 -38.86 -13.85
N ALA J 93 -26.20 -39.60 -14.60
CA ALA J 93 -27.64 -39.57 -14.38
C ALA J 93 -28.05 -40.16 -13.04
N ARG J 94 -27.22 -41.01 -12.45
CA ARG J 94 -27.51 -41.58 -11.13
C ARG J 94 -26.93 -40.74 -9.99
N GLY J 95 -26.37 -39.58 -10.29
CA GLY J 95 -25.84 -38.70 -9.27
C GLY J 95 -24.35 -38.74 -9.07
N ALA J 96 -23.61 -39.49 -9.90
CA ALA J 96 -22.16 -39.51 -9.79
C ALA J 96 -21.59 -38.15 -10.17
N THR J 97 -20.61 -37.69 -9.39
CA THR J 97 -20.02 -36.37 -9.59
C THR J 97 -18.64 -36.41 -10.22
N ASN J 98 -18.00 -37.57 -10.29
CA ASN J 98 -16.65 -37.69 -10.84
C ASN J 98 -16.58 -38.85 -11.83
N PRO J 99 -17.24 -38.71 -12.98
CA PRO J 99 -17.06 -39.71 -14.05
C PRO J 99 -15.67 -39.62 -14.64
N ASP J 100 -15.22 -40.74 -15.19
CA ASP J 100 -13.89 -40.83 -15.80
C ASP J 100 -13.89 -40.07 -17.13
N LEU J 101 -13.29 -38.88 -17.13
CA LEU J 101 -13.20 -38.04 -18.31
C LEU J 101 -11.74 -37.76 -18.66
N ASP J 102 -10.89 -38.77 -18.50
CA ASP J 102 -9.46 -38.60 -18.74
C ASP J 102 -9.17 -38.31 -20.20
N ASP J 103 -9.83 -39.02 -21.11
CA ASP J 103 -9.55 -38.83 -22.52
C ASP J 103 -10.02 -37.46 -23.01
N VAL J 104 -11.00 -36.85 -22.34
CA VAL J 104 -11.37 -35.48 -22.66
C VAL J 104 -10.20 -34.54 -22.42
N ALA J 105 -9.57 -34.65 -21.25
CA ALA J 105 -8.41 -33.82 -20.95
C ALA J 105 -7.26 -34.11 -21.90
N ARG J 106 -7.05 -35.38 -22.23
CA ARG J 106 -6.01 -35.74 -23.19
C ARG J 106 -6.24 -35.07 -24.55
N ALA J 107 -7.45 -35.18 -25.08
CA ALA J 107 -7.75 -34.57 -26.38
C ALA J 107 -7.64 -33.06 -26.31
N ALA J 108 -8.10 -32.46 -25.22
CA ALA J 108 -8.05 -31.01 -25.10
C ALA J 108 -6.61 -30.50 -25.07
N GLU J 109 -5.72 -31.20 -24.34
CA GLU J 109 -4.33 -30.77 -24.34
C GLU J 109 -3.66 -31.05 -25.68
N ARG J 110 -4.10 -32.08 -26.40
CA ARG J 110 -3.60 -32.29 -27.75
C ARG J 110 -3.98 -31.14 -28.67
N MET J 111 -5.23 -30.65 -28.56
CA MET J 111 -5.65 -29.49 -29.33
C MET J 111 -4.87 -28.24 -28.93
N VAL J 112 -4.64 -28.06 -27.64
CA VAL J 112 -3.83 -26.94 -27.16
C VAL J 112 -2.44 -27.01 -27.77
N GLU J 113 -1.85 -28.21 -27.79
CA GLU J 113 -0.55 -28.39 -28.41
C GLU J 113 -0.57 -27.98 -29.87
N ALA J 114 -1.58 -28.44 -30.62
CA ALA J 114 -1.65 -28.09 -32.04
C ALA J 114 -1.72 -26.58 -32.24
N GLU J 115 -2.62 -25.92 -31.54
CA GLU J 115 -2.81 -24.48 -31.74
C GLU J 115 -1.57 -23.69 -31.33
N ASP J 116 -1.04 -23.97 -30.13
CA ASP J 116 0.10 -23.19 -29.64
C ASP J 116 1.36 -23.49 -30.43
N SER J 117 1.53 -24.74 -30.89
CA SER J 117 2.66 -25.06 -31.74
C SER J 117 2.59 -24.30 -33.06
N ALA J 118 1.39 -24.18 -33.63
CA ALA J 118 1.24 -23.36 -34.82
C ALA J 118 1.58 -21.91 -34.54
N ILE J 119 1.10 -21.37 -33.42
CA ILE J 119 1.30 -19.94 -33.14
C ILE J 119 2.77 -19.63 -32.90
N PHE J 120 3.47 -20.44 -32.11
CA PHE J 120 4.83 -20.09 -31.71
C PHE J 120 5.88 -20.55 -32.71
N HIS J 121 5.79 -21.79 -33.19
CA HIS J 121 6.82 -22.36 -34.06
C HIS J 121 6.35 -22.60 -35.48
N GLY J 122 5.18 -22.10 -35.84
CA GLY J 122 4.69 -22.21 -37.20
C GLY J 122 4.15 -23.59 -37.51
N TRP J 123 3.48 -23.67 -38.65
CA TRP J 123 2.93 -24.93 -39.16
C TRP J 123 2.94 -24.82 -40.68
N ALA J 124 4.02 -25.34 -41.29
CA ALA J 124 4.28 -25.07 -42.70
C ALA J 124 3.26 -25.74 -43.61
N GLN J 125 2.73 -26.90 -43.21
CA GLN J 125 1.74 -27.57 -44.04
C GLN J 125 0.43 -26.80 -44.06
N ALA J 126 0.17 -25.98 -43.05
CA ALA J 126 -1.00 -25.12 -43.03
C ALA J 126 -0.71 -23.70 -43.52
N GLY J 127 0.50 -23.45 -44.01
CA GLY J 127 0.87 -22.11 -44.42
C GLY J 127 0.88 -21.10 -43.30
N ILE J 128 1.27 -21.50 -42.09
CA ILE J 128 1.34 -20.61 -40.95
C ILE J 128 2.80 -20.44 -40.56
N LYS J 129 3.19 -19.21 -40.26
CA LYS J 129 4.51 -18.89 -39.73
C LYS J 129 4.38 -18.47 -38.28
N GLY J 130 5.19 -19.06 -37.43
CA GLY J 130 5.11 -18.79 -36.01
C GLY J 130 5.78 -17.49 -35.61
N ILE J 131 5.58 -17.13 -34.35
CA ILE J 131 6.23 -15.95 -33.81
C ILE J 131 7.74 -16.16 -33.77
N VAL J 132 8.18 -17.33 -33.32
CA VAL J 132 9.61 -17.57 -33.11
C VAL J 132 10.34 -17.67 -34.44
N ASP J 133 9.79 -18.41 -35.39
CA ASP J 133 10.51 -18.66 -36.64
C ASP J 133 10.45 -17.49 -37.62
N SER J 134 9.70 -16.43 -37.30
CA SER J 134 9.60 -15.27 -38.17
C SER J 134 10.35 -14.05 -37.65
N THR J 135 10.85 -14.09 -36.42
CA THR J 135 11.51 -12.92 -35.87
C THR J 135 12.88 -12.72 -36.53
N PRO J 136 13.21 -11.51 -36.99
CA PRO J 136 14.54 -11.27 -37.57
C PRO J 136 15.63 -11.10 -36.53
N HIS J 137 15.28 -10.86 -35.28
CA HIS J 137 16.27 -10.63 -34.23
C HIS J 137 17.04 -11.91 -33.92
N GLU J 138 18.26 -11.73 -33.42
CA GLU J 138 19.07 -12.86 -33.01
C GLU J 138 18.54 -13.43 -31.70
N ALA J 139 18.58 -14.76 -31.59
CA ALA J 139 18.04 -15.45 -30.43
C ALA J 139 19.07 -15.41 -29.30
N LEU J 140 18.72 -14.75 -28.20
CA LEU J 140 19.58 -14.71 -27.04
C LEU J 140 19.77 -16.12 -26.49
N ALA J 141 21.03 -16.51 -26.29
CA ALA J 141 21.35 -17.82 -25.72
C ALA J 141 21.50 -17.66 -24.22
N VAL J 142 20.48 -18.08 -23.48
CA VAL J 142 20.53 -18.04 -22.02
C VAL J 142 21.36 -19.22 -21.52
N ALA J 143 22.33 -18.94 -20.67
CA ALA J 143 23.26 -19.97 -20.20
C ALA J 143 22.76 -20.68 -18.95
N SER J 144 22.18 -19.95 -18.00
CA SER J 144 21.79 -20.53 -16.73
C SER J 144 20.56 -19.82 -16.21
N VAL J 145 19.94 -20.42 -15.18
CA VAL J 145 18.68 -19.93 -14.65
C VAL J 145 18.81 -18.50 -14.13
N SER J 146 20.01 -18.10 -13.72
CA SER J 146 20.24 -16.76 -13.21
C SER J 146 20.49 -15.74 -14.32
N ASP J 147 20.67 -16.19 -15.57
CA ASP J 147 20.88 -15.26 -16.67
C ASP J 147 19.58 -14.64 -17.17
N PHE J 148 18.43 -15.23 -16.80
CA PHE J 148 17.15 -14.70 -17.25
C PHE J 148 16.92 -13.25 -16.85
N PRO J 149 17.14 -12.84 -15.59
CA PRO J 149 16.89 -11.42 -15.25
C PRO J 149 17.72 -10.46 -16.06
N ARG J 150 18.89 -10.88 -16.55
CA ARG J 150 19.64 -10.06 -17.48
C ARG J 150 19.07 -10.18 -18.89
N ALA J 151 18.95 -11.41 -19.38
CA ALA J 151 18.59 -11.65 -20.78
C ALA J 151 17.34 -10.89 -21.18
N VAL J 152 16.30 -10.97 -20.35
CA VAL J 152 15.03 -10.29 -20.67
C VAL J 152 15.27 -8.83 -20.97
N LEU J 153 15.98 -8.13 -20.07
CA LEU J 153 16.29 -6.73 -20.31
C LEU J 153 16.94 -6.54 -21.67
N SER J 154 17.96 -7.36 -21.96
CA SER J 154 18.60 -7.29 -23.27
C SER J 154 17.57 -7.42 -24.37
N ALA J 155 16.76 -8.48 -24.31
CA ALA J 155 15.71 -8.67 -25.31
C ALA J 155 14.80 -7.46 -25.34
N ALA J 156 14.37 -6.98 -24.17
CA ALA J 156 13.50 -5.82 -24.13
C ALA J 156 14.18 -4.64 -24.81
N ASP J 157 15.46 -4.45 -24.53
CA ASP J 157 16.22 -3.38 -25.18
C ASP J 157 16.11 -3.52 -26.69
N THR J 158 16.38 -4.73 -27.20
CA THR J 158 16.28 -4.96 -28.64
C THR J 158 14.91 -4.54 -29.15
N LEU J 159 13.86 -4.89 -28.42
CA LEU J 159 12.51 -4.57 -28.87
C LEU J 159 12.32 -3.07 -28.97
N ARG J 160 12.82 -2.31 -28.00
CA ARG J 160 12.71 -0.86 -28.09
C ARG J 160 13.74 -0.27 -29.04
N LYS J 161 14.79 -1.01 -29.37
CA LYS J 161 15.74 -0.54 -30.37
C LYS J 161 15.11 -0.54 -31.76
N ALA J 162 14.47 -1.65 -32.13
CA ALA J 162 13.86 -1.78 -33.44
C ALA J 162 12.61 -0.93 -33.61
N GLY J 163 12.11 -0.33 -32.53
CA GLY J 163 10.93 0.52 -32.60
C GLY J 163 9.65 -0.08 -32.06
N VAL J 164 9.73 -1.19 -31.34
CA VAL J 164 8.54 -1.88 -30.85
C VAL J 164 8.32 -1.47 -29.41
N THR J 165 7.28 -0.69 -29.17
CA THR J 165 6.96 -0.16 -27.84
C THR J 165 5.99 -1.09 -27.13
N GLY J 166 5.40 -0.61 -26.05
CA GLY J 166 4.35 -1.32 -25.36
C GLY J 166 4.88 -2.29 -24.33
N PRO J 167 3.99 -2.77 -23.45
CA PRO J 167 4.40 -3.76 -22.45
C PRO J 167 4.92 -5.01 -23.13
N TYR J 168 5.93 -5.62 -22.52
CA TYR J 168 6.57 -6.80 -23.06
C TYR J 168 6.27 -7.99 -22.16
N ALA J 169 5.60 -8.99 -22.72
CA ALA J 169 5.28 -10.21 -22.01
C ALA J 169 6.41 -11.22 -22.15
N LEU J 170 6.63 -11.99 -21.09
CA LEU J 170 7.55 -13.10 -21.09
C LEU J 170 6.77 -14.40 -21.19
N VAL J 171 7.17 -15.25 -22.14
CA VAL J 171 6.54 -16.53 -22.38
C VAL J 171 7.59 -17.59 -22.11
N LEU J 172 7.27 -18.53 -21.23
CA LEU J 172 8.23 -19.54 -20.78
C LEU J 172 7.78 -20.92 -21.25
N GLY J 173 8.70 -21.64 -21.87
CA GLY J 173 8.47 -23.02 -22.18
C GLY J 173 8.42 -23.87 -20.92
N PRO J 174 8.31 -25.19 -21.10
CA PRO J 174 8.18 -26.08 -19.94
C PRO J 174 9.39 -26.05 -19.02
N LYS J 175 10.57 -26.31 -19.56
CA LYS J 175 11.77 -26.35 -18.73
C LYS J 175 12.05 -24.99 -18.10
N ALA J 176 11.88 -23.91 -18.86
CA ALA J 176 12.16 -22.58 -18.35
C ALA J 176 11.24 -22.24 -17.18
N TYR J 177 9.95 -22.54 -17.32
CA TYR J 177 9.02 -22.32 -16.22
C TYR J 177 9.39 -23.17 -15.01
N ASP J 178 9.70 -24.45 -15.24
CA ASP J 178 10.06 -25.34 -14.14
C ASP J 178 11.28 -24.82 -13.39
N ASP J 179 12.32 -24.43 -14.12
CA ASP J 179 13.59 -24.05 -13.48
C ASP J 179 13.50 -22.68 -12.85
N LEU J 180 12.76 -21.76 -13.44
CA LEU J 180 12.68 -20.40 -12.90
C LEU J 180 11.59 -20.24 -11.85
N PHE J 181 10.71 -21.24 -11.68
CA PHE J 181 9.75 -21.19 -10.59
C PHE J 181 10.03 -22.20 -9.49
N ALA J 182 10.89 -23.19 -9.74
CA ALA J 182 11.42 -24.04 -8.69
C ALA J 182 12.69 -23.47 -8.07
N ALA J 183 12.89 -22.16 -8.18
CA ALA J 183 14.11 -21.50 -7.72
C ALA J 183 13.78 -20.49 -6.64
N THR J 184 14.70 -20.32 -5.70
CA THR J 184 14.56 -19.36 -4.62
C THR J 184 15.94 -18.98 -4.12
N GLN J 185 16.18 -17.68 -3.95
CA GLN J 185 17.50 -17.18 -3.58
C GLN J 185 17.56 -17.04 -2.06
N ASP J 186 17.70 -18.19 -1.39
CA ASP J 186 17.86 -18.24 0.06
C ASP J 186 16.75 -17.48 0.78
N GLY J 187 15.53 -17.61 0.28
CA GLY J 187 14.41 -16.90 0.85
C GLY J 187 13.91 -15.78 -0.03
N TYR J 188 14.84 -15.04 -0.62
CA TYR J 188 14.48 -13.93 -1.50
C TYR J 188 13.91 -14.46 -2.81
N PRO J 189 12.75 -13.98 -3.24
CA PRO J 189 12.11 -14.53 -4.43
C PRO J 189 12.77 -14.05 -5.72
N VAL J 190 12.79 -14.94 -6.71
CA VAL J 190 13.33 -14.63 -8.03
C VAL J 190 12.22 -14.36 -9.05
N ALA J 191 11.18 -15.20 -9.05
CA ALA J 191 10.08 -15.00 -9.99
C ALA J 191 9.41 -13.66 -9.76
N LYS J 192 9.32 -13.22 -8.50
CA LYS J 192 8.82 -11.88 -8.22
C LYS J 192 9.64 -10.83 -8.93
N GLN J 193 10.96 -10.96 -8.91
CA GLN J 193 11.81 -10.07 -9.69
C GLN J 193 11.49 -10.16 -11.17
N VAL J 194 11.22 -11.38 -11.66
CA VAL J 194 10.95 -11.56 -13.08
C VAL J 194 9.70 -10.77 -13.49
N GLN J 195 8.60 -10.92 -12.74
CA GLN J 195 7.43 -10.09 -13.06
C GLN J 195 7.70 -8.61 -12.84
N ARG J 196 8.54 -8.27 -11.87
CA ARG J 196 8.87 -6.86 -11.65
C ARG J 196 9.58 -6.25 -12.85
N LEU J 197 10.37 -7.06 -13.57
CA LEU J 197 11.14 -6.55 -14.69
C LEU J 197 10.24 -6.02 -15.79
N VAL J 198 9.26 -6.81 -16.23
CA VAL J 198 8.41 -6.44 -17.35
C VAL J 198 7.42 -5.38 -16.90
N VAL J 199 7.33 -4.30 -17.67
CA VAL J 199 6.50 -3.14 -17.32
C VAL J 199 5.04 -3.52 -17.60
N ASP J 200 4.30 -3.83 -16.53
CA ASP J 200 2.93 -4.32 -16.56
C ASP J 200 2.68 -5.33 -17.69
N GLY J 201 3.65 -6.21 -17.92
CA GLY J 201 3.51 -7.27 -18.89
C GLY J 201 3.23 -8.60 -18.23
N PRO J 202 2.42 -9.44 -18.88
CA PRO J 202 2.12 -10.75 -18.31
C PRO J 202 3.26 -11.73 -18.51
N LEU J 203 3.27 -12.73 -17.63
CA LEU J 203 4.21 -13.84 -17.70
C LEU J 203 3.40 -15.12 -17.85
N VAL J 204 3.57 -15.81 -18.97
CA VAL J 204 2.69 -16.91 -19.32
C VAL J 204 3.51 -18.16 -19.60
N ARG J 205 2.94 -19.31 -19.27
CA ARG J 205 3.54 -20.61 -19.54
C ARG J 205 2.97 -21.17 -20.83
N ALA J 206 3.86 -21.58 -21.73
CA ALA J 206 3.48 -22.20 -23.00
C ALA J 206 4.16 -23.56 -23.08
N ASN J 207 3.37 -24.63 -22.99
CA ASN J 207 3.93 -25.97 -23.05
C ASN J 207 4.49 -26.30 -24.41
N ALA J 208 4.05 -25.61 -25.46
CA ALA J 208 4.52 -25.88 -26.82
C ALA J 208 5.70 -25.02 -27.23
N LEU J 209 6.09 -24.05 -26.41
CA LEU J 209 7.21 -23.17 -26.74
C LEU J 209 8.52 -23.79 -26.28
N ALA J 210 9.46 -23.90 -27.21
CA ALA J 210 10.81 -24.36 -26.89
C ALA J 210 11.66 -23.17 -26.48
N GLY J 211 12.17 -23.21 -25.26
CA GLY J 211 12.97 -22.11 -24.74
C GLY J 211 12.09 -21.08 -24.05
N ALA J 212 12.29 -19.82 -24.40
CA ALA J 212 11.52 -18.71 -23.85
C ALA J 212 11.40 -17.63 -24.91
N LEU J 213 10.61 -16.60 -24.61
CA LEU J 213 10.30 -15.61 -25.61
C LEU J 213 9.90 -14.31 -24.92
N VAL J 214 10.31 -13.19 -25.48
CA VAL J 214 9.89 -11.87 -25.03
C VAL J 214 9.20 -11.18 -26.19
N MET J 215 7.95 -10.77 -26.01
CA MET J 215 7.21 -10.23 -27.12
C MET J 215 6.32 -9.08 -26.67
N SER J 216 6.10 -8.14 -27.58
CA SER J 216 5.30 -6.97 -27.27
C SER J 216 3.83 -7.32 -27.14
N MET J 217 3.17 -6.70 -26.16
CA MET J 217 1.72 -6.74 -26.03
C MET J 217 1.07 -5.47 -26.59
N ARG J 218 1.75 -4.80 -27.51
CA ARG J 218 1.21 -3.56 -28.07
C ARG J 218 -0.10 -3.80 -28.81
N GLY J 219 -0.18 -4.87 -29.56
CA GLY J 219 -1.33 -5.12 -30.41
C GLY J 219 -1.03 -4.80 -31.86
N GLY J 220 -1.75 -5.48 -32.75
CA GLY J 220 -1.56 -5.29 -34.18
C GLY J 220 -0.36 -6.00 -34.75
N ASP J 221 0.34 -6.83 -33.97
CA ASP J 221 1.52 -7.54 -34.43
C ASP J 221 1.25 -8.99 -34.77
N TYR J 222 0.40 -9.66 -34.01
CA TYR J 222 0.12 -11.08 -34.18
C TYR J 222 -1.39 -11.29 -34.15
N GLU J 223 -1.90 -12.07 -35.10
CA GLU J 223 -3.35 -12.12 -35.34
C GLU J 223 -3.79 -13.56 -35.49
N LEU J 224 -4.58 -14.05 -34.52
CA LEU J 224 -5.19 -15.37 -34.59
C LEU J 224 -6.64 -15.20 -35.00
N THR J 225 -7.00 -15.76 -36.15
CA THR J 225 -8.38 -15.74 -36.63
C THR J 225 -9.00 -17.12 -36.43
N VAL J 226 -10.17 -17.16 -35.81
CA VAL J 226 -10.88 -18.39 -35.54
C VAL J 226 -12.18 -18.37 -36.31
N GLY J 227 -12.39 -19.37 -37.16
CA GLY J 227 -13.69 -19.54 -37.79
C GLY J 227 -14.68 -20.25 -36.89
N GLN J 228 -14.43 -21.52 -36.62
CA GLN J 228 -15.21 -22.29 -35.66
C GLN J 228 -14.39 -22.44 -34.39
N ASP J 229 -14.91 -21.90 -33.29
CA ASP J 229 -14.19 -21.97 -32.04
C ASP J 229 -14.25 -23.40 -31.48
N LEU J 230 -13.42 -23.63 -30.46
CA LEU J 230 -13.27 -24.96 -29.88
C LEU J 230 -14.62 -25.56 -29.49
N SER J 231 -14.91 -26.74 -30.04
CA SER J 231 -16.21 -27.38 -29.88
C SER J 231 -16.01 -28.86 -29.65
N ILE J 232 -17.00 -29.47 -28.98
CA ILE J 232 -17.04 -30.91 -28.80
C ILE J 232 -18.16 -31.47 -29.66
N GLY J 233 -17.80 -32.38 -30.57
CA GLY J 233 -18.75 -33.00 -31.45
C GLY J 233 -18.77 -34.51 -31.28
N TYR J 234 -19.83 -35.12 -31.80
CA TYR J 234 -20.02 -36.57 -31.75
C TYR J 234 -19.70 -37.18 -33.10
N ALA J 235 -18.97 -38.29 -33.10
CA ALA J 235 -18.64 -39.00 -34.33
C ALA J 235 -19.36 -40.32 -34.47
N PHE J 236 -19.28 -41.19 -33.46
CA PHE J 236 -19.76 -42.55 -33.58
C PHE J 236 -19.85 -43.16 -32.18
N HIS J 237 -20.54 -44.29 -32.08
CA HIS J 237 -20.57 -45.02 -30.82
C HIS J 237 -20.92 -46.48 -31.08
N ASP J 238 -20.27 -47.36 -30.34
CA ASP J 238 -20.61 -48.76 -30.23
C ASP J 238 -21.44 -48.98 -28.96
N ARG J 239 -21.62 -50.24 -28.57
CA ARG J 239 -22.42 -50.56 -27.39
C ARG J 239 -21.81 -49.96 -26.12
N SER J 240 -20.48 -49.95 -26.01
CA SER J 240 -19.83 -49.56 -24.77
C SER J 240 -19.02 -48.28 -24.85
N LYS J 241 -18.61 -47.85 -26.04
CA LYS J 241 -17.76 -46.68 -26.20
C LYS J 241 -18.45 -45.66 -27.10
N VAL J 242 -18.23 -44.39 -26.80
CA VAL J 242 -18.70 -43.29 -27.65
C VAL J 242 -17.48 -42.50 -28.11
N GLU J 243 -17.42 -42.22 -29.41
CA GLU J 243 -16.33 -41.47 -29.99
C GLU J 243 -16.74 -40.02 -30.19
N LEU J 244 -16.03 -39.11 -29.56
CA LEU J 244 -16.24 -37.68 -29.67
C LEU J 244 -14.98 -37.05 -30.26
N PHE J 245 -15.05 -35.75 -30.52
CA PHE J 245 -13.88 -35.04 -31.02
C PHE J 245 -13.92 -33.61 -30.52
N VAL J 246 -12.74 -33.02 -30.43
CA VAL J 246 -12.56 -31.59 -30.30
C VAL J 246 -12.32 -31.03 -31.68
N ALA J 247 -12.99 -29.94 -32.01
CA ALA J 247 -12.88 -29.35 -33.34
C ALA J 247 -12.64 -27.86 -33.24
N GLU J 248 -11.86 -27.35 -34.19
CA GLU J 248 -11.60 -25.92 -34.28
C GLU J 248 -11.19 -25.60 -35.71
N SER J 249 -11.43 -24.38 -36.13
CA SER J 249 -10.88 -23.88 -37.39
C SER J 249 -10.23 -22.54 -37.13
N PHE J 250 -9.01 -22.37 -37.62
CA PHE J 250 -8.24 -21.19 -37.28
C PHE J 250 -7.11 -21.00 -38.27
N THR J 251 -6.53 -19.81 -38.23
CA THR J 251 -5.26 -19.52 -38.88
C THR J 251 -4.58 -18.42 -38.08
N PHE J 252 -3.27 -18.29 -38.28
CA PHE J 252 -2.48 -17.31 -37.54
C PHE J 252 -1.57 -16.55 -38.49
N ARG J 253 -1.53 -15.23 -38.31
CA ARG J 253 -0.74 -14.35 -39.14
C ARG J 253 0.22 -13.53 -38.28
N VAL J 254 1.45 -13.40 -38.77
CA VAL J 254 2.46 -12.55 -38.15
C VAL J 254 2.47 -11.25 -38.96
N LEU J 255 1.83 -10.22 -38.43
CA LEU J 255 1.77 -8.94 -39.12
C LEU J 255 3.09 -8.18 -39.05
N GLU J 256 3.71 -8.15 -37.88
CA GLU J 256 5.01 -7.48 -37.69
C GLU J 256 6.02 -8.48 -37.15
N PRO J 257 6.93 -8.99 -37.98
CA PRO J 257 7.84 -10.06 -37.53
C PRO J 257 8.80 -9.64 -36.44
N GLY J 258 9.08 -8.35 -36.26
CA GLY J 258 10.10 -7.91 -35.36
C GLY J 258 9.68 -7.63 -33.93
N ALA J 259 8.47 -8.02 -33.55
CA ALA J 259 7.94 -7.68 -32.23
C ALA J 259 8.25 -8.72 -31.17
N ALA J 260 9.18 -9.65 -31.43
CA ALA J 260 9.51 -10.67 -30.44
C ALA J 260 10.97 -11.06 -30.57
N VAL J 261 11.52 -11.54 -29.46
CA VAL J 261 12.89 -12.05 -29.38
C VAL J 261 12.87 -13.41 -28.69
N HIS J 262 13.52 -14.38 -29.31
CA HIS J 262 13.59 -15.74 -28.79
C HIS J 262 14.78 -15.91 -27.83
N LEU J 263 14.54 -16.58 -26.72
CA LEU J 263 15.59 -16.94 -25.77
C LEU J 263 15.78 -18.45 -25.85
N ARG J 264 16.99 -18.89 -26.17
CA ARG J 264 17.23 -20.29 -26.48
C ARG J 264 17.42 -21.05 -25.15
N TYR J 265 17.95 -22.26 -25.23
CA TYR J 265 17.89 -23.31 -24.21
C TYR J 265 18.05 -22.74 -22.80
N ALA J 266 17.04 -22.98 -21.96
CA ALA J 266 16.94 -22.33 -20.66
C ALA J 266 18.02 -22.82 -19.69
#